data_8X4Q
#
_entry.id   8X4Q
#
_cell.length_a   82.285
_cell.length_b   120.763
_cell.length_c   128.456
_cell.angle_alpha   90.000
_cell.angle_beta   99.432
_cell.angle_gamma   90.000
#
_symmetry.space_group_name_H-M   'P 1 21 1'
#
loop_
_entity.id
_entity.type
_entity.pdbx_description
1 polymer 'L-tryptophan decarboxylase'
2 polymer 'L-tryptophan decarboxylase'
3 water water
#
loop_
_entity_poly.entity_id
_entity_poly.type
_entity_poly.pdbx_seq_one_letter_code
_entity_poly.pdbx_strand_id
1 'polypeptide(L)'
;MQVIPACNSAAIRSLCPTPESFRNMGWLSVSDAVYSEFIGELATRASNRNYSNEFGLMQPIQEFKAFIESDPVVHQEFID
MFEGIQDSPRNYQELCNMFNDIFRKAPVYGDLGPPVYMIMAKLMNTRAGFSAFTRQRLNLHFKKLFDTWGLFLSSKDSRN
VLVADQFDDRHCGWLNERALSAMVKHYNGRAFDEVFLCDKNAPYYGFNSYDDFFNRRFRNRDIDRPVVGGVNNTTLISAA
CESLSYNVSYDVQSLDTLVFKGETYSLKHLLNNDPFTPQFEHGSILQGFLNVTAYHRWHAPVNGTIVKIINVPGTYFAQA
PSTIGDPIPDNDYDPPPYLKSLVYFSNIAARQIMFIEADNKEIGLIFLVFIGMTEISTCEATVSEGQHVNRGDDLGMFHF
GG
;
A,C,E,G,I,K
2 'polypeptide(L)' (PYR)SFALGLRKDCRAEIVEKFTEPGTVIRINEVVAALKA L,J,H,F,D,B
#
loop_
_chem_comp.id
_chem_comp.type
_chem_comp.name
_chem_comp.formula
PYR non-polymer 'PYRUVIC ACID' 'C3 H4 O3'
#
# COMPACT_ATOMS: atom_id res chain seq x y z
N ASN A 53 18.01 -9.06 -25.56
CA ASN A 53 16.99 -9.89 -26.20
C ASN A 53 16.91 -9.51 -27.67
N GLU A 54 16.48 -10.45 -28.52
CA GLU A 54 16.57 -10.24 -29.96
C GLU A 54 15.25 -9.87 -30.61
N PHE A 55 14.15 -10.47 -30.19
CA PHE A 55 12.87 -10.34 -30.85
C PHE A 55 11.84 -9.80 -29.87
N GLY A 56 11.20 -8.68 -30.22
CA GLY A 56 10.20 -8.07 -29.39
C GLY A 56 10.79 -7.10 -28.38
N LEU A 57 9.89 -6.51 -27.61
CA LEU A 57 10.27 -5.57 -26.57
C LEU A 57 11.10 -6.27 -25.50
N MET A 58 12.15 -5.59 -25.03
CA MET A 58 12.80 -5.99 -23.78
C MET A 58 11.73 -6.27 -22.74
N GLN A 59 11.88 -7.37 -22.01
CA GLN A 59 10.88 -7.72 -21.00
C GLN A 59 10.53 -6.57 -20.06
N PRO A 60 11.50 -5.78 -19.53
CA PRO A 60 11.11 -4.63 -18.70
C PRO A 60 10.13 -3.68 -19.35
N ILE A 61 10.34 -3.34 -20.64
CA ILE A 61 9.36 -2.52 -21.34
C ILE A 61 8.03 -3.26 -21.49
N GLN A 62 8.08 -4.57 -21.78
CA GLN A 62 6.83 -5.32 -21.93
C GLN A 62 6.02 -5.29 -20.65
N GLU A 63 6.68 -5.48 -19.51
CA GLU A 63 6.01 -5.35 -18.22
C GLU A 63 5.47 -3.93 -18.00
N PHE A 64 6.26 -2.92 -18.42
CA PHE A 64 5.84 -1.51 -18.39
C PHE A 64 4.55 -1.32 -19.19
N LYS A 65 4.50 -1.89 -20.39
CA LYS A 65 3.28 -1.81 -21.22
C LYS A 65 2.10 -2.49 -20.54
N ALA A 66 2.31 -3.70 -20.00
CA ALA A 66 1.23 -4.44 -19.35
C ALA A 66 0.73 -3.74 -18.10
N PHE A 67 1.60 -3.03 -17.37
CA PHE A 67 1.14 -2.26 -16.23
C PHE A 67 0.22 -1.13 -16.68
N ILE A 68 0.58 -0.45 -17.77
CA ILE A 68 -0.26 0.62 -18.31
C ILE A 68 -1.63 0.08 -18.67
N GLU A 69 -1.67 -1.08 -19.32
CA GLU A 69 -2.93 -1.68 -19.73
C GLU A 69 -3.69 -2.32 -18.56
N SER A 70 -3.05 -2.55 -17.41
CA SER A 70 -3.68 -3.26 -16.32
C SER A 70 -4.51 -2.34 -15.42
N ASP A 71 -4.43 -1.04 -15.63
CA ASP A 71 -5.14 -0.07 -14.82
C ASP A 71 -5.92 0.84 -15.74
N PRO A 72 -7.26 0.77 -15.71
CA PRO A 72 -8.06 1.66 -16.58
C PRO A 72 -7.72 3.14 -16.45
N VAL A 73 -7.39 3.60 -15.24
CA VAL A 73 -7.08 5.01 -15.04
C VAL A 73 -5.71 5.36 -15.63
N VAL A 74 -4.71 4.50 -15.40
CA VAL A 74 -3.39 4.70 -15.99
C VAL A 74 -3.48 4.58 -17.51
N HIS A 75 -4.15 3.53 -18.01
CA HIS A 75 -4.30 3.31 -19.44
C HIS A 75 -4.93 4.52 -20.13
N GLN A 76 -6.02 5.06 -19.58
CA GLN A 76 -6.61 6.26 -20.15
C GLN A 76 -5.67 7.45 -20.03
N GLU A 77 -4.85 7.51 -18.97
CA GLU A 77 -3.89 8.62 -18.89
C GLU A 77 -2.85 8.52 -20.00
N PHE A 78 -2.47 7.30 -20.39
CA PHE A 78 -1.52 7.13 -21.48
C PHE A 78 -2.16 7.28 -22.85
N ILE A 79 -3.48 7.34 -22.95
CA ILE A 79 -4.13 7.75 -24.20
C ILE A 79 -4.29 9.26 -24.27
N ASP A 80 -4.80 9.85 -23.19
CA ASP A 80 -5.09 11.27 -23.19
C ASP A 80 -3.84 12.14 -23.38
N MET A 81 -2.66 11.69 -22.90
CA MET A 81 -1.49 12.55 -22.99
C MET A 81 -1.04 12.75 -24.43
N PHE A 82 -1.45 11.86 -25.34
CA PHE A 82 -1.13 11.90 -26.75
C PHE A 82 -2.16 12.65 -27.58
N GLU A 83 -2.98 13.49 -26.97
CA GLU A 83 -4.14 14.03 -27.67
C GLU A 83 -3.75 15.15 -28.64
N GLY A 84 -4.52 15.22 -29.72
CA GLY A 84 -4.20 16.08 -30.85
C GLY A 84 -3.49 15.29 -31.91
N ILE A 85 -3.33 15.92 -33.09
CA ILE A 85 -2.56 15.30 -34.16
C ILE A 85 -1.10 15.24 -33.73
N GLN A 86 -0.50 14.05 -33.82
CA GLN A 86 0.83 13.84 -33.31
C GLN A 86 1.78 13.34 -34.40
N ASP A 87 3.07 13.46 -34.10
CA ASP A 87 4.13 12.72 -34.77
C ASP A 87 4.55 11.57 -33.86
N SER A 88 5.50 10.77 -34.32
CA SER A 88 5.95 9.65 -33.52
C SER A 88 6.67 10.16 -32.26
N PRO A 89 6.41 9.57 -31.08
CA PRO A 89 5.42 8.53 -30.79
C PRO A 89 4.00 9.08 -30.77
N ARG A 90 3.08 8.41 -31.44
CA ARG A 90 1.69 8.85 -31.56
C ARG A 90 0.78 8.23 -30.51
N ASN A 91 1.26 7.18 -29.83
CA ASN A 91 0.50 6.46 -28.82
C ASN A 91 1.52 5.78 -27.91
N TYR A 92 1.01 5.08 -26.89
CA TYR A 92 1.92 4.48 -25.94
C TYR A 92 2.61 3.25 -26.49
N GLN A 93 2.06 2.64 -27.54
CA GLN A 93 2.76 1.52 -28.18
C GLN A 93 3.99 2.00 -28.92
N GLU A 94 3.86 3.10 -29.68
CA GLU A 94 5.02 3.67 -30.34
C GLU A 94 6.06 4.12 -29.32
N LEU A 95 5.61 4.75 -28.24
CA LEU A 95 6.51 5.15 -27.16
C LEU A 95 7.33 3.98 -26.63
N CYS A 96 6.68 2.83 -26.40
CA CYS A 96 7.41 1.65 -25.92
C CYS A 96 8.41 1.16 -26.97
N ASN A 97 7.96 1.06 -28.21
CA ASN A 97 8.87 0.66 -29.28
C ASN A 97 10.06 1.59 -29.34
N MET A 98 9.84 2.87 -29.07
CA MET A 98 10.92 3.84 -29.17
C MET A 98 11.86 3.71 -27.98
N PHE A 99 11.32 3.43 -26.79
CA PHE A 99 12.17 3.06 -25.66
C PHE A 99 13.01 1.85 -25.98
N ASN A 100 12.48 0.94 -26.81
CA ASN A 100 13.17 -0.31 -27.09
C ASN A 100 14.43 -0.06 -27.89
N ASP A 101 14.44 0.98 -28.72
CA ASP A 101 15.64 1.28 -29.47
C ASP A 101 16.62 2.11 -28.65
N ILE A 102 16.13 3.15 -27.98
CA ILE A 102 16.96 4.04 -27.16
C ILE A 102 17.75 3.24 -26.12
N PHE A 103 17.08 2.35 -25.40
CA PHE A 103 17.76 1.59 -24.35
C PHE A 103 18.79 0.59 -24.90
N ARG A 104 18.92 0.45 -26.21
CA ARG A 104 19.98 -0.37 -26.78
C ARG A 104 21.15 0.46 -27.30
N LYS A 105 21.09 1.78 -27.16
CA LYS A 105 22.07 2.69 -27.74
C LYS A 105 22.53 3.67 -26.67
N ALA A 106 23.70 4.28 -26.91
CA ALA A 106 24.19 5.34 -26.05
C ALA A 106 23.75 6.69 -26.59
N PRO A 107 23.66 7.70 -25.74
CA PRO A 107 23.26 9.03 -26.23
C PRO A 107 24.36 9.60 -27.11
N VAL A 108 23.96 10.56 -27.94
CA VAL A 108 24.90 11.29 -28.78
C VAL A 108 24.79 12.77 -28.43
N TYR A 109 25.70 13.56 -29.00
CA TYR A 109 25.74 15.01 -28.79
C TYR A 109 24.88 15.70 -29.84
N GLY A 110 24.14 16.73 -29.42
CA GLY A 110 23.37 17.49 -30.38
C GLY A 110 22.01 18.00 -29.93
N ASP A 111 21.32 17.28 -29.06
CA ASP A 111 20.02 17.73 -28.62
C ASP A 111 20.15 18.47 -27.31
N LEU A 112 19.09 19.20 -26.96
CA LEU A 112 19.11 19.96 -25.71
C LEU A 112 19.12 19.04 -24.51
N GLY A 113 18.49 17.87 -24.61
CA GLY A 113 18.43 16.95 -23.51
C GLY A 113 18.72 15.53 -23.91
N PRO A 114 18.78 14.64 -22.92
CA PRO A 114 19.06 13.22 -23.20
C PRO A 114 17.90 12.56 -23.94
N PRO A 115 18.14 11.40 -24.57
CA PRO A 115 17.17 10.87 -25.56
C PRO A 115 15.75 10.60 -25.06
N VAL A 116 15.56 10.11 -23.84
CA VAL A 116 14.20 9.89 -23.35
C VAL A 116 13.48 11.21 -23.10
N TYR A 117 14.16 12.19 -22.49
CA TYR A 117 13.55 13.50 -22.34
C TYR A 117 13.04 14.04 -23.67
N MET A 118 13.84 13.92 -24.74
CA MET A 118 13.46 14.43 -26.05
C MET A 118 12.10 13.91 -26.48
N ILE A 119 11.84 12.61 -26.30
CA ILE A 119 10.56 12.04 -26.74
C ILE A 119 9.47 12.10 -25.67
N MET A 120 9.79 12.46 -24.43
CA MET A 120 8.79 12.57 -23.40
C MET A 120 8.32 13.99 -23.20
N ALA A 121 9.10 14.98 -23.66
CA ALA A 121 8.81 16.36 -23.32
C ALA A 121 7.38 16.75 -23.66
N LYS A 122 6.86 16.30 -24.81
CA LYS A 122 5.53 16.74 -25.23
C LYS A 122 4.47 16.10 -24.35
N LEU A 123 4.73 14.90 -23.83
CA LEU A 123 3.77 14.23 -22.96
C LEU A 123 3.80 14.83 -21.57
N MET A 124 4.99 15.16 -21.08
CA MET A 124 5.13 15.86 -19.81
C MET A 124 4.29 17.13 -19.78
N ASN A 125 4.17 17.78 -20.92
CA ASN A 125 3.52 19.08 -21.02
C ASN A 125 2.02 18.99 -21.14
N THR A 126 1.42 17.99 -20.50
CA THR A 126 -0.02 17.81 -20.51
C THR A 126 -0.49 17.46 -19.10
N ARG A 127 -1.75 17.78 -18.84
CA ARG A 127 -2.37 17.38 -17.58
C ARG A 127 -2.36 15.87 -17.39
N ALA A 128 -2.68 15.11 -18.44
CA ALA A 128 -2.72 13.66 -18.29
C ALA A 128 -1.31 13.09 -18.09
N GLY A 129 -0.32 13.64 -18.79
CA GLY A 129 1.06 13.20 -18.58
C GLY A 129 1.54 13.43 -17.17
N PHE A 130 1.44 14.69 -16.70
CA PHE A 130 1.83 15.04 -15.33
C PHE A 130 1.13 14.16 -14.32
N SER A 131 -0.08 13.68 -14.64
CA SER A 131 -0.83 12.86 -13.70
C SER A 131 -0.26 11.45 -13.61
N ALA A 132 0.03 10.85 -14.77
CA ALA A 132 0.65 9.52 -14.79
C ALA A 132 2.05 9.57 -14.18
N PHE A 133 2.78 10.64 -14.46
CA PHE A 133 4.17 10.75 -14.04
C PHE A 133 4.31 11.06 -12.55
N THR A 134 3.20 11.23 -11.83
CA THR A 134 3.23 11.46 -10.39
C THR A 134 2.50 10.35 -9.64
N ARG A 135 2.43 9.17 -10.23
CA ARG A 135 2.01 7.95 -9.57
C ARG A 135 3.26 7.13 -9.25
N GLN A 136 3.40 6.72 -8.00
CA GLN A 136 4.63 6.00 -7.63
C GLN A 136 4.69 4.63 -8.29
N ARG A 137 3.55 4.00 -8.55
CA ARG A 137 3.59 2.69 -9.17
C ARG A 137 4.22 2.76 -10.57
N LEU A 138 3.81 3.74 -11.37
CA LEU A 138 4.42 3.93 -12.68
C LEU A 138 5.90 4.30 -12.59
N ASN A 139 6.28 5.09 -11.59
CA ASN A 139 7.66 5.52 -11.46
C ASN A 139 8.59 4.38 -11.03
N LEU A 140 8.05 3.37 -10.36
CA LEU A 140 8.84 2.18 -10.07
C LEU A 140 9.27 1.50 -11.35
N HIS A 141 8.36 1.44 -12.33
CA HIS A 141 8.67 0.85 -13.63
C HIS A 141 9.70 1.68 -14.39
N PHE A 142 9.62 3.00 -14.32
CA PHE A 142 10.62 3.81 -14.98
C PHE A 142 11.99 3.53 -14.41
N LYS A 143 12.08 3.44 -13.07
CA LYS A 143 13.33 3.11 -12.42
C LYS A 143 13.94 1.84 -13.02
N LYS A 144 13.11 0.82 -13.25
CA LYS A 144 13.63 -0.44 -13.79
C LYS A 144 14.10 -0.26 -15.23
N LEU A 145 13.32 0.44 -16.06
CA LEU A 145 13.72 0.70 -17.43
C LEU A 145 15.07 1.40 -17.47
N PHE A 146 15.22 2.48 -16.69
CA PHE A 146 16.45 3.26 -16.73
C PHE A 146 17.59 2.51 -16.05
N ASP A 147 17.27 1.70 -15.04
CA ASP A 147 18.30 0.88 -14.44
C ASP A 147 18.83 -0.13 -15.44
N THR A 148 17.92 -0.81 -16.15
CA THR A 148 18.35 -1.71 -17.21
C THR A 148 19.13 -0.98 -18.29
N TRP A 149 18.67 0.20 -18.71
CA TRP A 149 19.42 0.98 -19.69
C TRP A 149 20.84 1.25 -19.21
N GLY A 150 21.01 1.56 -17.91
CA GLY A 150 22.33 1.86 -17.39
C GLY A 150 23.30 0.70 -17.51
N LEU A 151 22.78 -0.53 -17.51
CA LEU A 151 23.62 -1.70 -17.69
C LEU A 151 24.33 -1.65 -19.04
N PHE A 152 23.56 -1.42 -20.11
CA PHE A 152 24.18 -1.25 -21.41
C PHE A 152 25.18 -0.09 -21.40
N LEU A 153 24.84 1.00 -20.71
CA LEU A 153 25.68 2.19 -20.70
C LEU A 153 26.99 1.97 -19.94
N SER A 154 27.06 0.94 -19.08
CA SER A 154 28.27 0.52 -18.40
C SER A 154 29.03 -0.58 -19.13
N SER A 155 28.49 -1.07 -20.25
CA SER A 155 29.17 -2.08 -21.04
C SER A 155 30.08 -1.44 -22.08
N LYS A 156 31.00 -2.26 -22.61
CA LYS A 156 32.00 -1.77 -23.54
C LYS A 156 31.40 -1.45 -24.89
N ASP A 157 30.19 -1.93 -25.16
CA ASP A 157 29.55 -1.64 -26.43
C ASP A 157 28.94 -0.25 -26.46
N SER A 158 28.85 0.42 -25.31
CA SER A 158 28.40 1.80 -25.27
C SER A 158 29.47 2.78 -25.74
N ARG A 159 30.69 2.30 -26.05
CA ARG A 159 31.75 3.19 -26.48
C ARG A 159 31.63 3.65 -27.92
N ASN A 160 30.73 3.04 -28.70
CA ASN A 160 30.59 3.37 -30.12
C ASN A 160 30.18 4.82 -30.36
N VAL A 161 29.79 5.55 -29.32
CA VAL A 161 29.53 6.98 -29.43
C VAL A 161 30.72 7.80 -28.98
N LEU A 162 31.77 7.15 -28.47
CA LEU A 162 33.01 7.82 -28.10
C LEU A 162 33.91 7.90 -29.34
N VAL A 163 33.46 8.72 -30.31
CA VAL A 163 34.08 8.84 -31.62
C VAL A 163 33.93 10.28 -32.10
N ALA A 164 34.65 10.61 -33.18
CA ALA A 164 34.55 11.90 -33.84
C ALA A 164 33.54 11.90 -34.99
N ASP A 165 33.00 10.73 -35.35
CA ASP A 165 32.06 10.63 -36.46
C ASP A 165 30.92 11.62 -36.27
N GLN A 166 30.52 12.27 -37.35
CA GLN A 166 29.29 13.05 -37.35
C GLN A 166 28.17 12.17 -37.91
N PHE A 167 27.23 11.80 -37.05
CA PHE A 167 26.21 10.82 -37.42
C PHE A 167 25.19 11.40 -38.40
N ASP A 168 24.90 12.70 -38.29
CA ASP A 168 24.05 13.43 -39.24
C ASP A 168 24.32 14.90 -39.03
N ASP A 169 23.49 15.76 -39.65
CA ASP A 169 23.75 17.19 -39.58
C ASP A 169 23.49 17.78 -38.20
N ARG A 170 22.71 17.11 -37.35
CA ARG A 170 22.40 17.59 -36.01
C ARG A 170 23.15 16.85 -34.89
N HIS A 171 23.74 15.69 -35.18
CA HIS A 171 24.30 14.82 -34.16
C HIS A 171 25.71 14.35 -34.55
N CYS A 172 26.52 14.11 -33.53
CA CYS A 172 27.89 13.64 -33.67
C CYS A 172 28.30 12.96 -32.37
N GLY A 173 29.35 12.12 -32.44
CA GLY A 173 29.88 11.47 -31.26
C GLY A 173 30.66 12.42 -30.36
N TRP A 174 30.93 11.94 -29.14
CA TRP A 174 31.45 12.79 -28.06
C TRP A 174 32.93 13.17 -28.22
N LEU A 175 33.65 12.56 -29.16
CA LEU A 175 35.05 12.86 -29.42
C LEU A 175 35.23 13.73 -30.66
N ASN A 176 34.14 14.22 -31.22
CA ASN A 176 34.18 15.19 -32.30
C ASN A 176 34.51 16.56 -31.70
N GLU A 177 35.24 17.37 -32.47
CA GLU A 177 35.74 18.63 -31.92
C GLU A 177 34.62 19.51 -31.39
N ARG A 178 33.46 19.48 -32.04
CA ARG A 178 32.34 20.29 -31.62
C ARG A 178 31.92 19.91 -30.19
N ALA A 179 31.86 18.61 -29.91
CA ALA A 179 31.52 18.14 -28.57
C ALA A 179 32.65 18.42 -27.59
N LEU A 180 33.88 18.13 -27.99
CA LEU A 180 35.03 18.38 -27.12
C LEU A 180 35.09 19.83 -26.67
N SER A 181 34.88 20.76 -27.62
CA SER A 181 34.98 22.18 -27.31
C SER A 181 33.88 22.63 -26.35
N ALA A 182 32.68 22.07 -26.51
CA ALA A 182 31.57 22.40 -25.60
C ALA A 182 31.88 21.99 -24.16
N MET A 183 32.57 20.87 -23.98
CA MET A 183 32.79 20.40 -22.62
C MET A 183 33.93 21.12 -21.89
N VAL A 184 34.74 21.93 -22.57
CA VAL A 184 35.83 22.64 -21.88
C VAL A 184 35.61 24.15 -21.86
N LYS A 185 34.37 24.59 -22.09
CA LYS A 185 34.10 26.02 -22.27
C LYS A 185 34.45 26.83 -21.02
N HIS A 186 34.42 26.23 -19.83
CA HIS A 186 34.74 26.95 -18.60
C HIS A 186 36.07 26.50 -18.00
N TYR A 187 37.06 26.24 -18.86
CA TYR A 187 38.34 25.76 -18.38
C TYR A 187 39.50 26.58 -18.94
N ASN A 188 39.22 27.82 -19.33
N ASN A 188 39.24 27.83 -19.33
CA ASN A 188 40.24 28.85 -19.55
CA ASN A 188 40.27 28.85 -19.54
C ASN A 188 41.24 28.45 -20.64
C ASN A 188 41.26 28.45 -20.64
N GLY A 189 40.71 27.95 -21.75
CA GLY A 189 41.53 27.64 -22.89
C GLY A 189 42.24 26.30 -22.87
N ARG A 190 42.06 25.49 -21.84
CA ARG A 190 42.71 24.18 -21.77
C ARG A 190 41.83 23.14 -22.47
N ALA A 191 42.47 22.12 -23.02
CA ALA A 191 41.77 21.15 -23.84
C ALA A 191 41.20 20.01 -23.00
N PHE A 192 40.25 19.28 -23.61
CA PHE A 192 39.56 18.19 -22.92
C PHE A 192 40.55 17.17 -22.35
N ASP A 193 41.53 16.76 -23.16
CA ASP A 193 42.51 15.78 -22.68
C ASP A 193 43.46 16.37 -21.64
N GLU A 194 43.53 17.69 -21.51
CA GLU A 194 44.29 18.28 -20.42
C GLU A 194 43.47 18.35 -19.13
N VAL A 195 42.19 18.70 -19.23
CA VAL A 195 41.33 18.88 -18.07
C VAL A 195 40.92 17.55 -17.48
N PHE A 196 40.67 16.57 -18.33
CA PHE A 196 40.08 15.31 -17.93
C PHE A 196 41.06 14.17 -18.18
N LEU A 197 40.94 13.15 -17.34
CA LEU A 197 41.81 11.98 -17.42
C LEU A 197 41.32 11.05 -18.53
N CYS A 198 42.14 10.90 -19.56
CA CYS A 198 41.81 10.11 -20.75
C CYS A 198 43.11 9.92 -21.53
N ASP A 199 43.02 9.19 -22.65
CA ASP A 199 44.17 8.93 -23.51
C ASP A 199 43.78 9.35 -24.93
N LYS A 200 44.19 10.56 -25.32
CA LYS A 200 43.77 11.11 -26.60
C LYS A 200 44.34 10.33 -27.77
N ASN A 201 45.32 9.45 -27.52
CA ASN A 201 45.86 8.58 -28.54
C ASN A 201 45.29 7.17 -28.47
N ALA A 202 44.35 6.91 -27.58
CA ALA A 202 43.73 5.61 -27.52
C ALA A 202 42.34 5.65 -28.13
N PRO A 203 41.85 4.54 -28.67
CA PRO A 203 40.45 4.47 -29.08
C PRO A 203 39.57 4.83 -27.90
N TYR A 204 38.49 5.56 -28.20
CA TYR A 204 37.51 5.99 -27.21
C TYR A 204 38.12 6.85 -26.11
N TYR A 205 39.23 7.54 -26.41
CA TYR A 205 40.02 8.26 -25.43
C TYR A 205 40.29 7.41 -24.20
N GLY A 206 40.38 6.09 -24.41
CA GLY A 206 40.66 5.16 -23.35
C GLY A 206 39.49 4.79 -22.46
N PHE A 207 38.32 5.38 -22.66
CA PHE A 207 37.17 5.10 -21.79
C PHE A 207 36.61 3.70 -22.01
N ASN A 208 36.09 3.08 -20.95
CA ASN A 208 35.54 1.73 -21.02
C ASN A 208 34.08 1.66 -21.45
N SER A 209 33.33 2.76 -21.34
CA SER A 209 31.89 2.74 -21.54
C SER A 209 31.42 4.18 -21.65
N TYR A 210 30.14 4.35 -22.05
CA TYR A 210 29.55 5.67 -21.97
C TYR A 210 29.53 6.17 -20.52
N ASP A 211 29.28 5.28 -19.55
CA ASP A 211 29.26 5.75 -18.17
C ASP A 211 30.64 6.17 -17.71
N ASP A 212 31.70 5.50 -18.16
CA ASP A 212 33.05 5.92 -17.84
C ASP A 212 33.33 7.34 -18.33
N PHE A 213 32.88 7.66 -19.55
CA PHE A 213 33.05 9.00 -20.09
C PHE A 213 32.17 10.02 -19.38
N PHE A 214 30.90 9.67 -19.13
CA PHE A 214 29.96 10.55 -18.43
C PHE A 214 30.49 10.93 -17.05
N ASN A 215 31.23 10.02 -16.42
CA ASN A 215 31.79 10.25 -15.08
C ASN A 215 33.31 10.39 -15.10
N ARG A 216 33.85 11.00 -16.14
CA ARG A 216 35.28 11.27 -16.25
C ARG A 216 35.78 12.08 -15.04
N ARG A 217 37.05 11.88 -14.71
CA ARG A 217 37.68 12.51 -13.56
C ARG A 217 38.59 13.64 -14.02
N PHE A 218 38.79 14.62 -13.14
CA PHE A 218 39.76 15.68 -13.43
C PHE A 218 41.18 15.11 -13.43
N ARG A 219 41.96 15.49 -14.44
CA ARG A 219 43.35 15.03 -14.48
C ARG A 219 44.18 15.71 -13.40
N ASN A 220 44.02 17.02 -13.21
CA ASN A 220 44.67 17.76 -12.14
C ASN A 220 43.69 18.81 -11.62
N ARG A 221 42.85 18.43 -10.67
CA ARG A 221 41.88 19.38 -10.14
C ARG A 221 42.57 20.62 -9.56
N ASP A 222 43.74 20.45 -8.96
CA ASP A 222 44.42 21.57 -8.32
C ASP A 222 44.85 22.62 -9.33
N ILE A 223 44.96 22.25 -10.60
CA ILE A 223 45.09 23.23 -11.67
C ILE A 223 43.73 23.78 -12.08
N ASP A 224 42.81 22.91 -12.47
CA ASP A 224 41.62 23.36 -13.22
C ASP A 224 40.41 23.68 -12.35
N ARG A 225 40.30 23.07 -11.19
CA ARG A 225 39.17 23.29 -10.28
C ARG A 225 39.72 23.30 -8.86
N PRO A 226 40.50 24.31 -8.50
CA PRO A 226 41.09 24.33 -7.16
C PRO A 226 40.04 24.39 -6.05
N VAL A 227 40.38 23.82 -4.90
CA VAL A 227 39.63 24.02 -3.67
C VAL A 227 39.98 25.42 -3.17
N VAL A 228 39.20 26.43 -3.56
CA VAL A 228 39.56 27.82 -3.30
C VAL A 228 39.76 28.05 -1.81
N GLY A 229 40.90 28.67 -1.46
CA GLY A 229 41.29 28.94 -0.08
C GLY A 229 42.07 27.83 0.59
N GLY A 230 42.12 26.64 0.03
CA GLY A 230 42.78 25.50 0.65
C GLY A 230 41.86 24.69 1.55
N VAL A 231 42.12 23.38 1.60
CA VAL A 231 41.35 22.49 2.47
C VAL A 231 41.41 22.92 3.93
N ASN A 232 42.46 23.63 4.32
CA ASN A 232 42.62 23.98 5.73
C ASN A 232 41.82 25.20 6.16
N ASN A 233 41.27 25.98 5.23
CA ASN A 233 40.37 27.07 5.61
C ASN A 233 38.97 26.51 5.82
N THR A 234 38.53 26.43 7.08
CA THR A 234 37.25 25.79 7.35
C THR A 234 36.08 26.78 7.33
N THR A 235 36.27 27.99 6.81
CA THR A 235 35.22 28.99 6.77
C THR A 235 34.55 29.09 5.40
N LEU A 236 34.96 28.28 4.43
CA LEU A 236 34.51 28.36 3.06
C LEU A 236 33.77 27.09 2.69
N ILE A 237 32.62 27.23 2.03
CA ILE A 237 31.83 26.10 1.57
C ILE A 237 31.93 26.03 0.05
N SER A 238 32.51 24.94 -0.47
CA SER A 238 32.71 24.74 -1.89
C SER A 238 31.43 24.28 -2.59
N ALA A 239 31.39 24.52 -3.89
CA ALA A 239 30.34 23.94 -4.72
C ALA A 239 30.56 22.44 -4.87
N ALA A 240 29.51 21.67 -4.60
CA ALA A 240 29.59 20.22 -4.75
C ALA A 240 29.51 19.75 -6.19
N CYS A 241 29.06 20.60 -7.13
CA CYS A 241 28.88 20.18 -8.51
C CYS A 241 29.27 21.28 -9.47
N GLU A 242 29.84 20.89 -10.61
CA GLU A 242 30.06 21.77 -11.76
C GLU A 242 28.73 22.05 -12.44
N SER A 243 28.32 23.31 -12.49
CA SER A 243 26.93 23.60 -12.84
C SER A 243 26.76 25.09 -13.11
N LEU A 244 25.52 25.45 -13.45
CA LEU A 244 25.07 26.84 -13.53
C LEU A 244 24.14 27.13 -12.36
N SER A 245 24.23 28.33 -11.80
CA SER A 245 23.28 28.67 -10.74
C SER A 245 21.87 28.65 -11.31
N TYR A 246 20.94 28.09 -10.55
CA TYR A 246 19.56 28.08 -10.98
C TYR A 246 18.65 28.91 -10.08
N ASN A 247 18.89 28.89 -8.77
CA ASN A 247 18.01 29.58 -7.85
C ASN A 247 18.69 29.71 -6.48
N VAL A 248 18.35 30.78 -5.77
CA VAL A 248 18.65 30.92 -4.36
C VAL A 248 17.39 31.35 -3.64
N SER A 249 17.09 30.70 -2.52
CA SER A 249 15.93 31.05 -1.72
C SER A 249 16.36 31.29 -0.28
N TYR A 250 15.86 32.38 0.29
CA TYR A 250 16.11 32.75 1.68
C TYR A 250 14.86 32.49 2.50
N ASP A 251 15.06 32.32 3.80
CA ASP A 251 13.97 32.07 4.75
C ASP A 251 13.01 30.98 4.22
N VAL A 252 13.58 29.80 4.00
CA VAL A 252 12.84 28.71 3.38
C VAL A 252 11.88 28.08 4.39
N GLN A 253 10.86 27.38 3.87
CA GLN A 253 9.74 26.98 4.72
C GLN A 253 9.21 25.61 4.26
N SER A 254 8.09 25.21 4.85
CA SER A 254 7.43 23.98 4.42
C SER A 254 6.01 24.31 3.98
N LEU A 255 5.51 23.55 3.02
CA LEU A 255 4.19 23.75 2.46
C LEU A 255 3.37 22.48 2.67
N ASP A 256 2.07 22.65 2.92
CA ASP A 256 1.20 21.49 3.04
C ASP A 256 0.97 20.84 1.68
N THR A 257 0.89 21.63 0.61
CA THR A 257 0.66 21.10 -0.72
C THR A 257 1.54 21.84 -1.70
N LEU A 258 1.89 21.16 -2.79
CA LEU A 258 2.83 21.71 -3.78
C LEU A 258 2.09 22.15 -5.04
N VAL A 259 1.18 23.11 -4.87
CA VAL A 259 0.45 23.70 -5.98
C VAL A 259 0.18 25.17 -5.67
N PHE A 260 0.29 26.00 -6.71
CA PHE A 260 0.32 27.46 -6.64
C PHE A 260 1.47 27.83 -5.71
N LYS A 261 1.32 28.95 -4.98
CA LYS A 261 2.18 29.37 -3.88
C LYS A 261 3.60 29.73 -4.34
N GLY A 262 3.85 29.76 -5.65
CA GLY A 262 5.13 30.13 -6.18
C GLY A 262 5.95 28.99 -6.75
N GLU A 263 5.49 27.75 -6.61
CA GLU A 263 6.27 26.57 -7.03
C GLU A 263 7.68 26.66 -6.42
N THR A 264 7.72 26.67 -5.09
CA THR A 264 8.90 26.96 -4.27
C THR A 264 9.41 25.70 -3.57
N TYR A 265 10.46 25.86 -2.76
CA TYR A 265 10.87 24.74 -1.91
C TYR A 265 9.84 24.50 -0.82
N SER A 266 9.62 23.24 -0.48
CA SER A 266 8.95 22.84 0.75
C SER A 266 9.90 21.90 1.49
N LEU A 267 10.42 22.35 2.64
CA LEU A 267 11.49 21.61 3.30
C LEU A 267 11.02 20.21 3.68
N LYS A 268 9.78 20.10 4.19
CA LYS A 268 9.32 18.79 4.63
C LYS A 268 9.25 17.82 3.44
N HIS A 269 8.99 18.32 2.23
CA HIS A 269 9.00 17.47 1.05
C HIS A 269 10.41 17.17 0.59
N LEU A 270 11.17 18.21 0.28
CA LEU A 270 12.51 18.03 -0.25
C LEU A 270 13.34 17.10 0.62
N LEU A 271 13.23 17.24 1.94
CA LEU A 271 14.03 16.44 2.85
C LEU A 271 13.30 15.19 3.33
N ASN A 272 12.15 14.86 2.70
CA ASN A 272 11.42 13.63 2.99
C ASN A 272 11.08 13.46 4.48
N ASN A 273 10.61 14.55 5.12
CA ASN A 273 10.18 14.54 6.52
C ASN A 273 11.27 14.05 7.45
N ASP A 274 12.54 14.31 7.11
CA ASP A 274 13.64 13.93 7.97
C ASP A 274 13.49 14.62 9.33
N PRO A 275 13.87 13.96 10.42
CA PRO A 275 13.83 14.64 11.72
C PRO A 275 14.68 15.89 11.76
N PHE A 276 15.75 15.97 10.97
CA PHE A 276 16.56 17.18 10.93
C PHE A 276 15.82 18.36 10.32
N THR A 277 14.74 18.10 9.57
CA THR A 277 14.05 19.14 8.80
C THR A 277 13.77 20.41 9.60
N PRO A 278 13.26 20.35 10.84
CA PRO A 278 12.96 21.61 11.55
C PRO A 278 14.15 22.54 11.70
N GLN A 279 15.37 21.99 11.83
CA GLN A 279 16.56 22.81 11.99
C GLN A 279 16.85 23.67 10.77
N PHE A 280 16.27 23.31 9.63
CA PHE A 280 16.53 23.99 8.38
C PHE A 280 15.43 24.97 8.04
N GLU A 281 14.37 25.01 8.83
CA GLU A 281 13.34 26.01 8.64
C GLU A 281 13.95 27.39 8.85
N HIS A 282 13.58 28.34 7.99
CA HIS A 282 14.09 29.72 8.01
C HIS A 282 15.51 29.83 7.43
N GLY A 283 16.02 28.77 6.81
CA GLY A 283 17.35 28.75 6.26
C GLY A 283 17.40 29.23 4.81
N SER A 284 18.46 28.83 4.13
CA SER A 284 18.64 29.19 2.72
C SER A 284 19.09 27.98 1.90
N ILE A 285 18.72 28.00 0.62
CA ILE A 285 19.07 26.95 -0.31
C ILE A 285 19.62 27.55 -1.59
N LEU A 286 20.72 26.99 -2.09
CA LEU A 286 21.28 27.30 -3.41
C LEU A 286 21.19 26.06 -4.29
N GLN A 287 20.63 26.23 -5.50
CA GLN A 287 20.41 25.13 -6.43
C GLN A 287 21.12 25.40 -7.76
N GLY A 288 21.81 24.38 -8.27
CA GLY A 288 22.44 24.47 -9.57
C GLY A 288 21.96 23.46 -10.59
N PHE A 289 22.20 23.71 -11.87
CA PHE A 289 21.79 22.81 -12.96
C PHE A 289 23.04 22.31 -13.68
N LEU A 290 23.08 21.02 -13.94
CA LEU A 290 24.21 20.38 -14.61
C LEU A 290 23.79 20.09 -16.04
N ASN A 291 24.48 20.73 -16.99
CA ASN A 291 24.22 20.60 -18.42
C ASN A 291 24.78 19.30 -18.97
N VAL A 292 24.50 19.09 -20.26
CA VAL A 292 25.16 18.05 -21.04
C VAL A 292 26.67 18.23 -21.01
N THR A 293 27.15 19.48 -20.98
CA THR A 293 28.57 19.77 -21.09
C THR A 293 29.30 19.63 -19.77
N ALA A 294 28.67 19.10 -18.73
CA ALA A 294 29.16 19.27 -17.37
C ALA A 294 29.69 17.98 -16.77
N TYR A 295 30.81 18.11 -16.05
CA TYR A 295 31.30 17.11 -15.12
C TYR A 295 30.18 16.65 -14.19
N HIS A 296 30.10 15.35 -13.92
CA HIS A 296 28.94 14.79 -13.23
C HIS A 296 29.26 14.14 -11.90
N ARG A 297 30.47 14.30 -11.41
CA ARG A 297 30.83 13.78 -10.10
C ARG A 297 30.48 14.80 -9.02
N TRP A 298 30.40 14.33 -7.77
CA TRP A 298 30.10 15.19 -6.63
C TRP A 298 31.36 15.35 -5.80
N HIS A 299 31.58 16.55 -5.28
CA HIS A 299 32.73 16.84 -4.43
C HIS A 299 32.20 17.31 -3.09
N ALA A 300 32.99 17.10 -2.04
CA ALA A 300 32.52 17.41 -0.68
C ALA A 300 32.50 18.91 -0.45
N PRO A 301 31.37 19.47 -0.01
CA PRO A 301 31.27 20.92 0.11
C PRO A 301 32.01 21.50 1.31
N VAL A 302 32.42 20.66 2.27
CA VAL A 302 33.05 21.10 3.51
C VAL A 302 33.95 19.98 4.01
N ASN A 303 34.84 20.31 4.94
CA ASN A 303 35.47 19.29 5.78
C ASN A 303 34.45 18.87 6.84
N GLY A 304 34.14 17.57 6.93
CA GLY A 304 33.12 17.18 7.88
C GLY A 304 32.83 15.69 7.84
N THR A 305 31.80 15.31 8.60
CA THR A 305 31.39 13.92 8.77
C THR A 305 30.06 13.68 8.08
N ILE A 306 29.98 12.55 7.38
CA ILE A 306 28.73 12.12 6.76
C ILE A 306 27.81 11.61 7.87
N VAL A 307 26.73 12.35 8.14
CA VAL A 307 25.77 11.99 9.17
C VAL A 307 24.71 11.02 8.61
N LYS A 308 24.04 11.40 7.53
CA LYS A 308 22.90 10.63 7.06
C LYS A 308 22.78 10.75 5.54
N ILE A 309 22.64 9.60 4.88
CA ILE A 309 22.38 9.47 3.43
C ILE A 309 21.03 8.79 3.26
N ILE A 310 20.11 9.43 2.52
CA ILE A 310 18.75 8.92 2.27
C ILE A 310 18.44 8.96 0.78
N ASN A 311 18.16 7.81 0.19
CA ASN A 311 17.72 7.75 -1.18
C ASN A 311 16.18 7.75 -1.21
N VAL A 312 15.60 8.62 -2.02
CA VAL A 312 14.16 8.84 -2.01
C VAL A 312 13.60 8.49 -3.39
N PRO A 313 12.77 7.46 -3.50
CA PRO A 313 11.97 7.29 -4.73
C PRO A 313 11.17 8.56 -5.02
N GLY A 314 11.10 8.91 -6.29
CA GLY A 314 10.41 10.11 -6.68
C GLY A 314 9.96 10.06 -8.11
N THR A 315 9.70 11.22 -8.67
CA THR A 315 9.32 11.33 -10.07
C THR A 315 10.54 11.42 -10.97
N TYR A 316 10.30 11.19 -12.25
CA TYR A 316 11.28 11.35 -13.31
C TYR A 316 10.84 12.37 -14.36
N PHE A 317 9.54 12.53 -14.59
CA PHE A 317 9.06 13.30 -15.72
C PHE A 317 8.08 14.39 -15.32
N ALA A 318 8.12 14.81 -14.06
CA ALA A 318 7.15 15.76 -13.54
C ALA A 318 7.67 17.19 -13.64
N GLN A 319 6.92 18.04 -14.33
CA GLN A 319 7.23 19.45 -14.41
C GLN A 319 6.26 20.22 -13.53
N ALA A 320 6.53 21.52 -13.34
CA ALA A 320 5.65 22.34 -12.52
C ALA A 320 4.28 22.50 -13.19
N PRO A 321 3.18 22.29 -12.46
CA PRO A 321 1.83 22.44 -13.06
C PRO A 321 1.57 23.80 -13.69
N SER A 322 2.18 24.87 -13.21
CA SER A 322 2.00 26.18 -13.83
C SER A 322 2.67 26.29 -15.19
N THR A 323 3.48 25.31 -15.58
CA THR A 323 4.10 25.31 -16.89
C THR A 323 3.36 24.46 -17.93
N ILE A 324 2.50 23.55 -17.48
CA ILE A 324 1.81 22.65 -18.39
C ILE A 324 1.17 23.45 -19.51
N GLY A 325 1.48 23.08 -20.75
CA GLY A 325 0.94 23.75 -21.90
C GLY A 325 1.75 24.91 -22.40
N ASP A 326 2.85 25.28 -21.73
CA ASP A 326 3.70 26.31 -22.27
C ASP A 326 4.40 25.79 -23.53
N PRO A 327 4.69 26.67 -24.49
CA PRO A 327 5.39 26.24 -25.71
C PRO A 327 6.78 25.71 -25.39
N ILE A 328 7.15 24.62 -26.07
CA ILE A 328 8.47 24.04 -25.98
C ILE A 328 9.34 24.69 -27.05
N PRO A 329 10.32 25.51 -26.70
CA PRO A 329 11.16 26.17 -27.73
C PRO A 329 11.84 25.19 -28.67
N ASP A 330 11.97 25.61 -29.93
CA ASP A 330 12.78 24.92 -30.92
C ASP A 330 14.16 25.54 -31.09
N ASN A 331 14.45 26.65 -30.42
CA ASN A 331 15.80 27.21 -30.45
C ASN A 331 16.62 26.60 -29.32
N ASP A 332 17.87 27.03 -29.20
CA ASP A 332 18.76 26.51 -28.17
C ASP A 332 18.96 27.47 -27.01
N TYR A 333 18.20 28.56 -26.94
CA TYR A 333 18.39 29.59 -25.93
C TYR A 333 17.29 29.61 -24.89
N ASP A 334 16.06 29.57 -25.32
CA ASP A 334 14.94 29.76 -24.42
C ASP A 334 14.65 28.46 -23.69
N PRO A 335 14.43 28.50 -22.37
CA PRO A 335 14.27 27.27 -21.59
C PRO A 335 12.93 26.61 -21.85
N PRO A 336 12.89 25.30 -21.98
CA PRO A 336 11.62 24.57 -22.10
C PRO A 336 10.97 24.39 -20.74
N PRO A 337 9.67 24.02 -20.70
CA PRO A 337 8.93 24.01 -19.43
C PRO A 337 9.57 23.21 -18.31
N TYR A 338 10.04 22.00 -18.61
CA TYR A 338 10.63 21.16 -17.58
C TYR A 338 11.87 21.82 -16.98
N LEU A 339 12.65 22.52 -17.81
CA LEU A 339 13.81 23.22 -17.32
C LEU A 339 13.47 24.49 -16.59
N LYS A 340 12.20 24.88 -16.56
CA LYS A 340 11.72 25.94 -15.69
C LYS A 340 11.12 25.39 -14.40
N SER A 341 11.33 24.11 -14.09
CA SER A 341 10.65 23.44 -12.99
C SER A 341 11.61 22.86 -11.95
N LEU A 342 12.90 23.18 -12.02
CA LEU A 342 13.89 22.51 -11.19
C LEU A 342 13.60 22.72 -9.70
N VAL A 343 13.21 23.94 -9.31
CA VAL A 343 12.85 24.16 -7.91
C VAL A 343 11.64 23.33 -7.53
N TYR A 344 10.64 23.25 -8.43
CA TYR A 344 9.42 22.49 -8.13
C TYR A 344 9.72 21.03 -7.88
N PHE A 345 10.32 20.34 -8.87
CA PHE A 345 10.49 18.90 -8.75
C PHE A 345 11.65 18.51 -7.85
N SER A 346 12.43 19.47 -7.35
CA SER A 346 13.37 19.15 -6.28
C SER A 346 12.64 18.59 -5.07
N ASN A 347 11.35 18.92 -4.93
CA ASN A 347 10.57 18.39 -3.82
C ASN A 347 10.14 16.94 -4.01
N ILE A 348 10.07 16.45 -5.24
CA ILE A 348 9.37 15.20 -5.47
C ILE A 348 10.17 14.25 -6.36
N ALA A 349 11.29 14.72 -6.90
CA ALA A 349 11.99 13.90 -7.86
C ALA A 349 12.83 12.85 -7.17
N ALA A 350 13.13 11.78 -7.90
CA ALA A 350 14.10 10.79 -7.45
C ALA A 350 15.38 11.49 -7.05
N ARG A 351 15.78 11.33 -5.79
CA ARG A 351 16.86 12.16 -5.25
C ARG A 351 17.57 11.44 -4.11
N GLN A 352 18.73 11.98 -3.75
CA GLN A 352 19.49 11.53 -2.59
C GLN A 352 19.78 12.73 -1.71
N ILE A 353 19.45 12.59 -0.43
CA ILE A 353 19.68 13.60 0.59
C ILE A 353 20.91 13.19 1.39
N MET A 354 21.83 14.13 1.60
CA MET A 354 23.05 13.86 2.36
C MET A 354 23.21 14.95 3.41
N PHE A 355 23.18 14.56 4.67
CA PHE A 355 23.44 15.47 5.78
C PHE A 355 24.91 15.33 6.19
N ILE A 356 25.58 16.46 6.33
CA ILE A 356 26.99 16.49 6.72
C ILE A 356 27.16 17.44 7.90
N GLU A 357 28.03 17.06 8.83
CA GLU A 357 28.37 17.90 9.97
C GLU A 357 29.72 18.56 9.70
N ALA A 358 29.72 19.87 9.49
CA ALA A 358 30.97 20.56 9.19
C ALA A 358 31.87 20.58 10.43
N ASP A 359 33.14 20.19 10.26
CA ASP A 359 34.14 20.30 11.32
C ASP A 359 34.04 21.65 12.02
N ASN A 360 33.86 22.71 11.24
CA ASN A 360 33.65 24.05 11.77
C ASN A 360 32.25 24.14 12.35
N LYS A 361 32.16 24.24 13.68
CA LYS A 361 30.86 24.28 14.35
C LYS A 361 30.06 25.54 14.04
N GLU A 362 30.68 26.58 13.45
CA GLU A 362 29.92 27.74 13.04
C GLU A 362 29.15 27.48 11.73
N ILE A 363 29.56 26.47 10.97
CA ILE A 363 28.81 25.98 9.82
C ILE A 363 27.92 24.83 10.25
N GLY A 364 28.52 23.78 10.83
CA GLY A 364 27.69 22.75 11.45
C GLY A 364 26.96 21.90 10.43
N LEU A 365 25.71 21.52 10.78
CA LEU A 365 24.91 20.63 9.95
C LEU A 365 24.44 21.35 8.68
N ILE A 366 24.76 20.76 7.53
CA ILE A 366 24.26 21.21 6.23
C ILE A 366 23.61 20.02 5.52
N PHE A 367 22.76 20.34 4.55
CA PHE A 367 22.24 19.30 3.67
C PHE A 367 22.65 19.59 2.24
N LEU A 368 23.05 18.53 1.55
CA LEU A 368 23.10 18.43 0.10
C LEU A 368 21.90 17.60 -0.38
N VAL A 369 21.27 18.02 -1.47
CA VAL A 369 20.28 17.20 -2.16
C VAL A 369 20.72 17.03 -3.61
N PHE A 370 20.93 15.80 -4.02
CA PHE A 370 21.24 15.49 -5.41
C PHE A 370 19.98 15.02 -6.10
N ILE A 371 19.56 15.74 -7.14
CA ILE A 371 18.22 15.68 -7.74
C ILE A 371 18.34 15.13 -9.14
N GLY A 372 17.60 14.05 -9.43
CA GLY A 372 17.58 13.51 -10.76
C GLY A 372 16.70 14.30 -11.71
N MET A 373 16.95 14.07 -13.01
CA MET A 373 16.14 14.61 -14.10
C MET A 373 16.01 13.53 -15.18
N THR A 374 14.77 13.07 -15.42
CA THR A 374 14.43 12.03 -16.39
C THR A 374 15.36 10.82 -16.28
N GLU A 375 16.02 10.44 -17.37
CA GLU A 375 16.82 9.22 -17.33
C GLU A 375 18.13 9.39 -16.61
N ILE A 376 18.54 10.61 -16.29
CA ILE A 376 19.73 10.78 -15.45
C ILE A 376 19.27 10.99 -14.01
N SER A 377 18.87 9.90 -13.34
CA SER A 377 18.31 10.02 -12.00
C SER A 377 18.93 9.10 -10.96
N THR A 378 19.98 8.35 -11.30
CA THR A 378 20.68 7.53 -10.32
C THR A 378 21.67 8.39 -9.52
N CYS A 379 21.55 8.37 -8.19
CA CYS A 379 22.42 9.15 -7.31
C CYS A 379 23.26 8.19 -6.49
N GLU A 380 24.55 8.05 -6.85
CA GLU A 380 25.45 7.11 -6.19
C GLU A 380 26.39 7.83 -5.23
N ALA A 381 26.24 7.54 -3.94
CA ALA A 381 27.21 7.98 -2.95
C ALA A 381 28.42 7.05 -2.98
N THR A 382 29.62 7.63 -2.92
CA THR A 382 30.83 6.84 -2.75
C THR A 382 31.45 7.08 -1.38
N VAL A 383 30.66 7.61 -0.45
CA VAL A 383 31.09 7.83 0.91
C VAL A 383 30.05 7.15 1.80
N SER A 384 30.46 6.89 3.04
CA SER A 384 29.62 6.14 3.95
C SER A 384 29.30 6.99 5.15
N GLU A 385 28.21 6.67 5.83
CA GLU A 385 27.86 7.40 7.03
C GLU A 385 28.93 7.20 8.10
N GLY A 386 29.29 8.28 8.78
CA GLY A 386 30.39 8.26 9.72
C GLY A 386 31.74 8.52 9.10
N GLN A 387 31.85 8.47 7.78
CA GLN A 387 33.08 8.84 7.11
C GLN A 387 33.33 10.33 7.26
N HIS A 388 34.59 10.69 7.43
CA HIS A 388 34.99 12.10 7.41
C HIS A 388 35.48 12.46 6.02
N VAL A 389 35.03 13.60 5.51
CA VAL A 389 35.45 14.07 4.20
C VAL A 389 36.16 15.40 4.36
N ASN A 390 37.14 15.63 3.50
CA ASN A 390 37.78 16.93 3.37
C ASN A 390 37.17 17.64 2.16
N ARG A 391 36.89 18.93 2.32
CA ARG A 391 36.28 19.75 1.27
C ARG A 391 36.96 19.50 -0.07
N GLY A 392 36.19 19.10 -1.06
CA GLY A 392 36.73 18.74 -2.35
C GLY A 392 36.87 17.26 -2.60
N ASP A 393 36.73 16.42 -1.58
CA ASP A 393 36.85 14.98 -1.77
C ASP A 393 35.67 14.46 -2.57
N ASP A 394 35.92 13.40 -3.35
CA ASP A 394 34.83 12.67 -4.00
C ASP A 394 33.70 12.37 -3.03
N LEU A 395 32.48 12.77 -3.38
CA LEU A 395 31.30 12.41 -2.61
C LEU A 395 30.39 11.41 -3.30
N GLY A 396 30.47 11.32 -4.62
CA GLY A 396 29.57 10.47 -5.39
C GLY A 396 29.47 10.99 -6.82
N MET A 397 28.43 10.53 -7.53
CA MET A 397 28.27 10.94 -8.91
C MET A 397 26.85 10.59 -9.39
N PHE A 398 26.45 11.26 -10.47
CA PHE A 398 25.21 10.96 -11.17
C PHE A 398 25.48 9.84 -12.18
N HIS A 399 24.44 9.06 -12.47
CA HIS A 399 24.47 8.10 -13.56
C HIS A 399 23.17 8.17 -14.34
N PHE A 400 23.24 7.85 -15.63
CA PHE A 400 22.05 7.40 -16.32
C PHE A 400 21.48 6.21 -15.57
N GLY A 401 20.21 6.29 -15.21
CA GLY A 401 19.58 5.20 -14.49
C GLY A 401 18.45 5.71 -13.61
N GLY A 402 17.80 4.77 -12.95
CA GLY A 402 16.68 5.11 -12.10
C GLY A 402 17.05 5.50 -10.69
N LEU B 57 -7.80 43.09 21.32
CA LEU B 57 -7.51 41.88 20.54
C LEU B 57 -6.53 40.94 21.25
N MET B 58 -6.92 39.67 21.36
CA MET B 58 -6.07 38.64 21.94
C MET B 58 -4.67 38.66 21.36
N GLN B 59 -3.68 38.29 22.18
CA GLN B 59 -2.31 38.23 21.70
C GLN B 59 -2.13 37.22 20.56
N PRO B 60 -2.74 36.02 20.58
CA PRO B 60 -2.66 35.17 19.40
C PRO B 60 -3.19 35.83 18.15
N ILE B 61 -4.33 36.52 18.25
CA ILE B 61 -4.87 37.16 17.06
C ILE B 61 -3.93 38.26 16.56
N GLN B 62 -3.24 38.95 17.48
CA GLN B 62 -2.31 39.98 17.02
C GLN B 62 -1.13 39.36 16.28
N GLU B 63 -0.63 38.22 16.77
CA GLU B 63 0.48 37.56 16.11
C GLU B 63 0.06 37.01 14.75
N PHE B 64 -1.19 36.52 14.67
CA PHE B 64 -1.78 36.11 13.40
C PHE B 64 -1.82 37.28 12.42
N LYS B 65 -2.32 38.43 12.86
CA LYS B 65 -2.36 39.62 12.01
C LYS B 65 -0.95 40.14 11.71
N ALA B 66 -0.03 40.08 12.67
CA ALA B 66 1.33 40.54 12.39
C ALA B 66 2.04 39.63 11.39
N PHE B 67 1.75 38.31 11.46
CA PHE B 67 2.28 37.40 10.46
C PHE B 67 1.71 37.66 9.07
N ILE B 68 0.40 37.94 8.97
CA ILE B 68 -0.15 38.29 7.67
C ILE B 68 0.59 39.48 7.08
N GLU B 69 0.94 40.44 7.92
CA GLU B 69 1.64 41.61 7.44
C GLU B 69 3.14 41.39 7.27
N SER B 70 3.67 40.24 7.68
CA SER B 70 5.10 40.02 7.73
C SER B 70 5.71 39.57 6.39
N ASP B 71 4.88 39.12 5.45
CA ASP B 71 5.34 38.58 4.17
C ASP B 71 4.47 39.17 3.07
N PRO B 72 5.06 39.80 2.05
CA PRO B 72 4.24 40.38 0.97
C PRO B 72 3.41 39.39 0.18
N VAL B 73 3.83 38.13 0.04
CA VAL B 73 3.00 37.17 -0.69
C VAL B 73 1.76 36.80 0.13
N VAL B 74 1.96 36.52 1.43
CA VAL B 74 0.82 36.21 2.30
C VAL B 74 -0.14 37.39 2.34
N HIS B 75 0.39 38.61 2.44
CA HIS B 75 -0.44 39.80 2.52
C HIS B 75 -1.27 39.98 1.25
N GLN B 76 -0.69 39.67 0.09
CA GLN B 76 -1.47 39.76 -1.14
C GLN B 76 -2.54 38.68 -1.18
N GLU B 77 -2.22 37.49 -0.65
CA GLU B 77 -3.22 36.43 -0.57
C GLU B 77 -4.39 36.85 0.29
N PHE B 78 -4.12 37.48 1.43
CA PHE B 78 -5.14 37.89 2.39
C PHE B 78 -5.82 39.19 1.97
N ILE B 79 -5.40 39.78 0.85
CA ILE B 79 -6.20 40.75 0.14
C ILE B 79 -7.00 40.09 -0.97
N ASP B 80 -6.32 39.29 -1.80
CA ASP B 80 -6.93 38.76 -3.02
C ASP B 80 -8.08 37.80 -2.73
N MET B 81 -8.01 37.05 -1.62
CA MET B 81 -9.07 36.11 -1.27
C MET B 81 -10.38 36.81 -0.94
N PHE B 82 -10.31 38.07 -0.50
CA PHE B 82 -11.47 38.85 -0.09
C PHE B 82 -12.10 39.61 -1.24
N GLU B 83 -11.61 39.42 -2.46
CA GLU B 83 -12.04 40.25 -3.57
C GLU B 83 -13.46 39.90 -4.00
N GLY B 84 -14.25 40.93 -4.32
CA GLY B 84 -15.64 40.74 -4.68
C GLY B 84 -16.55 40.46 -3.52
N ILE B 85 -16.01 40.21 -2.33
CA ILE B 85 -16.81 39.92 -1.16
C ILE B 85 -17.41 41.22 -0.65
N GLN B 86 -18.73 41.31 -0.65
CA GLN B 86 -19.43 42.47 -0.11
C GLN B 86 -19.73 42.33 1.38
N ASP B 87 -20.12 41.13 1.82
CA ASP B 87 -20.53 40.95 3.20
C ASP B 87 -19.32 40.76 4.11
N SER B 88 -19.60 40.68 5.41
CA SER B 88 -18.48 40.64 6.33
C SER B 88 -18.13 39.19 6.67
N PRO B 89 -16.84 38.88 6.83
CA PRO B 89 -15.68 39.78 6.74
C PRO B 89 -15.34 40.19 5.30
N ARG B 90 -14.97 41.45 5.12
CA ARG B 90 -14.54 41.96 3.83
C ARG B 90 -13.04 42.09 3.71
N ASN B 91 -12.32 42.10 4.83
CA ASN B 91 -10.88 42.30 4.83
C ASN B 91 -10.29 41.46 5.95
N TYR B 92 -8.97 41.25 5.89
CA TYR B 92 -8.37 40.41 6.91
C TYR B 92 -8.43 41.06 8.29
N GLN B 93 -8.51 42.39 8.36
CA GLN B 93 -8.60 43.05 9.66
C GLN B 93 -9.95 42.81 10.28
N GLU B 94 -11.00 42.80 9.45
CA GLU B 94 -12.32 42.46 9.95
C GLU B 94 -12.38 41.00 10.37
N LEU B 95 -11.77 40.13 9.56
CA LEU B 95 -11.68 38.72 9.91
C LEU B 95 -11.03 38.55 11.28
N CYS B 96 -9.95 39.30 11.54
CA CYS B 96 -9.34 39.26 12.87
C CYS B 96 -10.29 39.76 13.95
N ASN B 97 -11.14 40.75 13.60
CA ASN B 97 -12.07 41.30 14.59
C ASN B 97 -13.18 40.31 14.92
N MET B 98 -13.72 39.63 13.91
CA MET B 98 -14.74 38.61 14.16
C MET B 98 -14.16 37.41 14.90
N PHE B 99 -12.92 37.02 14.57
CA PHE B 99 -12.23 35.97 15.33
C PHE B 99 -12.22 36.31 16.82
N ASN B 100 -12.05 37.59 17.15
CA ASN B 100 -11.96 37.97 18.55
C ASN B 100 -13.29 37.82 19.28
N ASP B 101 -14.40 37.88 18.57
CA ASP B 101 -15.69 37.64 19.19
C ASP B 101 -16.05 36.16 19.21
N ILE B 102 -15.59 35.39 18.23
CA ILE B 102 -15.88 33.95 18.22
C ILE B 102 -15.13 33.25 19.36
N PHE B 103 -13.84 33.52 19.52
CA PHE B 103 -13.00 32.78 20.46
C PHE B 103 -13.28 33.14 21.93
N ARG B 104 -14.20 34.07 22.17
CA ARG B 104 -14.66 34.40 23.51
C ARG B 104 -16.03 33.78 23.82
N LYS B 105 -16.63 33.11 22.83
CA LYS B 105 -17.97 32.57 22.91
C LYS B 105 -17.96 31.09 22.54
N ALA B 106 -18.99 30.38 23.00
CA ALA B 106 -19.14 28.99 22.62
C ALA B 106 -20.07 28.88 21.43
N PRO B 107 -20.01 27.77 20.69
CA PRO B 107 -20.88 27.62 19.51
C PRO B 107 -22.34 27.38 19.91
N VAL B 108 -23.23 27.63 18.94
CA VAL B 108 -24.66 27.41 19.08
C VAL B 108 -25.16 26.56 17.90
N TYR B 109 -26.37 26.03 18.05
CA TYR B 109 -26.97 25.14 17.08
C TYR B 109 -27.73 25.92 16.00
N GLY B 110 -27.74 25.38 14.78
CA GLY B 110 -28.44 26.04 13.69
C GLY B 110 -27.75 26.00 12.33
N ASP B 111 -26.45 26.33 12.30
CA ASP B 111 -25.74 26.50 11.03
C ASP B 111 -25.18 25.17 10.53
N LEU B 112 -24.81 25.16 9.24
CA LEU B 112 -24.37 23.92 8.58
C LEU B 112 -23.05 23.43 9.14
N GLY B 113 -22.20 24.33 9.61
CA GLY B 113 -20.93 23.97 10.17
C GLY B 113 -20.60 24.89 11.32
N PRO B 114 -19.51 24.62 12.01
CA PRO B 114 -19.12 25.42 13.17
C PRO B 114 -18.80 26.85 12.78
N PRO B 115 -18.69 27.77 13.74
CA PRO B 115 -18.73 29.21 13.40
C PRO B 115 -17.55 29.72 12.57
N VAL B 116 -16.36 29.14 12.72
CA VAL B 116 -15.23 29.68 11.96
C VAL B 116 -15.27 29.20 10.52
N TYR B 117 -15.69 27.96 10.29
CA TYR B 117 -15.91 27.52 8.91
C TYR B 117 -16.90 28.44 8.20
N MET B 118 -17.94 28.89 8.90
CA MET B 118 -18.99 29.67 8.27
C MET B 118 -18.44 30.95 7.63
N ILE B 119 -17.57 31.67 8.35
CA ILE B 119 -17.07 32.93 7.83
C ILE B 119 -15.82 32.76 6.99
N MET B 120 -15.29 31.54 6.88
CA MET B 120 -14.09 31.31 6.07
C MET B 120 -14.40 30.65 4.73
N ALA B 121 -15.59 30.05 4.56
CA ALA B 121 -15.84 29.23 3.38
C ALA B 121 -15.66 30.03 2.09
N LYS B 122 -16.12 31.28 2.09
CA LYS B 122 -15.95 32.12 0.90
C LYS B 122 -14.46 32.26 0.55
N LEU B 123 -13.61 32.50 1.56
CA LEU B 123 -12.18 32.63 1.34
C LEU B 123 -11.52 31.30 0.96
N MET B 124 -11.99 30.17 1.53
CA MET B 124 -11.44 28.87 1.14
C MET B 124 -11.77 28.54 -0.30
N ASN B 125 -12.86 29.08 -0.83
CA ASN B 125 -13.22 28.85 -2.22
C ASN B 125 -12.50 29.77 -3.19
N THR B 126 -11.28 30.22 -2.86
CA THR B 126 -10.45 30.98 -3.78
C THR B 126 -9.08 30.34 -3.92
N ARG B 127 -8.37 30.69 -4.99
CA ARG B 127 -6.98 30.27 -5.13
C ARG B 127 -6.11 30.93 -4.07
N ALA B 128 -6.31 32.23 -3.82
CA ALA B 128 -5.50 32.92 -2.82
C ALA B 128 -5.68 32.29 -1.44
N GLY B 129 -6.91 31.95 -1.07
CA GLY B 129 -7.13 31.30 0.21
C GLY B 129 -6.46 29.94 0.29
N PHE B 130 -6.75 29.07 -0.68
CA PHE B 130 -6.09 27.76 -0.73
C PHE B 130 -4.58 27.90 -0.59
N SER B 131 -4.00 28.91 -1.23
CA SER B 131 -2.56 29.10 -1.14
C SER B 131 -2.16 29.48 0.28
N ALA B 132 -2.78 30.53 0.83
CA ALA B 132 -2.53 30.88 2.23
C ALA B 132 -2.75 29.69 3.14
N PHE B 133 -3.84 28.96 2.93
CA PHE B 133 -4.24 27.89 3.85
C PHE B 133 -3.44 26.61 3.67
N THR B 134 -2.52 26.54 2.71
CA THR B 134 -1.60 25.42 2.57
C THR B 134 -0.16 25.82 2.89
N ARG B 135 0.04 26.90 3.65
CA ARG B 135 1.35 27.26 4.20
C ARG B 135 1.46 26.74 5.63
N GLN B 136 2.51 25.98 5.90
CA GLN B 136 2.66 25.40 7.23
C GLN B 136 2.89 26.47 8.29
N ARG B 137 3.50 27.60 7.90
CA ARG B 137 3.69 28.72 8.83
C ARG B 137 2.36 29.28 9.31
N LEU B 138 1.44 29.56 8.38
CA LEU B 138 0.18 30.17 8.79
C LEU B 138 -0.61 29.22 9.66
N ASN B 139 -0.67 27.94 9.29
CA ASN B 139 -1.45 26.98 10.06
C ASN B 139 -0.94 26.82 11.49
N LEU B 140 0.33 27.14 11.75
CA LEU B 140 0.81 27.21 13.13
C LEU B 140 0.03 28.24 13.93
N HIS B 141 -0.29 29.37 13.31
CA HIS B 141 -1.08 30.38 14.00
C HIS B 141 -2.52 29.91 14.20
N PHE B 142 -3.10 29.21 13.22
CA PHE B 142 -4.44 28.67 13.38
C PHE B 142 -4.50 27.73 14.58
N LYS B 143 -3.49 26.86 14.71
CA LYS B 143 -3.42 25.95 15.84
C LYS B 143 -3.36 26.70 17.17
N LYS B 144 -2.54 27.75 17.25
CA LYS B 144 -2.53 28.60 18.45
C LYS B 144 -3.92 29.19 18.68
N LEU B 145 -4.53 29.75 17.63
CA LEU B 145 -5.83 30.38 17.76
C LEU B 145 -6.86 29.40 18.29
N PHE B 146 -6.94 28.20 17.70
CA PHE B 146 -8.00 27.28 18.09
C PHE B 146 -7.71 26.66 19.46
N ASP B 147 -6.43 26.44 19.77
CA ASP B 147 -6.07 25.94 21.09
C ASP B 147 -6.46 26.93 22.16
N THR B 148 -6.20 28.22 21.92
CA THR B 148 -6.61 29.25 22.84
C THR B 148 -8.12 29.22 23.02
N TRP B 149 -8.86 29.11 21.91
CA TRP B 149 -10.31 29.00 21.96
C TRP B 149 -10.75 27.77 22.73
N GLY B 150 -10.04 26.65 22.57
CA GLY B 150 -10.38 25.43 23.27
C GLY B 150 -10.26 25.55 24.78
N LEU B 151 -9.36 26.41 25.27
CA LEU B 151 -9.27 26.64 26.70
C LEU B 151 -10.54 27.27 27.23
N PHE B 152 -11.19 28.10 26.42
CA PHE B 152 -12.47 28.67 26.84
C PHE B 152 -13.58 27.64 26.75
N LEU B 153 -13.54 26.79 25.73
CA LEU B 153 -14.61 25.82 25.52
C LEU B 153 -14.62 24.72 26.58
N SER B 154 -13.53 24.56 27.32
CA SER B 154 -13.45 23.65 28.46
C SER B 154 -13.66 24.35 29.80
N SER B 155 -14.08 25.61 29.79
CA SER B 155 -14.30 26.45 30.96
C SER B 155 -15.74 26.39 31.41
N LYS B 156 -15.95 26.65 32.71
CA LYS B 156 -17.30 26.78 33.27
C LYS B 156 -18.14 27.78 32.48
N ASP B 157 -17.48 28.78 31.88
CA ASP B 157 -18.15 29.90 31.22
C ASP B 157 -18.76 29.50 29.88
N SER B 158 -18.26 28.45 29.24
CA SER B 158 -18.83 27.98 27.98
C SER B 158 -20.17 27.28 28.17
N ARG B 159 -20.56 27.00 29.43
CA ARG B 159 -21.83 26.33 29.69
C ARG B 159 -23.02 27.15 29.23
N ASN B 160 -22.83 28.45 29.00
CA ASN B 160 -23.94 29.35 28.71
C ASN B 160 -24.64 29.02 27.39
N VAL B 161 -24.00 28.27 26.50
CA VAL B 161 -24.74 27.79 25.32
C VAL B 161 -25.58 26.56 25.62
N LEU B 162 -25.40 25.95 26.79
CA LEU B 162 -26.06 24.71 27.16
C LEU B 162 -27.39 25.04 27.85
N VAL B 163 -28.29 25.66 27.07
CA VAL B 163 -29.60 26.09 27.51
C VAL B 163 -30.61 25.62 26.48
N ALA B 164 -31.88 25.91 26.74
CA ALA B 164 -32.99 25.58 25.86
C ALA B 164 -33.59 26.81 25.19
N ASP B 165 -33.06 28.00 25.51
CA ASP B 165 -33.50 29.23 24.89
C ASP B 165 -33.25 29.20 23.39
N GLN B 166 -34.17 29.83 22.65
CA GLN B 166 -33.94 30.18 21.25
C GLN B 166 -33.26 31.54 21.21
N PHE B 167 -32.12 31.65 20.52
CA PHE B 167 -31.43 32.94 20.46
C PHE B 167 -31.98 33.83 19.36
N ASP B 168 -32.16 33.28 18.16
CA ASP B 168 -32.77 34.01 17.06
C ASP B 168 -33.54 32.99 16.19
N ASP B 169 -34.07 33.47 15.06
CA ASP B 169 -34.92 32.68 14.18
C ASP B 169 -34.24 31.43 13.63
N ARG B 170 -32.90 31.34 13.67
CA ARG B 170 -32.21 30.17 13.14
C ARG B 170 -31.31 29.45 14.14
N HIS B 171 -31.17 29.94 15.37
CA HIS B 171 -30.14 29.48 16.29
C HIS B 171 -30.73 29.28 17.68
N CYS B 172 -30.31 28.22 18.36
CA CYS B 172 -30.70 27.98 19.74
C CYS B 172 -29.56 27.30 20.49
N GLY B 173 -29.70 27.21 21.82
CA GLY B 173 -28.80 26.43 22.64
C GLY B 173 -29.05 24.94 22.46
N TRP B 174 -28.11 24.16 22.99
CA TRP B 174 -28.08 22.72 22.71
C TRP B 174 -29.08 21.93 23.54
N LEU B 175 -29.60 22.47 24.64
CA LEU B 175 -30.65 21.78 25.38
C LEU B 175 -32.05 22.14 24.88
N ASN B 176 -32.13 22.90 23.78
CA ASN B 176 -33.40 23.17 23.13
C ASN B 176 -33.92 21.94 22.40
N GLU B 177 -35.25 21.75 22.47
CA GLU B 177 -35.92 20.60 21.88
C GLU B 177 -35.57 20.37 20.43
N ARG B 178 -35.13 21.41 19.71
CA ARG B 178 -34.87 21.26 18.29
C ARG B 178 -33.49 20.64 18.06
N ALA B 179 -32.51 21.04 18.88
CA ALA B 179 -31.18 20.44 18.84
C ALA B 179 -31.18 19.05 19.47
N LEU B 180 -31.95 18.88 20.56
CA LEU B 180 -32.06 17.60 21.23
C LEU B 180 -32.58 16.53 20.28
N SER B 181 -33.66 16.85 19.55
CA SER B 181 -34.21 15.92 18.57
C SER B 181 -33.17 15.57 17.52
N ALA B 182 -32.43 16.55 17.02
CA ALA B 182 -31.47 16.28 15.96
C ALA B 182 -30.31 15.43 16.47
N MET B 183 -29.95 15.60 17.74
CA MET B 183 -28.84 14.83 18.29
C MET B 183 -29.22 13.38 18.58
N VAL B 184 -30.51 13.07 18.67
CA VAL B 184 -30.99 11.71 18.94
C VAL B 184 -31.74 11.15 17.75
N LYS B 185 -31.54 11.71 16.56
CA LYS B 185 -32.34 11.29 15.41
C LYS B 185 -32.06 9.85 15.01
N HIS B 186 -30.86 9.32 15.28
CA HIS B 186 -30.49 7.97 14.89
C HIS B 186 -30.42 7.01 16.06
N TYR B 187 -31.28 7.21 17.06
CA TYR B 187 -31.26 6.39 18.27
C TYR B 187 -32.66 5.81 18.56
N ASN B 188 -33.42 5.54 17.49
CA ASN B 188 -34.64 4.74 17.56
C ASN B 188 -35.64 5.25 18.60
N GLY B 189 -35.91 6.54 18.55
CA GLY B 189 -36.94 7.12 19.39
C GLY B 189 -36.57 7.26 20.85
N ARG B 190 -35.35 6.92 21.25
CA ARG B 190 -34.94 7.22 22.61
C ARG B 190 -34.52 8.68 22.71
N ALA B 191 -34.29 9.14 23.93
CA ALA B 191 -34.10 10.56 24.16
C ALA B 191 -32.68 10.83 24.59
N PHE B 192 -32.30 12.11 24.50
CA PHE B 192 -30.95 12.53 24.84
C PHE B 192 -30.51 12.00 26.19
N ASP B 193 -31.32 12.24 27.23
CA ASP B 193 -30.92 11.89 28.59
C ASP B 193 -30.95 10.38 28.82
N GLU B 194 -31.73 9.65 28.00
CA GLU B 194 -31.59 8.20 27.97
C GLU B 194 -30.31 7.78 27.27
N VAL B 195 -30.01 8.39 26.11
CA VAL B 195 -28.88 7.97 25.30
C VAL B 195 -27.55 8.37 25.93
N PHE B 196 -27.47 9.59 26.45
CA PHE B 196 -26.19 10.13 26.88
C PHE B 196 -26.20 10.35 28.39
N LEU B 197 -25.03 10.13 29.01
CA LEU B 197 -24.86 10.34 30.44
C LEU B 197 -24.92 11.83 30.78
N CYS B 198 -25.98 12.23 31.48
CA CYS B 198 -26.19 13.62 31.85
C CYS B 198 -27.25 13.68 32.96
N ASP B 199 -27.78 14.88 33.22
CA ASP B 199 -28.80 15.11 34.24
C ASP B 199 -29.89 16.02 33.67
N LYS B 200 -31.01 15.43 33.24
CA LYS B 200 -32.12 16.22 32.69
C LYS B 200 -32.58 17.32 33.65
N ASN B 201 -32.35 17.16 34.95
CA ASN B 201 -32.96 18.05 35.93
C ASN B 201 -31.99 19.08 36.49
N ALA B 202 -30.69 18.93 36.26
CA ALA B 202 -29.68 19.89 36.70
C ALA B 202 -29.52 21.00 35.67
N PRO B 203 -28.87 22.11 36.04
CA PRO B 203 -28.57 23.15 35.05
C PRO B 203 -27.51 22.65 34.07
N TYR B 204 -27.63 23.08 32.80
CA TYR B 204 -26.68 22.70 31.77
C TYR B 204 -26.61 21.20 31.59
N TYR B 205 -27.67 20.51 32.00
CA TYR B 205 -27.74 19.05 31.98
C TYR B 205 -26.54 18.41 32.70
N GLY B 206 -25.99 19.09 33.70
CA GLY B 206 -24.89 18.54 34.48
C GLY B 206 -23.53 18.67 33.85
N PHE B 207 -23.45 19.23 32.64
CA PHE B 207 -22.19 19.33 31.93
C PHE B 207 -21.37 20.49 32.46
N ASN B 208 -20.06 20.28 32.54
CA ASN B 208 -19.13 21.26 33.11
C ASN B 208 -18.64 22.30 32.11
N SER B 209 -18.77 22.06 30.82
CA SER B 209 -18.30 22.96 29.78
C SER B 209 -18.94 22.53 28.47
N TYR B 210 -18.78 23.36 27.45
CA TYR B 210 -19.22 22.94 26.13
C TYR B 210 -18.47 21.70 25.68
N ASP B 211 -17.15 21.66 25.91
CA ASP B 211 -16.36 20.49 25.54
C ASP B 211 -16.88 19.21 26.21
N ASP B 212 -17.26 19.32 27.48
CA ASP B 212 -17.90 18.20 28.19
C ASP B 212 -19.16 17.73 27.48
N PHE B 213 -20.03 18.67 27.08
CA PHE B 213 -21.24 18.32 26.33
C PHE B 213 -20.90 17.72 24.98
N PHE B 214 -19.89 18.29 24.31
CA PHE B 214 -19.44 17.85 22.98
C PHE B 214 -18.91 16.43 23.00
N ASN B 215 -18.15 16.08 24.05
CA ASN B 215 -17.61 14.73 24.19
C ASN B 215 -18.45 13.89 25.16
N ARG B 216 -19.76 14.11 25.17
CA ARG B 216 -20.64 13.35 26.03
C ARG B 216 -20.50 11.85 25.77
N ARG B 217 -20.68 11.07 26.83
CA ARG B 217 -20.55 9.63 26.79
C ARG B 217 -21.92 8.96 26.72
N PHE B 218 -21.95 7.74 26.17
CA PHE B 218 -23.17 6.95 26.15
C PHE B 218 -23.55 6.44 27.54
N ARG B 219 -24.83 6.58 27.92
CA ARG B 219 -25.28 6.04 29.19
C ARG B 219 -25.36 4.51 29.17
N ASN B 220 -25.65 3.92 28.01
CA ASN B 220 -25.83 2.47 27.91
C ASN B 220 -25.62 2.06 26.45
N ARG B 221 -24.36 1.81 26.08
CA ARG B 221 -24.09 1.46 24.70
C ARG B 221 -24.75 0.14 24.31
N ASP B 222 -24.98 -0.76 25.27
CA ASP B 222 -25.50 -2.08 24.91
C ASP B 222 -26.92 -1.99 24.39
N ILE B 223 -27.70 -1.01 24.84
CA ILE B 223 -28.97 -0.69 24.20
C ILE B 223 -28.74 0.02 22.86
N ASP B 224 -28.10 1.20 22.90
CA ASP B 224 -28.25 2.17 21.81
C ASP B 224 -27.24 1.94 20.68
N ARG B 225 -25.99 1.62 21.04
CA ARG B 225 -24.88 1.45 20.10
C ARG B 225 -24.16 0.17 20.47
N PRO B 226 -24.84 -0.96 20.37
CA PRO B 226 -24.23 -2.22 20.82
C PRO B 226 -23.02 -2.58 19.98
N VAL B 227 -22.08 -3.27 20.61
CA VAL B 227 -20.98 -3.92 19.91
C VAL B 227 -21.51 -5.16 19.19
N VAL B 228 -21.95 -4.98 17.95
CA VAL B 228 -22.69 -6.02 17.24
C VAL B 228 -21.90 -7.33 17.23
N GLY B 229 -22.56 -8.42 17.60
CA GLY B 229 -21.96 -9.73 17.57
C GLY B 229 -21.15 -10.10 18.81
N GLY B 230 -20.88 -9.17 19.70
CA GLY B 230 -20.14 -9.42 20.92
C GLY B 230 -18.65 -9.17 20.77
N VAL B 231 -18.03 -8.76 21.88
CA VAL B 231 -16.59 -8.57 21.95
C VAL B 231 -15.82 -9.84 21.59
N ASN B 232 -16.37 -11.00 21.93
CA ASN B 232 -15.62 -12.24 21.74
C ASN B 232 -15.65 -12.77 20.31
N ASN B 233 -16.51 -12.24 19.43
CA ASN B 233 -16.38 -12.55 18.01
C ASN B 233 -15.32 -11.59 17.45
N THR B 234 -14.12 -12.13 17.19
CA THR B 234 -13.02 -11.32 16.68
C THR B 234 -12.97 -11.31 15.16
N THR B 235 -13.96 -11.88 14.48
CA THR B 235 -14.04 -11.83 13.03
C THR B 235 -14.73 -10.56 12.54
N LEU B 236 -15.07 -9.64 13.43
CA LEU B 236 -15.95 -8.51 13.13
C LEU B 236 -15.23 -7.21 13.50
N ILE B 237 -15.11 -6.29 12.54
CA ILE B 237 -14.53 -4.97 12.76
C ILE B 237 -15.64 -3.93 12.92
N SER B 238 -15.61 -3.21 14.03
CA SER B 238 -16.63 -2.23 14.38
C SER B 238 -16.29 -0.84 13.82
N ALA B 239 -17.33 -0.01 13.72
CA ALA B 239 -17.16 1.37 13.29
C ALA B 239 -16.56 2.21 14.41
N ALA B 240 -15.48 2.95 14.11
CA ALA B 240 -14.77 3.66 15.16
C ALA B 240 -15.46 4.95 15.58
N CYS B 241 -16.38 5.47 14.76
CA CYS B 241 -17.01 6.78 14.98
C CYS B 241 -18.47 6.74 14.54
N GLU B 242 -19.31 7.55 15.22
CA GLU B 242 -20.65 7.82 14.72
C GLU B 242 -20.54 8.70 13.51
N SER B 243 -21.10 8.28 12.39
CA SER B 243 -20.81 9.05 11.19
C SER B 243 -21.75 8.66 10.06
N LEU B 244 -21.67 9.44 8.97
CA LEU B 244 -22.13 9.04 7.66
C LEU B 244 -20.94 8.56 6.83
N SER B 245 -21.14 7.49 6.08
CA SER B 245 -20.10 7.04 5.18
C SER B 245 -19.82 8.12 4.15
N TYR B 246 -18.56 8.26 3.79
CA TYR B 246 -18.16 9.26 2.81
C TYR B 246 -17.48 8.69 1.58
N ASN B 247 -16.69 7.62 1.73
CA ASN B 247 -15.96 7.03 0.61
C ASN B 247 -15.39 5.68 1.03
N VAL B 248 -15.42 4.74 0.10
CA VAL B 248 -14.59 3.54 0.18
C VAL B 248 -13.65 3.52 -1.03
N SER B 249 -12.43 3.05 -0.83
CA SER B 249 -11.46 2.93 -1.92
C SER B 249 -10.76 1.59 -1.79
N TYR B 250 -10.41 1.02 -2.95
CA TYR B 250 -9.76 -0.28 -3.03
C TYR B 250 -8.45 -0.13 -3.77
N ASP B 251 -7.53 -1.06 -3.50
CA ASP B 251 -6.23 -1.08 -4.15
C ASP B 251 -5.52 0.27 -4.02
N VAL B 252 -5.45 0.78 -2.78
CA VAL B 252 -4.95 2.13 -2.55
C VAL B 252 -3.45 2.19 -2.82
N GLN B 253 -2.99 3.38 -3.23
CA GLN B 253 -1.61 3.60 -3.65
C GLN B 253 -1.10 4.91 -3.06
N SER B 254 0.15 5.23 -3.39
CA SER B 254 0.75 6.50 -3.02
C SER B 254 1.04 7.33 -4.25
N LEU B 255 0.98 8.64 -4.07
CA LEU B 255 1.14 9.60 -5.14
C LEU B 255 2.30 10.54 -4.81
N ASP B 256 2.98 11.03 -5.84
CA ASP B 256 4.10 11.93 -5.62
C ASP B 256 3.63 13.34 -5.36
N THR B 257 2.50 13.73 -5.94
CA THR B 257 1.86 15.01 -5.72
C THR B 257 0.37 14.77 -5.61
N LEU B 258 -0.33 15.75 -5.05
CA LEU B 258 -1.78 15.71 -4.93
C LEU B 258 -2.46 16.65 -5.92
N VAL B 259 -1.84 16.89 -7.07
CA VAL B 259 -2.35 17.82 -8.07
C VAL B 259 -3.11 17.03 -9.12
N PHE B 260 -4.29 17.54 -9.53
CA PHE B 260 -5.14 16.85 -10.49
C PHE B 260 -5.46 15.45 -10.04
N LYS B 261 -5.26 15.17 -8.75
CA LYS B 261 -5.65 13.89 -8.18
C LYS B 261 -7.02 13.96 -7.53
N GLY B 262 -7.38 15.11 -6.94
CA GLY B 262 -8.68 15.24 -6.32
C GLY B 262 -8.88 14.15 -5.30
N GLU B 263 -10.10 13.61 -5.24
CA GLU B 263 -10.43 12.67 -4.18
C GLU B 263 -9.78 11.31 -4.42
N THR B 264 -8.45 11.28 -4.39
CA THR B 264 -7.70 10.05 -4.26
C THR B 264 -6.92 10.11 -2.96
N TYR B 265 -6.83 9.00 -2.27
CA TYR B 265 -5.88 8.93 -1.19
C TYR B 265 -4.47 8.83 -1.74
N SER B 266 -3.52 9.37 -0.99
CA SER B 266 -2.11 9.06 -1.17
C SER B 266 -1.62 8.44 0.13
N LEU B 267 -1.36 7.13 0.11
CA LEU B 267 -1.01 6.45 1.35
C LEU B 267 0.13 7.14 2.09
N LYS B 268 1.18 7.51 1.36
CA LYS B 268 2.33 8.08 2.04
C LYS B 268 2.01 9.46 2.60
N HIS B 269 1.04 10.18 2.02
CA HIS B 269 0.65 11.46 2.58
C HIS B 269 -0.26 11.26 3.79
N LEU B 270 -1.29 10.44 3.62
CA LEU B 270 -2.24 10.18 4.68
C LEU B 270 -1.54 9.61 5.92
N LEU B 271 -0.62 8.65 5.73
CA LEU B 271 0.08 8.02 6.84
C LEU B 271 1.40 8.70 7.17
N ASN B 272 1.67 9.86 6.55
CA ASN B 272 2.87 10.66 6.84
C ASN B 272 4.17 9.88 6.68
N ASN B 273 4.26 9.07 5.61
CA ASN B 273 5.47 8.34 5.27
C ASN B 273 5.92 7.46 6.43
N ASP B 274 4.95 6.96 7.19
CA ASP B 274 5.24 6.02 8.26
C ASP B 274 5.97 4.80 7.68
N PRO B 275 6.87 4.20 8.45
CA PRO B 275 7.45 2.91 8.02
C PRO B 275 6.41 1.84 7.71
N PHE B 276 5.24 1.83 8.37
CA PHE B 276 4.23 0.82 8.08
C PHE B 276 3.52 1.06 6.75
N THR B 277 3.75 2.19 6.08
CA THR B 277 3.01 2.50 4.86
C THR B 277 3.02 1.37 3.84
N PRO B 278 4.16 0.76 3.49
CA PRO B 278 4.15 -0.26 2.43
C PRO B 278 3.25 -1.43 2.76
N GLN B 279 3.11 -1.78 4.03
CA GLN B 279 2.27 -2.87 4.46
C GLN B 279 0.79 -2.65 4.13
N PHE B 280 0.41 -1.41 3.78
CA PHE B 280 -0.96 -1.03 3.50
C PHE B 280 -1.18 -0.67 2.04
N GLU B 281 -0.15 -0.85 1.22
CA GLU B 281 -0.28 -0.62 -0.21
C GLU B 281 -1.13 -1.71 -0.85
N HIS B 282 -2.03 -1.31 -1.74
CA HIS B 282 -3.03 -2.16 -2.42
C HIS B 282 -4.20 -2.50 -1.49
N GLY B 283 -4.22 -1.98 -0.27
CA GLY B 283 -5.29 -2.24 0.66
C GLY B 283 -6.54 -1.43 0.34
N SER B 284 -7.42 -1.35 1.33
CA SER B 284 -8.71 -0.69 1.20
C SER B 284 -8.94 0.25 2.38
N ILE B 285 -9.71 1.32 2.14
CA ILE B 285 -9.97 2.36 3.14
C ILE B 285 -11.46 2.69 3.17
N LEU B 286 -12.01 2.83 4.38
CA LEU B 286 -13.37 3.32 4.60
C LEU B 286 -13.29 4.64 5.37
N GLN B 287 -14.00 5.66 4.89
CA GLN B 287 -13.98 6.99 5.51
C GLN B 287 -15.38 7.50 5.81
N GLY B 288 -15.57 7.99 7.04
CA GLY B 288 -16.83 8.58 7.44
C GLY B 288 -16.76 10.06 7.75
N PHE B 289 -17.93 10.71 7.73
CA PHE B 289 -18.10 12.11 8.09
C PHE B 289 -18.92 12.20 9.39
N LEU B 290 -18.36 12.87 10.40
CA LEU B 290 -19.06 13.19 11.65
C LEU B 290 -19.71 14.56 11.52
N ASN B 291 -21.05 14.58 11.58
CA ASN B 291 -21.85 15.78 11.62
C ASN B 291 -21.62 16.58 12.89
N VAL B 292 -22.30 17.70 13.01
CA VAL B 292 -22.25 18.38 14.30
C VAL B 292 -23.22 17.71 15.28
N THR B 293 -24.27 17.09 14.76
CA THR B 293 -25.17 16.32 15.61
C THR B 293 -24.58 14.99 16.10
N ALA B 294 -23.39 14.59 15.68
CA ALA B 294 -22.84 13.27 15.98
C ALA B 294 -22.04 13.23 17.28
N TYR B 295 -22.20 12.14 18.01
CA TYR B 295 -21.23 11.72 19.01
C TYR B 295 -19.81 11.78 18.45
N HIS B 296 -18.87 12.26 19.28
CA HIS B 296 -17.57 12.72 18.79
C HIS B 296 -16.36 11.96 19.35
N ARG B 297 -16.56 10.86 20.07
CA ARG B 297 -15.45 10.10 20.59
C ARG B 297 -15.10 8.95 19.63
N TRP B 298 -14.01 8.26 19.93
CA TRP B 298 -13.52 7.16 19.11
C TRP B 298 -13.62 5.87 19.90
N HIS B 299 -14.01 4.78 19.21
CA HIS B 299 -14.10 3.47 19.83
C HIS B 299 -13.19 2.52 19.07
N ALA B 300 -12.74 1.47 19.75
CA ALA B 300 -11.80 0.53 19.16
C ALA B 300 -12.48 -0.35 18.11
N PRO B 301 -12.03 -0.32 16.86
CA PRO B 301 -12.67 -1.15 15.83
C PRO B 301 -12.49 -2.64 16.03
N VAL B 302 -11.50 -3.05 16.82
CA VAL B 302 -11.13 -4.44 16.99
C VAL B 302 -10.68 -4.63 18.43
N ASN B 303 -10.67 -5.89 18.87
CA ASN B 303 -9.82 -6.29 19.99
C ASN B 303 -8.35 -6.24 19.55
N GLY B 304 -7.50 -5.60 20.34
CA GLY B 304 -6.08 -5.64 20.02
C GLY B 304 -5.26 -4.59 20.75
N THR B 305 -4.03 -4.46 20.28
CA THR B 305 -3.00 -3.66 20.93
C THR B 305 -2.67 -2.42 20.08
N ILE B 306 -2.52 -1.28 20.76
CA ILE B 306 -2.07 -0.05 20.11
C ILE B 306 -0.57 -0.18 19.81
N VAL B 307 -0.22 -0.02 18.54
CA VAL B 307 1.18 -0.12 18.12
C VAL B 307 1.86 1.23 18.13
N LYS B 308 1.28 2.23 17.45
CA LYS B 308 1.96 3.51 17.24
C LYS B 308 0.91 4.61 17.07
N ILE B 309 1.12 5.73 17.77
CA ILE B 309 0.25 6.89 17.70
C ILE B 309 1.08 8.06 17.18
N ILE B 310 0.65 8.66 16.05
CA ILE B 310 1.36 9.77 15.42
C ILE B 310 0.44 10.98 15.26
N ASN B 311 0.86 12.11 15.84
CA ASN B 311 0.15 13.38 15.66
C ASN B 311 0.84 14.17 14.55
N VAL B 312 0.08 14.56 13.54
CA VAL B 312 0.65 15.13 12.33
C VAL B 312 0.11 16.54 12.16
N PRO B 313 0.97 17.56 12.14
CA PRO B 313 0.47 18.91 11.85
C PRO B 313 0.01 18.98 10.40
N GLY B 314 -0.96 19.86 10.14
CA GLY B 314 -1.56 19.91 8.82
C GLY B 314 -2.44 21.12 8.56
N THR B 315 -3.36 20.96 7.63
CA THR B 315 -4.25 22.03 7.19
C THR B 315 -5.53 22.06 8.02
N TYR B 316 -6.16 23.23 8.03
CA TYR B 316 -7.48 23.39 8.63
C TYR B 316 -8.51 23.92 7.64
N PHE B 317 -8.10 24.57 6.55
CA PHE B 317 -9.04 25.26 5.67
C PHE B 317 -8.77 24.96 4.20
N ALA B 318 -8.01 23.90 3.92
CA ALA B 318 -7.72 23.48 2.55
C ALA B 318 -8.85 22.60 2.02
N GLN B 319 -9.59 23.10 1.03
CA GLN B 319 -10.46 22.25 0.23
C GLN B 319 -9.72 21.72 -0.98
N ALA B 320 -10.34 20.78 -1.68
CA ALA B 320 -9.72 20.22 -2.88
C ALA B 320 -9.61 21.28 -3.97
N PRO B 321 -8.42 21.46 -4.56
CA PRO B 321 -8.27 22.51 -5.58
C PRO B 321 -9.21 22.37 -6.77
N SER B 322 -9.74 21.18 -7.04
CA SER B 322 -10.66 20.99 -8.16
C SER B 322 -12.07 21.48 -7.85
N THR B 323 -12.37 21.82 -6.61
CA THR B 323 -13.66 22.40 -6.26
C THR B 323 -13.59 23.91 -6.14
N ILE B 324 -12.41 24.49 -6.34
CA ILE B 324 -12.27 25.91 -6.03
C ILE B 324 -13.13 26.70 -7.02
N GLY B 325 -14.05 27.50 -6.48
CA GLY B 325 -14.96 28.26 -7.31
C GLY B 325 -16.33 27.65 -7.49
N ASP B 326 -16.53 26.39 -7.09
CA ASP B 326 -17.85 25.76 -7.12
C ASP B 326 -18.82 26.57 -6.25
N PRO B 327 -20.10 26.59 -6.61
CA PRO B 327 -21.07 27.34 -5.80
C PRO B 327 -21.13 26.78 -4.38
N ILE B 328 -21.19 27.69 -3.41
CA ILE B 328 -21.44 27.33 -2.01
C ILE B 328 -22.96 27.34 -1.80
N PRO B 329 -23.62 26.19 -1.83
CA PRO B 329 -25.09 26.18 -1.72
C PRO B 329 -25.59 26.90 -0.48
N ASP B 330 -26.66 27.66 -0.65
CA ASP B 330 -27.33 28.39 0.42
C ASP B 330 -28.47 27.57 1.01
N ASN B 331 -28.15 26.35 1.44
CA ASN B 331 -29.13 25.43 2.00
C ASN B 331 -28.39 24.44 2.89
N ASP B 332 -29.15 23.51 3.46
CA ASP B 332 -28.62 22.53 4.40
C ASP B 332 -28.32 21.18 3.75
N TYR B 333 -28.77 20.97 2.51
CA TYR B 333 -28.81 19.64 1.90
C TYR B 333 -27.87 19.46 0.70
N ASP B 334 -27.46 20.52 0.03
CA ASP B 334 -26.52 20.43 -1.07
C ASP B 334 -25.12 20.70 -0.54
N PRO B 335 -24.21 19.73 -0.60
CA PRO B 335 -22.92 19.86 0.09
C PRO B 335 -22.06 20.93 -0.53
N PRO B 336 -21.53 21.83 0.30
CA PRO B 336 -20.57 22.84 -0.18
C PRO B 336 -19.25 22.20 -0.57
N PRO B 337 -18.33 22.97 -1.19
CA PRO B 337 -17.12 22.36 -1.76
C PRO B 337 -16.19 21.75 -0.72
N TYR B 338 -16.02 22.40 0.44
CA TYR B 338 -15.21 21.81 1.49
C TYR B 338 -15.76 20.45 1.93
N LEU B 339 -17.09 20.29 1.91
CA LEU B 339 -17.69 19.02 2.30
C LEU B 339 -17.61 17.97 1.21
N LYS B 340 -17.14 18.34 0.02
CA LYS B 340 -16.85 17.40 -1.05
C LYS B 340 -15.35 17.12 -1.18
N SER B 341 -14.56 17.47 -0.15
CA SER B 341 -13.09 17.45 -0.22
C SER B 341 -12.44 16.56 0.84
N LEU B 342 -13.20 15.70 1.53
CA LEU B 342 -12.69 15.00 2.70
C LEU B 342 -11.59 14.00 2.33
N VAL B 343 -11.73 13.33 1.18
CA VAL B 343 -10.68 12.41 0.72
C VAL B 343 -9.41 13.17 0.41
N TYR B 344 -9.52 14.30 -0.29
CA TYR B 344 -8.34 15.09 -0.61
C TYR B 344 -7.62 15.52 0.67
N PHE B 345 -8.33 16.19 1.59
CA PHE B 345 -7.60 16.77 2.70
C PHE B 345 -7.29 15.76 3.81
N SER B 346 -7.81 14.55 3.74
CA SER B 346 -7.29 13.50 4.62
C SER B 346 -5.79 13.32 4.41
N ASN B 347 -5.30 13.61 3.20
CA ASN B 347 -3.87 13.53 2.93
C ASN B 347 -3.06 14.59 3.67
N ILE B 348 -3.67 15.70 4.09
CA ILE B 348 -2.89 16.86 4.46
C ILE B 348 -3.39 17.52 5.74
N ALA B 349 -4.57 17.12 6.22
CA ALA B 349 -5.18 17.78 7.37
C ALA B 349 -4.47 17.44 8.67
N ALA B 350 -4.54 18.37 9.61
CA ALA B 350 -4.14 18.09 10.98
C ALA B 350 -4.86 16.84 11.44
N ARG B 351 -4.08 15.81 11.78
CA ARG B 351 -4.66 14.48 11.85
C ARG B 351 -3.86 13.65 12.84
N GLN B 352 -4.46 12.55 13.29
CA GLN B 352 -3.80 11.58 14.16
C GLN B 352 -3.84 10.20 13.51
N ILE B 353 -2.68 9.55 13.41
CA ILE B 353 -2.60 8.18 12.93
C ILE B 353 -2.44 7.21 14.09
N MET B 354 -3.18 6.10 14.03
CA MET B 354 -3.18 5.06 15.05
C MET B 354 -3.14 3.70 14.39
N PHE B 355 -2.05 2.97 14.62
CA PHE B 355 -1.91 1.60 14.12
C PHE B 355 -2.26 0.64 15.26
N ILE B 356 -3.09 -0.34 14.94
CA ILE B 356 -3.57 -1.32 15.91
C ILE B 356 -3.34 -2.71 15.33
N GLU B 357 -2.85 -3.63 16.17
CA GLU B 357 -2.69 -5.04 15.83
C GLU B 357 -3.87 -5.80 16.41
N ALA B 358 -4.77 -6.27 15.55
CA ALA B 358 -5.91 -7.06 15.99
C ALA B 358 -5.46 -8.40 16.54
N ASP B 359 -6.09 -8.83 17.64
CA ASP B 359 -5.80 -10.14 18.21
C ASP B 359 -6.03 -11.26 17.19
N ASN B 360 -7.07 -11.12 16.37
CA ASN B 360 -7.30 -12.03 15.26
C ASN B 360 -6.25 -11.82 14.18
N LYS B 361 -5.43 -12.84 13.95
CA LYS B 361 -4.29 -12.68 13.07
C LYS B 361 -4.66 -12.60 11.59
N GLU B 362 -5.87 -13.00 11.20
CA GLU B 362 -6.29 -12.80 9.82
C GLU B 362 -6.84 -11.40 9.56
N ILE B 363 -7.04 -10.60 10.60
CA ILE B 363 -7.20 -9.14 10.43
C ILE B 363 -5.87 -8.43 10.54
N GLY B 364 -5.11 -8.74 11.59
CA GLY B 364 -3.74 -8.29 11.69
C GLY B 364 -3.60 -6.80 11.94
N LEU B 365 -2.61 -6.18 11.29
CA LEU B 365 -2.36 -4.77 11.51
C LEU B 365 -3.39 -3.95 10.75
N ILE B 366 -4.07 -3.05 11.45
CA ILE B 366 -4.96 -2.08 10.83
C ILE B 366 -4.43 -0.69 11.15
N PHE B 367 -4.91 0.30 10.44
CA PHE B 367 -4.69 1.67 10.86
C PHE B 367 -6.02 2.42 10.98
N LEU B 368 -5.94 3.55 11.66
CA LEU B 368 -7.05 4.46 11.88
C LEU B 368 -6.48 5.87 11.75
N VAL B 369 -7.14 6.72 10.97
CA VAL B 369 -6.75 8.12 10.83
C VAL B 369 -7.93 8.97 11.24
N PHE B 370 -7.73 9.78 12.27
CA PHE B 370 -8.73 10.73 12.73
C PHE B 370 -8.36 12.11 12.19
N ILE B 371 -9.32 12.76 11.52
CA ILE B 371 -9.04 13.87 10.61
C ILE B 371 -9.78 15.13 11.10
N GLY B 372 -9.01 16.20 11.33
CA GLY B 372 -9.63 17.47 11.68
C GLY B 372 -10.35 18.10 10.52
N MET B 373 -11.31 18.98 10.84
CA MET B 373 -11.92 19.89 9.88
C MET B 373 -12.12 21.23 10.56
N THR B 374 -11.58 22.29 9.93
CA THR B 374 -11.51 23.65 10.45
C THR B 374 -11.21 23.63 11.95
N GLU B 375 -12.02 24.32 12.76
CA GLU B 375 -11.73 24.49 14.18
C GLU B 375 -11.88 23.23 15.01
N ILE B 376 -12.52 22.17 14.50
CA ILE B 376 -12.63 20.91 15.22
C ILE B 376 -11.53 19.99 14.73
N SER B 377 -10.28 20.30 15.08
CA SER B 377 -9.15 19.55 14.57
C SER B 377 -8.23 18.99 15.65
N THR B 378 -8.53 19.19 16.92
CA THR B 378 -7.72 18.56 17.96
C THR B 378 -8.13 17.10 18.13
N CYS B 379 -7.13 16.22 18.13
CA CYS B 379 -7.32 14.78 18.14
C CYS B 379 -6.61 14.23 19.37
N GLU B 380 -7.37 13.86 20.39
CA GLU B 380 -6.81 13.37 21.63
C GLU B 380 -7.00 11.88 21.70
N ALA B 381 -5.89 11.14 21.74
CA ALA B 381 -5.94 9.73 22.12
C ALA B 381 -6.06 9.61 23.63
N THR B 382 -6.87 8.66 24.08
CA THR B 382 -6.85 8.28 25.48
C THR B 382 -6.32 6.86 25.68
N VAL B 383 -5.53 6.38 24.73
CA VAL B 383 -4.85 5.11 24.85
C VAL B 383 -3.35 5.34 24.68
N SER B 384 -2.57 4.35 25.09
CA SER B 384 -1.12 4.41 25.07
C SER B 384 -0.56 3.29 24.22
N GLU B 385 0.58 3.56 23.60
CA GLU B 385 1.21 2.54 22.77
C GLU B 385 1.49 1.32 23.64
N GLY B 386 1.19 0.13 23.11
CA GLY B 386 1.33 -1.08 23.88
C GLY B 386 0.10 -1.52 24.65
N GLN B 387 -0.88 -0.64 24.87
CA GLN B 387 -2.09 -1.01 25.59
C GLN B 387 -3.00 -1.93 24.74
N HIS B 388 -3.72 -2.82 25.42
CA HIS B 388 -4.72 -3.66 24.79
C HIS B 388 -6.12 -3.09 25.03
N VAL B 389 -6.97 -3.18 24.01
CA VAL B 389 -8.31 -2.64 24.07
C VAL B 389 -9.27 -3.67 23.48
N ASN B 390 -10.50 -3.66 23.95
CA ASN B 390 -11.54 -4.49 23.37
C ASN B 390 -12.39 -3.66 22.43
N ARG B 391 -12.83 -4.31 21.34
CA ARG B 391 -13.73 -3.67 20.39
C ARG B 391 -14.84 -2.91 21.11
N GLY B 392 -14.90 -1.61 20.88
CA GLY B 392 -15.91 -0.77 21.49
C GLY B 392 -15.43 0.05 22.66
N ASP B 393 -14.20 -0.18 23.13
CA ASP B 393 -13.60 0.69 24.15
C ASP B 393 -13.26 2.05 23.56
N ASP B 394 -13.10 3.05 24.43
CA ASP B 394 -12.57 4.33 24.01
C ASP B 394 -11.19 4.19 23.36
N LEU B 395 -10.98 4.96 22.29
CA LEU B 395 -9.64 5.22 21.77
C LEU B 395 -9.24 6.68 21.91
N GLY B 396 -10.20 7.58 22.04
CA GLY B 396 -9.91 8.99 22.17
C GLY B 396 -11.11 9.83 21.75
N MET B 397 -10.88 11.11 21.51
CA MET B 397 -11.99 11.92 21.04
C MET B 397 -11.50 13.17 20.31
N PHE B 398 -12.43 13.79 19.59
CA PHE B 398 -12.23 15.09 18.97
C PHE B 398 -12.53 16.22 19.97
N HIS B 399 -11.90 17.37 19.78
CA HIS B 399 -12.20 18.60 20.49
C HIS B 399 -12.15 19.75 19.51
N PHE B 400 -12.82 20.84 19.84
CA PHE B 400 -12.49 22.12 19.22
C PHE B 400 -11.07 22.50 19.60
N GLY B 401 -10.23 22.77 18.60
CA GLY B 401 -8.84 23.09 18.85
C GLY B 401 -8.00 22.84 17.60
N GLY B 402 -6.71 23.09 17.76
CA GLY B 402 -5.78 22.93 16.66
C GLY B 402 -5.15 21.55 16.59
N LEU C 57 -40.16 8.33 -62.14
CA LEU C 57 -40.30 8.08 -60.71
C LEU C 57 -40.30 6.58 -60.40
N MET C 58 -39.44 6.18 -59.48
CA MET C 58 -39.46 4.82 -58.96
C MET C 58 -40.84 4.52 -58.39
N GLN C 59 -41.24 3.24 -58.49
CA GLN C 59 -42.54 2.84 -57.96
C GLN C 59 -42.76 3.22 -56.49
N PRO C 60 -41.76 3.09 -55.59
CA PRO C 60 -41.98 3.53 -54.21
C PRO C 60 -42.42 4.98 -54.08
N ILE C 61 -41.81 5.88 -54.86
CA ILE C 61 -42.17 7.29 -54.76
C ILE C 61 -43.58 7.51 -55.28
N GLN C 62 -43.95 6.85 -56.37
CA GLN C 62 -45.32 6.98 -56.86
C GLN C 62 -46.30 6.57 -55.77
N GLU C 63 -46.06 5.40 -55.15
CA GLU C 63 -46.94 4.94 -54.08
C GLU C 63 -46.93 5.92 -52.92
N PHE C 64 -45.74 6.45 -52.59
CA PHE C 64 -45.62 7.49 -51.57
C PHE C 64 -46.49 8.70 -51.93
N LYS C 65 -46.36 9.21 -53.16
CA LYS C 65 -47.18 10.36 -53.57
C LYS C 65 -48.65 10.02 -53.59
N ALA C 66 -48.99 8.79 -54.05
CA ALA C 66 -50.38 8.36 -54.02
C ALA C 66 -50.96 8.40 -52.60
N PHE C 67 -50.16 7.97 -51.61
CA PHE C 67 -50.62 7.97 -50.23
C PHE C 67 -50.87 9.39 -49.73
N ILE C 68 -49.94 10.30 -49.99
CA ILE C 68 -50.11 11.68 -49.56
C ILE C 68 -51.39 12.26 -50.13
N GLU C 69 -51.71 11.93 -51.39
CA GLU C 69 -52.93 12.45 -52.00
C GLU C 69 -54.16 11.61 -51.64
N SER C 70 -53.99 10.33 -51.29
CA SER C 70 -55.16 9.53 -50.92
C SER C 70 -55.67 9.89 -49.52
N ASP C 71 -54.81 10.34 -48.61
CA ASP C 71 -55.20 10.67 -47.23
C ASP C 71 -55.49 12.16 -47.13
N PRO C 72 -56.73 12.57 -46.84
CA PRO C 72 -57.01 14.02 -46.87
C PRO C 72 -56.26 14.80 -45.81
N VAL C 73 -56.09 14.22 -44.62
CA VAL C 73 -55.36 14.88 -43.55
C VAL C 73 -53.89 15.05 -43.92
N VAL C 74 -53.27 13.97 -44.39
CA VAL C 74 -51.85 14.03 -44.77
C VAL C 74 -51.67 14.98 -45.94
N HIS C 75 -52.66 15.05 -46.83
CA HIS C 75 -52.55 15.91 -48.00
C HIS C 75 -52.51 17.37 -47.60
N GLN C 76 -53.38 17.80 -46.69
CA GLN C 76 -53.35 19.19 -46.27
C GLN C 76 -52.03 19.53 -45.58
N GLU C 77 -51.50 18.58 -44.80
CA GLU C 77 -50.24 18.83 -44.11
C GLU C 77 -49.09 19.00 -45.11
N PHE C 78 -49.12 18.24 -46.20
CA PHE C 78 -48.07 18.36 -47.22
C PHE C 78 -48.28 19.58 -48.13
N ILE C 79 -49.39 20.29 -47.97
CA ILE C 79 -49.59 21.58 -48.63
C ILE C 79 -49.14 22.69 -47.68
N ASP C 80 -49.76 22.75 -46.49
CA ASP C 80 -49.48 23.80 -45.51
C ASP C 80 -48.01 23.88 -45.13
N MET C 81 -47.31 22.75 -45.06
CA MET C 81 -45.92 22.77 -44.63
C MET C 81 -45.01 23.48 -45.63
N PHE C 82 -45.40 23.54 -46.91
CA PHE C 82 -44.63 24.24 -47.92
C PHE C 82 -45.05 25.68 -48.09
N GLU C 83 -45.83 26.21 -47.16
CA GLU C 83 -46.34 27.56 -47.33
C GLU C 83 -45.19 28.56 -47.27
N GLY C 84 -45.20 29.52 -48.19
CA GLY C 84 -44.18 30.56 -48.20
C GLY C 84 -42.78 30.09 -48.55
N ILE C 85 -42.59 28.80 -48.83
CA ILE C 85 -41.27 28.27 -49.10
C ILE C 85 -40.83 28.66 -50.51
N GLN C 86 -39.63 29.23 -50.62
CA GLN C 86 -39.12 29.81 -51.86
C GLN C 86 -38.14 28.91 -52.61
N ASP C 87 -37.26 28.21 -51.91
CA ASP C 87 -36.24 27.42 -52.55
C ASP C 87 -36.68 25.96 -52.61
N SER C 88 -36.05 25.17 -53.53
CA SER C 88 -36.51 23.80 -53.80
C SER C 88 -36.10 22.84 -52.68
N PRO C 89 -37.02 21.94 -52.25
CA PRO C 89 -38.40 21.71 -52.73
C PRO C 89 -39.38 22.79 -52.32
N ARG C 90 -40.23 23.23 -53.25
CA ARG C 90 -41.29 24.19 -52.96
C ARG C 90 -42.65 23.55 -52.78
N ASN C 91 -42.80 22.26 -53.13
CA ASN C 91 -44.05 21.54 -52.98
C ASN C 91 -43.72 20.07 -52.91
N TYR C 92 -44.73 19.26 -52.52
CA TYR C 92 -44.47 17.83 -52.34
C TYR C 92 -44.22 17.12 -53.67
N GLN C 93 -44.71 17.67 -54.78
CA GLN C 93 -44.29 17.15 -56.07
C GLN C 93 -42.78 17.33 -56.27
N GLU C 94 -42.26 18.53 -55.98
CA GLU C 94 -40.82 18.75 -56.03
C GLU C 94 -40.07 17.89 -55.03
N LEU C 95 -40.70 17.58 -53.89
CA LEU C 95 -40.09 16.70 -52.90
C LEU C 95 -39.87 15.30 -53.46
N CYS C 96 -40.90 14.75 -54.09
CA CYS C 96 -40.78 13.40 -54.62
C CYS C 96 -39.72 13.34 -55.72
N ASN C 97 -39.65 14.38 -56.55
CA ASN C 97 -38.67 14.39 -57.65
C ASN C 97 -37.26 14.44 -57.10
N MET C 98 -37.05 15.21 -56.03
CA MET C 98 -35.73 15.25 -55.41
C MET C 98 -35.41 13.94 -54.68
N PHE C 99 -36.41 13.34 -54.02
CA PHE C 99 -36.26 11.97 -53.52
C PHE C 99 -35.82 11.04 -54.65
N ASN C 100 -36.42 11.18 -55.82
CA ASN C 100 -36.08 10.34 -56.95
C ASN C 100 -34.61 10.50 -57.34
N ASP C 101 -34.07 11.71 -57.30
CA ASP C 101 -32.65 11.90 -57.59
C ASP C 101 -31.76 11.33 -56.49
N ILE C 102 -32.10 11.61 -55.23
CA ILE C 102 -31.27 11.20 -54.10
C ILE C 102 -31.17 9.69 -54.03
N PHE C 103 -32.31 8.99 -54.18
CA PHE C 103 -32.37 7.54 -53.98
C PHE C 103 -31.71 6.75 -55.11
N ARG C 104 -31.27 7.40 -56.19
CA ARG C 104 -30.49 6.76 -57.23
C ARG C 104 -28.99 7.07 -57.10
N LYS C 105 -28.60 7.88 -56.12
CA LYS C 105 -27.23 8.30 -55.90
C LYS C 105 -26.82 7.97 -54.47
N ALA C 106 -25.51 7.96 -54.21
CA ALA C 106 -25.01 7.77 -52.86
C ALA C 106 -24.67 9.11 -52.23
N PRO C 107 -24.53 9.16 -50.90
CA PRO C 107 -24.21 10.44 -50.24
C PRO C 107 -22.78 10.89 -50.49
N VAL C 108 -22.56 12.21 -50.40
CA VAL C 108 -21.23 12.78 -50.55
C VAL C 108 -20.91 13.57 -49.30
N TYR C 109 -19.64 13.98 -49.19
CA TYR C 109 -19.15 14.67 -48.00
C TYR C 109 -19.26 16.18 -48.16
N GLY C 110 -19.69 16.86 -47.10
CA GLY C 110 -19.75 18.31 -47.14
C GLY C 110 -20.76 18.90 -46.19
N ASP C 111 -21.99 18.42 -46.23
CA ASP C 111 -23.03 18.99 -45.38
C ASP C 111 -22.96 18.37 -43.98
N LEU C 112 -23.67 19.00 -43.04
CA LEU C 112 -23.64 18.57 -41.65
C LEU C 112 -24.53 17.37 -41.40
N GLY C 113 -25.47 17.09 -42.28
CA GLY C 113 -26.30 15.93 -42.18
C GLY C 113 -26.56 15.31 -43.54
N PRO C 114 -27.18 14.14 -43.57
CA PRO C 114 -27.37 13.40 -44.82
C PRO C 114 -28.35 14.12 -45.74
N PRO C 115 -28.46 13.71 -47.00
CA PRO C 115 -29.14 14.57 -47.98
C PRO C 115 -30.64 14.66 -47.81
N VAL C 116 -31.31 13.67 -47.22
CA VAL C 116 -32.77 13.81 -47.04
C VAL C 116 -33.08 14.77 -45.90
N TYR C 117 -32.32 14.69 -44.80
CA TYR C 117 -32.43 15.70 -43.74
C TYR C 117 -32.24 17.11 -44.27
N MET C 118 -31.24 17.30 -45.15
CA MET C 118 -30.91 18.63 -45.67
C MET C 118 -32.10 19.29 -46.32
N ILE C 119 -32.78 18.57 -47.22
CA ILE C 119 -33.96 19.12 -47.87
C ILE C 119 -35.23 19.01 -47.05
N MET C 120 -35.23 18.22 -45.97
CA MET C 120 -36.41 18.08 -45.13
C MET C 120 -36.39 18.98 -43.90
N ALA C 121 -35.24 19.58 -43.57
CA ALA C 121 -35.11 20.34 -42.32
C ALA C 121 -36.13 21.47 -42.22
N LYS C 122 -36.33 22.23 -43.30
CA LYS C 122 -37.25 23.37 -43.20
C LYS C 122 -38.68 22.89 -42.95
N LEU C 123 -39.06 21.76 -43.56
CA LEU C 123 -40.38 21.16 -43.35
C LEU C 123 -40.55 20.66 -41.92
N MET C 124 -39.48 20.10 -41.34
CA MET C 124 -39.51 19.60 -39.98
C MET C 124 -39.72 20.72 -38.98
N ASN C 125 -39.34 21.92 -39.36
CA ASN C 125 -39.47 23.09 -38.53
C ASN C 125 -40.82 23.79 -38.68
N THR C 126 -41.85 23.08 -39.15
CA THR C 126 -43.21 23.59 -39.23
C THR C 126 -44.15 22.69 -38.44
N ARG C 127 -45.25 23.27 -37.94
CA ARG C 127 -46.20 22.46 -37.20
C ARG C 127 -46.87 21.45 -38.12
N ALA C 128 -47.08 21.81 -39.38
CA ALA C 128 -47.71 20.88 -40.31
C ALA C 128 -46.79 19.72 -40.62
N GLY C 129 -45.49 20.02 -40.80
CA GLY C 129 -44.51 18.96 -40.95
C GLY C 129 -44.41 18.05 -39.74
N PHE C 130 -44.26 18.64 -38.55
CA PHE C 130 -44.21 17.84 -37.33
C PHE C 130 -45.42 16.92 -37.20
N SER C 131 -46.61 17.44 -37.53
CA SER C 131 -47.83 16.64 -37.52
C SER C 131 -47.72 15.47 -38.49
N ALA C 132 -47.41 15.78 -39.75
CA ALA C 132 -47.29 14.74 -40.77
C ALA C 132 -46.20 13.74 -40.39
N PHE C 133 -45.06 14.25 -39.90
CA PHE C 133 -43.91 13.41 -39.63
C PHE C 133 -44.07 12.61 -38.34
N THR C 134 -45.20 12.72 -37.66
CA THR C 134 -45.51 11.86 -36.52
C THR C 134 -46.80 11.08 -36.76
N ARG C 135 -47.11 10.78 -38.02
CA ARG C 135 -48.18 9.85 -38.34
C ARG C 135 -47.55 8.52 -38.74
N GLN C 136 -47.88 7.44 -38.01
CA GLN C 136 -47.22 6.16 -38.27
C GLN C 136 -47.49 5.60 -39.66
N ARG C 137 -48.60 5.98 -40.32
CA ARG C 137 -48.84 5.46 -41.67
C ARG C 137 -47.90 6.11 -42.69
N LEU C 138 -47.65 7.41 -42.54
CA LEU C 138 -46.65 8.08 -43.38
C LEU C 138 -45.25 7.54 -43.12
N ASN C 139 -44.90 7.29 -41.86
CA ASN C 139 -43.58 6.76 -41.57
C ASN C 139 -43.39 5.36 -42.11
N LEU C 140 -44.47 4.58 -42.26
CA LEU C 140 -44.36 3.29 -42.96
C LEU C 140 -43.95 3.45 -44.41
N HIS C 141 -44.33 4.57 -45.03
CA HIS C 141 -43.94 4.88 -46.40
C HIS C 141 -42.50 5.38 -46.47
N PHE C 142 -42.09 6.22 -45.51
CA PHE C 142 -40.68 6.62 -45.42
C PHE C 142 -39.78 5.40 -45.30
N LYS C 143 -40.20 4.42 -44.48
CA LYS C 143 -39.37 3.24 -44.26
C LYS C 143 -39.14 2.50 -45.57
N LYS C 144 -40.21 2.33 -46.35
CA LYS C 144 -40.06 1.68 -47.64
C LYS C 144 -39.13 2.47 -48.55
N LEU C 145 -39.26 3.80 -48.56
CA LEU C 145 -38.39 4.63 -49.38
C LEU C 145 -36.92 4.40 -49.04
N PHE C 146 -36.58 4.48 -47.75
CA PHE C 146 -35.18 4.43 -47.34
C PHE C 146 -34.62 3.02 -47.45
N ASP C 147 -35.45 2.00 -47.18
CA ASP C 147 -35.01 0.62 -47.40
C ASP C 147 -34.63 0.40 -48.86
N THR C 148 -35.41 0.98 -49.78
CA THR C 148 -35.13 0.84 -51.20
C THR C 148 -33.83 1.55 -51.55
N TRP C 149 -33.66 2.78 -51.06
CA TRP C 149 -32.40 3.50 -51.22
C TRP C 149 -31.23 2.69 -50.66
N GLY C 150 -31.44 2.04 -49.51
CA GLY C 150 -30.37 1.27 -48.91
C GLY C 150 -29.94 0.10 -49.78
N LEU C 151 -30.88 -0.48 -50.54
CA LEU C 151 -30.50 -1.48 -51.53
C LEU C 151 -29.46 -0.92 -52.49
N PHE C 152 -29.64 0.31 -52.94
CA PHE C 152 -28.64 0.90 -53.82
C PHE C 152 -27.32 1.16 -53.09
N LEU C 153 -27.39 1.59 -51.83
CA LEU C 153 -26.15 1.87 -51.10
C LEU C 153 -25.37 0.61 -50.74
N SER C 154 -25.94 -0.57 -50.92
CA SER C 154 -25.24 -1.85 -50.77
C SER C 154 -24.71 -2.40 -52.09
N SER C 155 -25.11 -1.80 -53.20
CA SER C 155 -24.75 -2.31 -54.51
C SER C 155 -23.43 -1.72 -54.98
N LYS C 156 -22.81 -2.40 -55.95
CA LYS C 156 -21.52 -1.95 -56.46
C LYS C 156 -21.61 -0.54 -57.04
N ASP C 157 -22.78 -0.16 -57.56
CA ASP C 157 -22.91 1.15 -58.18
C ASP C 157 -22.78 2.31 -57.19
N SER C 158 -22.88 2.08 -55.88
CA SER C 158 -22.73 3.18 -54.94
C SER C 158 -21.28 3.57 -54.71
N ARG C 159 -20.33 2.86 -55.33
CA ARG C 159 -18.92 3.19 -55.15
C ARG C 159 -18.51 4.47 -55.86
N ASN C 160 -19.37 5.01 -56.72
CA ASN C 160 -19.00 6.22 -57.44
C ASN C 160 -18.63 7.37 -56.52
N VAL C 161 -19.02 7.32 -55.24
CA VAL C 161 -18.68 8.39 -54.32
C VAL C 161 -17.44 8.10 -53.52
N LEU C 162 -16.80 6.94 -53.72
CA LEU C 162 -15.58 6.59 -53.01
C LEU C 162 -14.37 6.99 -53.87
N VAL C 163 -14.28 8.30 -54.09
CA VAL C 163 -13.36 8.90 -55.04
C VAL C 163 -12.75 10.14 -54.38
N ALA C 164 -11.74 10.72 -55.04
CA ALA C 164 -11.09 11.89 -54.48
C ALA C 164 -11.61 13.20 -55.06
N ASP C 165 -12.46 13.12 -56.07
CA ASP C 165 -12.92 14.29 -56.81
C ASP C 165 -13.66 15.27 -55.92
N GLN C 166 -13.63 16.55 -56.31
CA GLN C 166 -14.47 17.57 -55.71
C GLN C 166 -15.65 17.85 -56.65
N PHE C 167 -16.87 17.63 -56.17
CA PHE C 167 -18.03 17.71 -57.06
C PHE C 167 -18.57 19.12 -57.24
N ASP C 168 -18.46 19.96 -56.23
CA ASP C 168 -18.79 21.39 -56.33
C ASP C 168 -18.02 22.13 -55.24
N ASP C 169 -18.39 23.39 -55.00
CA ASP C 169 -17.61 24.18 -54.04
C ASP C 169 -17.79 23.72 -52.60
N ARG C 170 -18.86 22.95 -52.30
CA ARG C 170 -19.16 22.53 -50.93
C ARG C 170 -19.08 21.03 -50.71
N HIS C 171 -18.85 20.22 -51.73
CA HIS C 171 -18.97 18.76 -51.60
C HIS C 171 -17.87 18.08 -52.39
N CYS C 172 -17.48 16.90 -51.90
CA CYS C 172 -16.44 16.08 -52.51
C CYS C 172 -16.66 14.64 -52.09
N GLY C 173 -15.94 13.71 -52.77
CA GLY C 173 -16.06 12.30 -52.47
C GLY C 173 -15.27 11.89 -51.24
N TRP C 174 -15.58 10.68 -50.74
CA TRP C 174 -15.09 10.26 -49.42
C TRP C 174 -13.61 9.90 -49.41
N LEU C 175 -13.00 9.63 -50.56
CA LEU C 175 -11.57 9.38 -50.63
C LEU C 175 -10.76 10.66 -50.90
N ASN C 176 -11.38 11.83 -50.79
CA ASN C 176 -10.70 13.11 -50.90
C ASN C 176 -10.02 13.45 -49.57
N GLU C 177 -8.80 13.99 -49.65
CA GLU C 177 -7.99 14.15 -48.44
C GLU C 177 -8.73 14.94 -47.37
N ARG C 178 -9.50 15.94 -47.78
CA ARG C 178 -10.35 16.68 -46.84
C ARG C 178 -11.28 15.76 -46.07
N ALA C 179 -11.98 14.87 -46.78
CA ALA C 179 -12.88 13.93 -46.10
C ALA C 179 -12.09 12.91 -45.30
N LEU C 180 -10.98 12.42 -45.84
CA LEU C 180 -10.14 11.46 -45.12
C LEU C 180 -9.66 12.05 -43.80
N SER C 181 -9.12 13.27 -43.85
CA SER C 181 -8.67 13.94 -42.63
C SER C 181 -9.81 14.14 -41.65
N ALA C 182 -10.99 14.54 -42.14
CA ALA C 182 -12.12 14.76 -41.24
C ALA C 182 -12.48 13.48 -40.48
N MET C 183 -12.38 12.33 -41.14
CA MET C 183 -12.79 11.07 -40.53
C MET C 183 -11.77 10.50 -39.55
N VAL C 184 -10.52 11.02 -39.53
CA VAL C 184 -9.51 10.56 -38.60
C VAL C 184 -9.03 11.68 -37.67
N LYS C 185 -9.86 12.71 -37.45
CA LYS C 185 -9.44 13.81 -36.58
C LYS C 185 -9.25 13.37 -35.13
N HIS C 186 -9.99 12.37 -34.67
CA HIS C 186 -9.85 11.89 -33.29
C HIS C 186 -8.92 10.68 -33.20
N TYR C 187 -7.99 10.51 -34.16
CA TYR C 187 -7.14 9.33 -34.21
C TYR C 187 -5.64 9.67 -34.20
N ASN C 188 -5.29 10.87 -33.74
CA ASN C 188 -3.94 11.17 -33.26
C ASN C 188 -2.89 10.97 -34.35
N GLY C 189 -3.10 11.60 -35.50
CA GLY C 189 -2.14 11.53 -36.57
C GLY C 189 -2.11 10.25 -37.38
N ARG C 190 -2.81 9.19 -36.98
CA ARG C 190 -2.91 8.03 -37.86
C ARG C 190 -3.83 8.33 -39.04
N ALA C 191 -3.53 7.73 -40.19
CA ALA C 191 -4.28 7.98 -41.42
C ALA C 191 -5.43 6.97 -41.60
N PHE C 192 -6.35 7.33 -42.51
CA PHE C 192 -7.57 6.54 -42.71
C PHE C 192 -7.25 5.07 -42.98
N ASP C 193 -6.32 4.81 -43.91
CA ASP C 193 -5.90 3.44 -44.23
C ASP C 193 -5.12 2.74 -43.10
N GLU C 194 -4.61 3.50 -42.13
CA GLU C 194 -4.04 2.87 -40.93
C GLU C 194 -5.10 2.52 -39.88
N VAL C 195 -6.12 3.38 -39.72
CA VAL C 195 -7.14 3.15 -38.69
C VAL C 195 -8.15 2.12 -39.17
N PHE C 196 -8.50 2.17 -40.45
CA PHE C 196 -9.62 1.43 -40.99
C PHE C 196 -9.14 0.35 -41.94
N LEU C 197 -9.86 -0.78 -41.94
CA LEU C 197 -9.50 -1.91 -42.79
C LEU C 197 -9.93 -1.61 -44.22
N CYS C 198 -8.95 -1.35 -45.07
CA CYS C 198 -9.14 -1.05 -46.49
C CYS C 198 -7.83 -1.34 -47.22
N ASP C 199 -7.83 -1.13 -48.53
CA ASP C 199 -6.61 -1.19 -49.35
C ASP C 199 -6.46 0.13 -50.08
N LYS C 200 -5.51 0.96 -49.64
CA LYS C 200 -5.37 2.29 -50.21
C LYS C 200 -4.89 2.28 -51.66
N ASN C 201 -4.40 1.15 -52.16
CA ASN C 201 -3.93 1.07 -53.54
C ASN C 201 -4.99 0.58 -54.52
N ALA C 202 -6.08 0.01 -54.03
CA ALA C 202 -7.17 -0.48 -54.88
C ALA C 202 -8.16 0.66 -55.15
N PRO C 203 -8.90 0.58 -56.27
CA PRO C 203 -9.98 1.55 -56.49
C PRO C 203 -10.99 1.49 -55.35
N TYR C 204 -11.52 2.66 -54.98
CA TYR C 204 -12.53 2.78 -53.93
C TYR C 204 -11.99 2.30 -52.58
N TYR C 205 -10.68 2.26 -52.45
CA TYR C 205 -10.00 1.70 -51.28
C TYR C 205 -10.40 0.26 -51.02
N GLY C 206 -11.02 -0.38 -52.02
CA GLY C 206 -11.40 -1.76 -51.91
C GLY C 206 -12.77 -2.00 -51.31
N PHE C 207 -13.51 -0.95 -50.95
CA PHE C 207 -14.87 -1.11 -50.44
C PHE C 207 -15.81 -1.54 -51.57
N ASN C 208 -16.71 -2.50 -51.26
CA ASN C 208 -17.64 -2.99 -52.27
C ASN C 208 -18.81 -2.06 -52.53
N SER C 209 -19.11 -1.15 -51.61
CA SER C 209 -20.31 -0.32 -51.70
C SER C 209 -20.17 0.86 -50.75
N TYR C 210 -21.12 1.78 -50.83
CA TYR C 210 -21.13 2.87 -49.87
C TYR C 210 -21.39 2.35 -48.46
N ASP C 211 -22.35 1.42 -48.32
CA ASP C 211 -22.61 0.86 -47.00
C ASP C 211 -21.37 0.18 -46.45
N ASP C 212 -20.57 -0.43 -47.32
CA ASP C 212 -19.35 -1.12 -46.89
C ASP C 212 -18.36 -0.12 -46.30
N PHE C 213 -18.25 1.06 -46.92
CA PHE C 213 -17.42 2.14 -46.40
C PHE C 213 -18.04 2.75 -45.14
N PHE C 214 -19.35 3.04 -45.20
CA PHE C 214 -20.06 3.56 -44.04
C PHE C 214 -19.81 2.71 -42.79
N ASN C 215 -19.74 1.39 -42.96
CA ASN C 215 -19.51 0.47 -41.85
C ASN C 215 -18.14 -0.15 -41.88
N ARG C 216 -17.14 0.65 -42.26
CA ARG C 216 -15.75 0.22 -42.23
C ARG C 216 -15.36 -0.26 -40.83
N ARG C 217 -14.48 -1.25 -40.78
CA ARG C 217 -13.98 -1.83 -39.54
C ARG C 217 -12.62 -1.22 -39.17
N PHE C 218 -12.26 -1.38 -37.90
CA PHE C 218 -10.92 -0.99 -37.44
C PHE C 218 -9.92 -2.05 -37.86
N ARG C 219 -8.82 -1.60 -38.47
CA ARG C 219 -7.72 -2.51 -38.81
C ARG C 219 -7.15 -3.18 -37.57
N ASN C 220 -6.94 -2.40 -36.50
CA ASN C 220 -6.44 -2.95 -35.24
C ASN C 220 -6.93 -2.07 -34.08
N ARG C 221 -8.10 -2.42 -33.56
CA ARG C 221 -8.68 -1.67 -32.45
C ARG C 221 -7.72 -1.59 -31.27
N ASP C 222 -6.85 -2.60 -31.08
CA ASP C 222 -5.96 -2.57 -29.93
C ASP C 222 -4.99 -1.41 -30.01
N ILE C 223 -4.78 -0.86 -31.20
CA ILE C 223 -3.97 0.34 -31.33
C ILE C 223 -4.86 1.56 -31.18
N ASP C 224 -5.91 1.67 -31.99
CA ASP C 224 -6.61 2.93 -32.17
C ASP C 224 -7.73 3.17 -31.16
N ARG C 225 -8.46 2.13 -30.77
CA ARG C 225 -9.61 2.29 -29.88
C ARG C 225 -9.55 1.16 -28.87
N PRO C 226 -8.57 1.19 -27.97
CA PRO C 226 -8.37 0.06 -27.06
C PRO C 226 -9.56 -0.17 -26.14
N VAL C 227 -9.72 -1.42 -25.73
CA VAL C 227 -10.67 -1.71 -24.67
C VAL C 227 -9.99 -1.39 -23.34
N VAL C 228 -10.20 -0.16 -22.85
CA VAL C 228 -9.42 0.33 -21.71
C VAL C 228 -9.61 -0.60 -20.51
N GLY C 229 -8.49 -1.01 -19.90
CA GLY C 229 -8.45 -1.87 -18.74
C GLY C 229 -8.41 -3.36 -19.05
N GLY C 230 -8.68 -3.75 -20.28
CA GLY C 230 -8.68 -5.15 -20.63
C GLY C 230 -10.05 -5.79 -20.48
N VAL C 231 -10.31 -6.78 -21.33
CA VAL C 231 -11.58 -7.50 -21.33
C VAL C 231 -11.82 -8.19 -20.00
N ASN C 232 -10.76 -8.59 -19.30
CA ASN C 232 -10.92 -9.36 -18.07
C ASN C 232 -11.34 -8.52 -16.87
N ASN C 233 -11.24 -7.20 -16.96
CA ASN C 233 -11.77 -6.33 -15.92
C ASN C 233 -13.25 -6.15 -16.16
N THR C 234 -14.08 -6.87 -15.40
CA THR C 234 -15.52 -6.86 -15.60
C THR C 234 -16.21 -5.75 -14.83
N THR C 235 -15.45 -4.85 -14.21
CA THR C 235 -16.01 -3.72 -13.47
C THR C 235 -16.20 -2.49 -14.34
N LEU C 236 -15.87 -2.58 -15.61
CA LEU C 236 -15.91 -1.44 -16.52
C LEU C 236 -17.04 -1.60 -17.55
N ILE C 237 -17.63 -0.47 -17.92
CA ILE C 237 -18.60 -0.39 -19.00
C ILE C 237 -18.05 0.52 -20.11
N SER C 238 -18.00 0.00 -21.33
CA SER C 238 -17.40 0.71 -22.45
C SER C 238 -18.43 1.41 -23.31
N ALA C 239 -17.97 2.45 -24.00
CA ALA C 239 -18.79 3.15 -24.97
C ALA C 239 -19.14 2.24 -26.13
N ALA C 240 -20.44 2.14 -26.46
CA ALA C 240 -20.87 1.27 -27.56
C ALA C 240 -20.65 1.90 -28.93
N CYS C 241 -20.51 3.22 -28.99
CA CYS C 241 -20.42 3.92 -30.26
C CYS C 241 -19.36 4.99 -30.17
N GLU C 242 -18.66 5.20 -31.29
CA GLU C 242 -17.86 6.40 -31.48
C GLU C 242 -18.81 7.59 -31.59
N SER C 243 -18.75 8.51 -30.63
CA SER C 243 -19.76 9.56 -30.62
C SER C 243 -19.24 10.77 -29.88
N LEU C 244 -20.11 11.79 -29.80
CA LEU C 244 -20.04 12.88 -28.83
C LEU C 244 -21.14 12.70 -27.80
N SER C 245 -20.84 13.02 -26.54
CA SER C 245 -21.87 13.00 -25.51
C SER C 245 -22.95 14.03 -25.84
N TYR C 246 -24.21 13.68 -25.56
CA TYR C 246 -25.33 14.58 -25.75
C TYR C 246 -26.11 14.87 -24.48
N ASN C 247 -26.26 13.91 -23.57
CA ASN C 247 -27.08 14.05 -22.37
C ASN C 247 -26.78 12.91 -21.40
N VAL C 248 -26.74 13.26 -20.11
CA VAL C 248 -26.80 12.27 -19.04
C VAL C 248 -27.99 12.59 -18.15
N SER C 249 -28.82 11.59 -17.89
CA SER C 249 -30.00 11.80 -17.06
C SER C 249 -30.02 10.81 -15.91
N TYR C 250 -30.34 11.31 -14.72
CA TYR C 250 -30.47 10.50 -13.52
C TYR C 250 -31.93 10.42 -13.08
N ASP C 251 -32.23 9.37 -12.32
CA ASP C 251 -33.56 9.14 -11.76
C ASP C 251 -34.64 9.11 -12.85
N VAL C 252 -34.39 8.32 -13.89
CA VAL C 252 -35.29 8.31 -15.04
C VAL C 252 -36.60 7.61 -14.67
N GLN C 253 -37.68 8.07 -15.27
CA GLN C 253 -39.02 7.59 -14.92
C GLN C 253 -39.84 7.37 -16.18
N SER C 254 -41.08 6.93 -15.99
CA SER C 254 -42.04 6.82 -17.09
C SER C 254 -43.07 7.92 -16.98
N LEU C 255 -43.38 8.57 -18.11
CA LEU C 255 -44.42 9.59 -18.17
C LEU C 255 -45.57 9.13 -19.06
N ASP C 256 -46.78 9.57 -18.71
CA ASP C 256 -47.93 9.19 -19.51
C ASP C 256 -47.98 9.96 -20.83
N THR C 257 -47.42 11.17 -20.85
CA THR C 257 -47.33 11.99 -22.04
C THR C 257 -46.00 12.69 -22.07
N LEU C 258 -45.47 12.91 -23.27
CA LEU C 258 -44.27 13.70 -23.47
C LEU C 258 -44.58 15.18 -23.68
N VAL C 259 -45.86 15.57 -23.57
CA VAL C 259 -46.27 16.95 -23.80
C VAL C 259 -45.64 17.86 -22.77
N PHE C 260 -45.15 19.01 -23.26
CA PHE C 260 -44.15 19.80 -22.56
C PHE C 260 -43.01 18.82 -22.35
N LYS C 261 -42.57 18.61 -21.11
CA LYS C 261 -41.61 17.56 -20.75
C LYS C 261 -40.65 17.23 -21.92
N GLY C 262 -40.11 18.29 -22.50
CA GLY C 262 -39.33 18.19 -23.75
C GLY C 262 -37.86 18.17 -23.49
N GLU C 263 -37.18 17.20 -24.11
CA GLU C 263 -35.86 16.73 -23.71
C GLU C 263 -35.92 16.10 -22.31
N THR C 264 -36.88 15.18 -22.16
CA THR C 264 -36.93 14.22 -21.06
C THR C 264 -37.09 12.83 -21.64
N TYR C 265 -36.47 11.85 -21.00
CA TYR C 265 -36.78 10.47 -21.30
C TYR C 265 -38.08 10.08 -20.65
N SER C 266 -38.83 9.21 -21.33
CA SER C 266 -39.91 8.45 -20.71
C SER C 266 -39.60 6.98 -20.91
N LEU C 267 -39.39 6.25 -19.80
CA LEU C 267 -38.88 4.90 -19.91
C LEU C 267 -39.81 4.02 -20.72
N LYS C 268 -41.12 4.07 -20.44
CA LYS C 268 -42.07 3.21 -21.12
C LYS C 268 -42.13 3.53 -22.62
N HIS C 269 -41.91 4.79 -22.98
CA HIS C 269 -41.80 5.17 -24.39
C HIS C 269 -40.52 4.62 -25.00
N LEU C 270 -39.37 5.05 -24.46
CA LEU C 270 -38.07 4.60 -24.95
C LEU C 270 -37.97 3.08 -25.03
N LEU C 271 -38.44 2.37 -24.00
CA LEU C 271 -38.32 0.92 -24.01
C LEU C 271 -39.54 0.23 -24.63
N ASN C 272 -40.37 0.97 -25.36
CA ASN C 272 -41.56 0.41 -26.03
C ASN C 272 -42.40 -0.45 -25.08
N ASN C 273 -42.54 0.00 -23.83
CA ASN C 273 -43.35 -0.66 -22.81
C ASN C 273 -42.85 -2.07 -22.51
N ASP C 274 -41.53 -2.27 -22.58
CA ASP C 274 -40.98 -3.59 -22.36
C ASP C 274 -41.34 -4.10 -20.96
N PRO C 275 -41.56 -5.40 -20.81
CA PRO C 275 -41.64 -6.00 -19.46
C PRO C 275 -40.50 -5.59 -18.54
N PHE C 276 -39.30 -5.35 -19.07
CA PHE C 276 -38.15 -5.02 -18.23
C PHE C 276 -38.18 -3.60 -17.72
N THR C 277 -39.04 -2.74 -18.29
CA THR C 277 -39.01 -1.30 -18.01
C THR C 277 -38.96 -0.95 -16.53
N PRO C 278 -39.77 -1.55 -15.63
CA PRO C 278 -39.74 -1.12 -14.22
C PRO C 278 -38.38 -1.28 -13.57
N GLN C 279 -37.59 -2.25 -14.05
CA GLN C 279 -36.27 -2.47 -13.47
C GLN C 279 -35.34 -1.28 -13.63
N PHE C 280 -35.66 -0.37 -14.56
CA PHE C 280 -34.79 0.76 -14.82
C PHE C 280 -35.39 2.03 -14.26
N GLU C 281 -36.51 1.92 -13.57
CA GLU C 281 -37.04 3.06 -12.84
C GLU C 281 -36.03 3.54 -11.81
N HIS C 282 -35.78 4.85 -11.83
CA HIS C 282 -34.85 5.58 -10.99
C HIS C 282 -33.42 5.36 -11.47
N GLY C 283 -33.23 4.71 -12.63
CA GLY C 283 -31.90 4.50 -13.17
C GLY C 283 -31.31 5.74 -13.82
N SER C 284 -30.29 5.51 -14.63
CA SER C 284 -29.60 6.61 -15.31
C SER C 284 -29.34 6.23 -16.75
N ILE C 285 -29.21 7.25 -17.60
CA ILE C 285 -29.05 7.07 -19.04
C ILE C 285 -27.99 8.05 -19.56
N LEU C 286 -27.11 7.54 -20.42
CA LEU C 286 -26.07 8.31 -21.11
C LEU C 286 -26.31 8.18 -22.61
N GLN C 287 -26.32 9.31 -23.32
CA GLN C 287 -26.67 9.32 -24.74
C GLN C 287 -25.62 10.05 -25.55
N GLY C 288 -25.23 9.46 -26.67
CA GLY C 288 -24.31 10.08 -27.60
C GLY C 288 -24.85 10.32 -29.01
N PHE C 289 -24.17 11.20 -29.75
CA PHE C 289 -24.51 11.59 -31.11
C PHE C 289 -23.36 11.22 -32.04
N LEU C 290 -23.68 10.48 -33.10
CA LEU C 290 -22.74 10.11 -34.15
C LEU C 290 -22.96 11.06 -35.33
N ASN C 291 -21.98 11.94 -35.59
CA ASN C 291 -22.05 12.84 -36.73
C ASN C 291 -21.55 12.13 -37.99
N VAL C 292 -21.31 12.91 -39.05
CA VAL C 292 -20.97 12.37 -40.36
C VAL C 292 -19.64 11.61 -40.33
N THR C 293 -18.62 12.17 -39.66
CA THR C 293 -17.27 11.63 -39.58
C THR C 293 -17.11 10.46 -38.59
N ALA C 294 -18.19 9.90 -38.06
CA ALA C 294 -18.05 8.90 -37.00
C ALA C 294 -18.18 7.49 -37.56
N TYR C 295 -17.33 6.61 -37.04
CA TYR C 295 -17.48 5.16 -37.14
C TYR C 295 -18.88 4.74 -36.70
N HIS C 296 -19.46 3.77 -37.42
CA HIS C 296 -20.89 3.51 -37.31
C HIS C 296 -21.24 2.13 -36.76
N ARG C 297 -20.28 1.37 -36.24
CA ARG C 297 -20.64 0.08 -35.69
C ARG C 297 -20.84 0.18 -34.19
N TRP C 298 -21.48 -0.85 -33.62
CA TRP C 298 -21.74 -0.95 -32.19
C TRP C 298 -20.80 -1.98 -31.59
N HIS C 299 -20.17 -1.64 -30.46
CA HIS C 299 -19.36 -2.58 -29.70
C HIS C 299 -20.02 -2.91 -28.37
N ALA C 300 -19.70 -4.08 -27.83
CA ALA C 300 -20.32 -4.52 -26.58
C ALA C 300 -19.81 -3.67 -25.42
N PRO C 301 -20.69 -3.08 -24.63
CA PRO C 301 -20.24 -2.30 -23.48
C PRO C 301 -19.73 -3.14 -22.34
N VAL C 302 -20.07 -4.43 -22.28
CA VAL C 302 -19.71 -5.27 -21.15
C VAL C 302 -19.46 -6.68 -21.66
N ASN C 303 -18.74 -7.49 -20.86
CA ASN C 303 -18.81 -8.94 -21.01
C ASN C 303 -20.17 -9.39 -20.51
N GLY C 304 -20.92 -10.09 -21.35
CA GLY C 304 -22.30 -10.36 -21.01
C GLY C 304 -23.01 -11.21 -22.03
N THR C 305 -24.29 -11.44 -21.73
CA THR C 305 -25.16 -12.31 -22.50
C THR C 305 -26.27 -11.44 -23.08
N ILE C 306 -26.55 -11.63 -24.36
CA ILE C 306 -27.65 -10.90 -24.99
C ILE C 306 -28.96 -11.54 -24.54
N VAL C 307 -29.85 -10.75 -23.95
CA VAL C 307 -31.11 -11.24 -23.43
C VAL C 307 -32.23 -11.09 -24.44
N LYS C 308 -32.44 -9.89 -24.94
CA LYS C 308 -33.58 -9.60 -25.80
C LYS C 308 -33.23 -8.47 -26.76
N ILE C 309 -33.71 -8.59 -27.99
CA ILE C 309 -33.51 -7.58 -29.03
C ILE C 309 -34.87 -7.25 -29.62
N ILE C 310 -35.30 -5.98 -29.50
CA ILE C 310 -36.57 -5.53 -30.01
C ILE C 310 -36.33 -4.37 -30.99
N ASN C 311 -36.86 -4.53 -32.21
CA ASN C 311 -36.91 -3.45 -33.21
C ASN C 311 -38.27 -2.77 -33.13
N VAL C 312 -38.27 -1.44 -33.10
CA VAL C 312 -39.44 -0.64 -32.76
C VAL C 312 -39.69 0.39 -33.86
N PRO C 313 -40.75 0.28 -34.64
CA PRO C 313 -41.02 1.31 -35.66
C PRO C 313 -41.31 2.65 -35.00
N GLY C 314 -40.91 3.72 -35.69
CA GLY C 314 -41.11 5.04 -35.15
C GLY C 314 -40.80 6.16 -36.12
N THR C 315 -40.26 7.26 -35.63
CA THR C 315 -40.20 8.48 -36.43
C THR C 315 -38.86 8.60 -37.14
N TYR C 316 -38.87 9.44 -38.17
CA TYR C 316 -37.67 9.76 -38.92
C TYR C 316 -37.36 11.24 -38.91
N PHE C 317 -38.38 12.11 -38.88
CA PHE C 317 -38.19 13.54 -39.07
C PHE C 317 -38.87 14.35 -37.98
N ALA C 318 -39.09 13.78 -36.80
CA ALA C 318 -39.78 14.48 -35.72
C ALA C 318 -38.74 15.13 -34.80
N GLN C 319 -38.76 16.46 -34.74
CA GLN C 319 -37.94 17.21 -33.80
C GLN C 319 -38.78 17.51 -32.56
N ALA C 320 -38.17 18.15 -31.57
CA ALA C 320 -38.89 18.51 -30.37
C ALA C 320 -39.98 19.53 -30.67
N PRO C 321 -41.17 19.38 -30.11
CA PRO C 321 -42.25 20.35 -30.40
C PRO C 321 -41.92 21.74 -29.92
N SER C 322 -41.21 21.87 -28.79
CA SER C 322 -40.78 23.18 -28.31
C SER C 322 -39.92 23.91 -29.34
N THR C 323 -39.11 23.17 -30.12
CA THR C 323 -38.18 23.82 -31.02
C THR C 323 -38.79 24.25 -32.34
N ILE C 324 -40.09 24.03 -32.55
CA ILE C 324 -40.69 24.33 -33.84
C ILE C 324 -40.76 25.85 -34.04
N GLY C 325 -40.10 26.32 -35.09
CA GLY C 325 -39.94 27.74 -35.35
C GLY C 325 -38.55 28.29 -35.08
N ASP C 326 -37.67 27.51 -34.44
CA ASP C 326 -36.32 27.98 -34.13
C ASP C 326 -35.50 28.08 -35.42
N PRO C 327 -34.49 28.97 -35.47
CA PRO C 327 -33.66 29.08 -36.68
C PRO C 327 -32.76 27.86 -36.91
N ILE C 328 -32.36 27.68 -38.18
CA ILE C 328 -31.44 26.61 -38.62
C ILE C 328 -30.11 27.22 -39.20
N TYR C 333 -23.88 27.98 -38.04
CA TYR C 333 -23.03 27.00 -37.37
C TYR C 333 -23.53 26.53 -35.96
N ASP C 334 -24.58 27.16 -35.42
CA ASP C 334 -25.18 26.67 -34.17
C ASP C 334 -25.96 25.40 -34.48
N PRO C 335 -26.23 24.54 -33.48
CA PRO C 335 -26.94 23.30 -33.76
C PRO C 335 -28.37 23.57 -34.23
N PRO C 336 -28.79 22.91 -35.30
CA PRO C 336 -30.17 23.04 -35.78
C PRO C 336 -31.15 22.41 -34.79
N PRO C 337 -32.43 22.79 -34.85
CA PRO C 337 -33.40 22.29 -33.85
C PRO C 337 -33.49 20.76 -33.78
N TYR C 338 -33.32 20.05 -34.90
CA TYR C 338 -33.32 18.58 -34.88
C TYR C 338 -32.18 18.02 -34.04
N LEU C 339 -30.98 18.60 -34.16
CA LEU C 339 -29.86 18.19 -33.33
C LEU C 339 -29.97 18.72 -31.90
N LYS C 340 -31.02 19.47 -31.58
CA LYS C 340 -31.36 19.77 -30.19
C LYS C 340 -32.54 18.94 -29.68
N SER C 341 -32.92 17.86 -30.37
CA SER C 341 -34.09 17.07 -30.05
C SER C 341 -33.78 15.63 -29.66
N LEU C 342 -32.51 15.26 -29.55
CA LEU C 342 -32.13 13.85 -29.51
C LEU C 342 -32.76 13.11 -28.32
N VAL C 343 -32.84 13.74 -27.15
CA VAL C 343 -33.51 13.10 -26.01
C VAL C 343 -35.00 12.90 -26.31
N TYR C 344 -35.65 13.94 -26.85
CA TYR C 344 -37.07 13.86 -27.17
C TYR C 344 -37.33 12.69 -28.11
N PHE C 345 -36.65 12.66 -29.25
CA PHE C 345 -37.06 11.64 -30.20
C PHE C 345 -36.45 10.28 -29.91
N SER C 346 -35.54 10.18 -28.94
CA SER C 346 -35.19 8.87 -28.42
C SER C 346 -36.42 8.11 -27.94
N ASN C 347 -37.48 8.83 -27.55
CA ASN C 347 -38.70 8.19 -27.07
C ASN C 347 -39.55 7.59 -28.20
N ILE C 348 -39.37 8.03 -29.46
CA ILE C 348 -40.38 7.80 -30.49
C ILE C 348 -39.77 7.48 -31.86
N ALA C 349 -38.46 7.69 -32.01
CA ALA C 349 -37.83 7.43 -33.29
C ALA C 349 -37.74 5.92 -33.55
N ALA C 350 -37.63 5.57 -34.83
CA ALA C 350 -37.31 4.20 -35.22
C ALA C 350 -36.02 3.76 -34.54
N ARG C 351 -36.07 2.66 -33.80
CA ARG C 351 -34.97 2.31 -32.90
C ARG C 351 -34.93 0.81 -32.65
N GLN C 352 -33.80 0.36 -32.09
CA GLN C 352 -33.66 -1.00 -31.59
C GLN C 352 -33.26 -0.95 -30.12
N ILE C 353 -33.99 -1.70 -29.29
CA ILE C 353 -33.66 -1.90 -27.87
C ILE C 353 -32.96 -3.26 -27.71
N MET C 354 -31.79 -3.25 -27.04
CA MET C 354 -31.01 -4.45 -26.78
C MET C 354 -30.74 -4.56 -25.29
N PHE C 355 -31.22 -5.65 -24.68
CA PHE C 355 -31.03 -5.90 -23.26
C PHE C 355 -29.92 -6.92 -23.07
N ILE C 356 -29.03 -6.64 -22.12
CA ILE C 356 -27.84 -7.45 -21.89
C ILE C 356 -27.67 -7.68 -20.39
N GLU C 357 -27.36 -8.92 -20.01
CA GLU C 357 -26.99 -9.27 -18.65
C GLU C 357 -25.47 -9.25 -18.56
N ALA C 358 -24.92 -8.24 -17.87
CA ALA C 358 -23.48 -8.22 -17.63
C ALA C 358 -23.05 -9.44 -16.83
N ASP C 359 -21.89 -9.99 -17.18
CA ASP C 359 -21.35 -11.12 -16.44
C ASP C 359 -21.10 -10.75 -14.98
N ASN C 360 -20.71 -9.50 -14.72
CA ASN C 360 -20.58 -9.03 -13.35
C ASN C 360 -21.97 -8.78 -12.78
N LYS C 361 -22.33 -9.53 -11.72
CA LYS C 361 -23.65 -9.34 -11.15
C LYS C 361 -23.85 -7.96 -10.54
N GLU C 362 -22.78 -7.24 -10.24
CA GLU C 362 -22.94 -5.88 -9.71
C GLU C 362 -23.40 -4.89 -10.76
N ILE C 363 -23.20 -5.22 -12.03
CA ILE C 363 -23.72 -4.41 -13.12
C ILE C 363 -25.10 -4.90 -13.54
N GLY C 364 -25.25 -6.21 -13.70
CA GLY C 364 -26.55 -6.80 -13.97
C GLY C 364 -27.11 -6.41 -15.33
N LEU C 365 -28.43 -6.28 -15.36
CA LEU C 365 -29.16 -6.04 -16.61
C LEU C 365 -28.99 -4.58 -16.99
N ILE C 366 -28.49 -4.34 -18.20
CA ILE C 366 -28.39 -3.01 -18.78
C ILE C 366 -29.19 -3.03 -20.07
N PHE C 367 -29.52 -1.83 -20.56
CA PHE C 367 -30.08 -1.74 -21.89
C PHE C 367 -29.23 -0.84 -22.78
N LEU C 368 -29.42 -1.04 -24.09
CA LEU C 368 -28.82 -0.24 -25.14
C LEU C 368 -29.95 0.10 -26.10
N VAL C 369 -30.04 1.37 -26.50
CA VAL C 369 -31.01 1.78 -27.50
C VAL C 369 -30.23 2.47 -28.63
N PHE C 370 -30.27 1.88 -29.82
CA PHE C 370 -29.66 2.46 -31.01
C PHE C 370 -30.78 3.18 -31.73
N ILE C 371 -30.65 4.50 -31.83
CA ILE C 371 -31.74 5.39 -32.23
C ILE C 371 -31.44 5.94 -33.62
N GLY C 372 -32.43 5.85 -34.52
CA GLY C 372 -32.27 6.38 -35.86
C GLY C 372 -32.39 7.89 -35.94
N MET C 373 -31.80 8.46 -36.99
CA MET C 373 -31.97 9.86 -37.33
C MET C 373 -32.20 9.94 -38.83
N THR C 374 -33.33 10.52 -39.25
CA THR C 374 -33.78 10.60 -40.63
C THR C 374 -33.49 9.31 -41.39
N GLU C 375 -32.76 9.38 -42.51
CA GLU C 375 -32.56 8.23 -43.37
C GLU C 375 -31.55 7.23 -42.83
N ILE C 376 -30.79 7.57 -41.79
CA ILE C 376 -29.89 6.62 -41.14
C ILE C 376 -30.59 6.06 -39.91
N SER C 377 -31.57 5.19 -40.15
CA SER C 377 -32.41 4.70 -39.06
C SER C 377 -32.56 3.18 -39.09
N THR C 378 -31.80 2.48 -39.92
CA THR C 378 -31.81 1.02 -39.92
C THR C 378 -30.81 0.52 -38.88
N CYS C 379 -31.28 -0.27 -37.92
CA CYS C 379 -30.47 -0.79 -36.83
C CYS C 379 -30.37 -2.31 -36.98
N GLU C 380 -29.21 -2.80 -37.39
CA GLU C 380 -28.99 -4.22 -37.61
C GLU C 380 -28.17 -4.82 -36.48
N ALA C 381 -28.80 -5.70 -35.70
CA ALA C 381 -28.06 -6.51 -34.75
C ALA C 381 -27.31 -7.62 -35.49
N THR C 382 -26.03 -7.80 -35.18
CA THR C 382 -25.32 -8.97 -35.69
C THR C 382 -25.03 -9.96 -34.59
N VAL C 383 -25.73 -9.86 -33.46
CA VAL C 383 -25.65 -10.84 -32.39
C VAL C 383 -27.05 -11.42 -32.19
N SER C 384 -27.12 -12.50 -31.45
CA SER C 384 -28.38 -13.20 -31.28
C SER C 384 -28.71 -13.30 -29.80
N GLU C 385 -30.00 -13.36 -29.50
CA GLU C 385 -30.42 -13.55 -28.12
C GLU C 385 -29.86 -14.87 -27.61
N GLY C 386 -29.23 -14.81 -26.44
CA GLY C 386 -28.56 -15.96 -25.86
C GLY C 386 -27.07 -15.99 -26.08
N GLN C 387 -26.54 -15.18 -27.00
CA GLN C 387 -25.13 -15.26 -27.32
C GLN C 387 -24.34 -14.51 -26.24
N HIS C 388 -23.11 -14.97 -26.01
CA HIS C 388 -22.20 -14.29 -25.09
C HIS C 388 -21.21 -13.44 -25.86
N VAL C 389 -20.97 -12.22 -25.38
CA VAL C 389 -20.02 -11.31 -25.99
C VAL C 389 -19.08 -10.78 -24.94
N ASN C 390 -17.92 -10.33 -25.39
CA ASN C 390 -16.99 -9.59 -24.54
C ASN C 390 -17.06 -8.10 -24.85
N ARG C 391 -16.83 -7.29 -23.81
CA ARG C 391 -16.62 -5.86 -23.98
C ARG C 391 -15.69 -5.60 -25.17
N GLY C 392 -16.19 -4.88 -26.16
CA GLY C 392 -15.44 -4.51 -27.33
C GLY C 392 -15.80 -5.27 -28.58
N ASP C 393 -16.54 -6.36 -28.46
CA ASP C 393 -16.97 -7.15 -29.60
C ASP C 393 -18.00 -6.39 -30.43
N ASP C 394 -18.11 -6.78 -31.72
CA ASP C 394 -19.15 -6.26 -32.59
C ASP C 394 -20.53 -6.63 -32.09
N LEU C 395 -21.40 -5.61 -31.96
CA LEU C 395 -22.80 -5.82 -31.59
C LEU C 395 -23.75 -5.64 -32.78
N GLY C 396 -23.39 -4.80 -33.72
CA GLY C 396 -24.23 -4.47 -34.85
C GLY C 396 -23.77 -3.17 -35.44
N MET C 397 -24.62 -2.59 -36.30
CA MET C 397 -24.28 -1.35 -36.98
C MET C 397 -25.53 -0.62 -37.44
N PHE C 398 -25.32 0.66 -37.74
CA PHE C 398 -26.29 1.47 -38.44
C PHE C 398 -26.13 1.27 -39.96
N HIS C 399 -27.22 1.54 -40.67
CA HIS C 399 -27.25 1.59 -42.13
C HIS C 399 -28.18 2.72 -42.53
N PHE C 400 -27.97 3.28 -43.71
CA PHE C 400 -29.04 4.04 -44.34
C PHE C 400 -30.21 3.10 -44.61
N GLY C 401 -31.43 3.61 -44.45
CA GLY C 401 -32.62 2.79 -44.53
C GLY C 401 -33.63 3.13 -43.46
N GLY C 402 -34.80 2.51 -43.51
CA GLY C 402 -35.87 2.80 -42.56
C GLY C 402 -35.83 2.01 -41.27
N LEU D 57 -12.17 -20.87 55.35
CA LEU D 57 -12.83 -19.56 55.31
C LEU D 57 -12.74 -18.92 56.67
N MET D 58 -12.32 -17.67 56.72
CA MET D 58 -12.23 -16.92 57.96
C MET D 58 -13.59 -16.87 58.64
N GLN D 59 -13.56 -16.96 59.98
CA GLN D 59 -14.80 -16.90 60.76
C GLN D 59 -15.63 -15.67 60.44
N PRO D 60 -15.07 -14.46 60.26
CA PRO D 60 -15.94 -13.31 59.93
C PRO D 60 -16.70 -13.51 58.64
N ILE D 61 -16.11 -14.22 57.67
CA ILE D 61 -16.78 -14.49 56.40
C ILE D 61 -17.84 -15.57 56.58
N GLN D 62 -17.55 -16.56 57.44
CA GLN D 62 -18.57 -17.56 57.78
C GLN D 62 -19.80 -16.91 58.40
N GLU D 63 -19.60 -15.94 59.30
CA GLU D 63 -20.73 -15.22 59.88
C GLU D 63 -21.41 -14.34 58.83
N PHE D 64 -20.61 -13.77 57.94
CA PHE D 64 -21.17 -13.01 56.84
C PHE D 64 -22.04 -13.90 55.97
N LYS D 65 -21.51 -15.08 55.61
CA LYS D 65 -22.26 -16.01 54.78
C LYS D 65 -23.49 -16.54 55.52
N ALA D 66 -23.31 -16.93 56.78
CA ALA D 66 -24.44 -17.41 57.57
C ALA D 66 -25.53 -16.34 57.70
N PHE D 67 -25.14 -15.06 57.80
CA PHE D 67 -26.15 -14.01 57.89
C PHE D 67 -26.93 -13.90 56.59
N ILE D 68 -26.21 -13.86 55.45
CA ILE D 68 -26.84 -13.80 54.12
C ILE D 68 -27.93 -14.86 54.00
N GLU D 69 -27.64 -16.08 54.46
CA GLU D 69 -28.59 -17.18 54.38
C GLU D 69 -29.67 -17.13 55.46
N SER D 70 -29.50 -16.29 56.49
CA SER D 70 -30.45 -16.27 57.60
C SER D 70 -31.77 -15.58 57.25
N ASP D 71 -31.81 -14.77 56.19
CA ASP D 71 -33.00 -14.03 55.84
C ASP D 71 -33.33 -14.27 54.37
N PRO D 72 -34.55 -14.70 54.04
CA PRO D 72 -34.89 -14.97 52.63
C PRO D 72 -34.80 -13.75 51.73
N VAL D 73 -35.17 -12.58 52.23
CA VAL D 73 -35.06 -11.38 51.41
C VAL D 73 -33.59 -11.03 51.17
N VAL D 74 -32.77 -11.07 52.22
CA VAL D 74 -31.34 -10.84 52.05
C VAL D 74 -30.74 -11.93 51.17
N HIS D 75 -31.18 -13.17 51.36
CA HIS D 75 -30.67 -14.24 50.52
C HIS D 75 -31.02 -13.99 49.06
N GLN D 76 -32.29 -13.69 48.77
CA GLN D 76 -32.72 -13.42 47.40
C GLN D 76 -31.99 -12.21 46.80
N GLU D 77 -31.62 -11.24 47.63
CA GLU D 77 -30.89 -10.09 47.11
C GLU D 77 -29.50 -10.48 46.64
N PHE D 78 -28.78 -11.24 47.47
CA PHE D 78 -27.48 -11.81 47.13
C PHE D 78 -27.55 -12.87 46.03
N ILE D 79 -28.73 -13.15 45.50
CA ILE D 79 -28.86 -13.89 44.25
C ILE D 79 -29.14 -12.95 43.08
N ASP D 80 -30.10 -12.04 43.27
CA ASP D 80 -30.52 -11.14 42.20
C ASP D 80 -29.42 -10.17 41.78
N MET D 81 -28.49 -9.86 42.67
CA MET D 81 -27.48 -8.87 42.35
C MET D 81 -26.44 -9.41 41.39
N PHE D 82 -26.34 -10.73 41.27
CA PHE D 82 -25.47 -11.37 40.28
C PHE D 82 -26.30 -11.54 39.01
N GLU D 83 -26.05 -10.67 38.05
CA GLU D 83 -27.04 -10.37 37.01
C GLU D 83 -26.81 -11.25 35.79
N GLY D 84 -27.78 -12.14 35.51
CA GLY D 84 -27.66 -13.00 34.36
C GLY D 84 -26.41 -13.84 34.40
N ILE D 85 -25.65 -13.83 33.30
CA ILE D 85 -24.42 -14.61 33.18
C ILE D 85 -23.25 -13.74 33.61
N GLN D 86 -22.38 -14.28 34.45
CA GLN D 86 -21.42 -13.49 35.21
C GLN D 86 -20.05 -14.18 35.22
N ASP D 87 -18.98 -13.36 35.17
CA ASP D 87 -17.64 -13.77 35.55
C ASP D 87 -17.48 -13.76 37.07
N SER D 88 -16.29 -14.13 37.53
CA SER D 88 -16.05 -14.25 38.95
C SER D 88 -15.98 -12.87 39.61
N PRO D 89 -16.73 -12.64 40.72
CA PRO D 89 -17.60 -13.60 41.41
C PRO D 89 -18.94 -13.79 40.72
N ARG D 90 -19.43 -15.01 40.51
CA ARG D 90 -20.74 -15.22 39.89
C ARG D 90 -21.83 -15.55 40.89
N ASN D 91 -21.50 -15.70 42.17
CA ASN D 91 -22.49 -15.94 43.21
C ASN D 91 -21.88 -15.54 44.54
N TYR D 92 -22.72 -15.48 45.58
CA TYR D 92 -22.21 -14.97 46.85
C TYR D 92 -21.24 -15.94 47.49
N GLN D 93 -21.36 -17.24 47.19
CA GLN D 93 -20.35 -18.20 47.62
C GLN D 93 -18.98 -17.85 47.04
N GLU D 94 -18.91 -17.69 45.72
CA GLU D 94 -17.65 -17.28 45.10
C GLU D 94 -17.15 -15.93 45.65
N LEU D 95 -18.06 -14.97 45.86
CA LEU D 95 -17.68 -13.72 46.49
C LEU D 95 -17.11 -13.94 47.90
N CYS D 96 -17.78 -14.78 48.70
CA CYS D 96 -17.21 -15.08 50.01
C CYS D 96 -15.80 -15.64 49.88
N ASN D 97 -15.59 -16.58 48.95
CA ASN D 97 -14.25 -17.15 48.75
C ASN D 97 -13.22 -16.09 48.36
N MET D 98 -13.59 -15.17 47.48
CA MET D 98 -12.63 -14.15 47.03
C MET D 98 -12.31 -13.16 48.14
N PHE D 99 -13.28 -12.88 49.01
CA PHE D 99 -13.02 -12.10 50.22
C PHE D 99 -11.95 -12.78 51.05
N ASN D 100 -12.00 -14.11 51.13
CA ASN D 100 -11.06 -14.86 51.95
C ASN D 100 -9.62 -14.70 51.43
N ASP D 101 -9.45 -14.63 50.11
CA ASP D 101 -8.11 -14.34 49.55
C ASP D 101 -7.72 -12.88 49.79
N ILE D 102 -8.62 -11.93 49.49
CA ILE D 102 -8.30 -10.51 49.59
C ILE D 102 -7.88 -10.15 51.02
N PHE D 103 -8.59 -10.68 52.03
CA PHE D 103 -8.35 -10.31 53.42
C PHE D 103 -7.10 -10.94 54.01
N ARG D 104 -6.31 -11.66 53.19
CA ARG D 104 -5.07 -12.26 53.63
C ARG D 104 -3.85 -11.55 53.07
N LYS D 105 -4.05 -10.68 52.08
CA LYS D 105 -3.02 -9.91 51.41
C LYS D 105 -3.29 -8.43 51.60
N ALA D 106 -2.30 -7.61 51.26
CA ALA D 106 -2.43 -6.17 51.36
C ALA D 106 -2.75 -5.60 49.99
N PRO D 107 -3.20 -4.35 49.91
CA PRO D 107 -3.50 -3.75 48.60
C PRO D 107 -2.23 -3.49 47.79
N VAL D 108 -2.36 -3.56 46.46
CA VAL D 108 -1.25 -3.22 45.56
C VAL D 108 -1.66 -2.04 44.71
N TYR D 109 -0.66 -1.43 44.05
CA TYR D 109 -0.88 -0.28 43.19
C TYR D 109 -1.20 -0.73 41.77
N GLY D 110 -2.18 -0.08 41.14
CA GLY D 110 -2.59 -0.47 39.82
C GLY D 110 -4.04 -0.20 39.44
N ASP D 111 -4.96 -0.28 40.39
CA ASP D 111 -6.38 -0.18 40.08
C ASP D 111 -6.96 1.17 40.51
N LEU D 112 -8.15 1.44 40.02
CA LEU D 112 -8.82 2.70 40.33
C LEU D 112 -9.20 2.79 41.81
N GLY D 113 -9.48 1.64 42.43
CA GLY D 113 -9.99 1.59 43.78
C GLY D 113 -9.43 0.41 44.55
N PRO D 114 -9.58 0.44 45.86
CA PRO D 114 -9.06 -0.66 46.69
C PRO D 114 -9.71 -1.98 46.31
N PRO D 115 -9.10 -3.12 46.68
CA PRO D 115 -9.49 -4.39 46.03
C PRO D 115 -10.92 -4.83 46.30
N VAL D 116 -11.54 -4.44 47.42
CA VAL D 116 -12.90 -4.90 47.67
C VAL D 116 -13.90 -4.13 46.82
N TYR D 117 -13.77 -2.79 46.76
CA TYR D 117 -14.57 -2.03 45.80
C TYR D 117 -14.52 -2.67 44.42
N MET D 118 -13.34 -3.13 44.01
CA MET D 118 -13.11 -3.56 42.63
C MET D 118 -14.05 -4.68 42.24
N ILE D 119 -14.10 -5.76 43.05
CA ILE D 119 -15.01 -6.87 42.77
C ILE D 119 -16.45 -6.63 43.26
N MET D 120 -16.69 -5.60 44.06
CA MET D 120 -18.03 -5.26 44.50
C MET D 120 -18.79 -4.36 43.52
N ALA D 121 -18.09 -3.71 42.59
CA ALA D 121 -18.68 -2.58 41.88
C ALA D 121 -19.81 -3.03 40.97
N LYS D 122 -19.65 -4.16 40.29
CA LYS D 122 -20.77 -4.66 39.50
C LYS D 122 -21.97 -5.01 40.39
N LEU D 123 -21.73 -5.37 41.66
CA LEU D 123 -22.85 -5.65 42.57
C LEU D 123 -23.50 -4.36 43.06
N MET D 124 -22.71 -3.32 43.31
CA MET D 124 -23.29 -2.07 43.78
C MET D 124 -24.20 -1.44 42.73
N ASN D 125 -23.95 -1.75 41.46
CA ASN D 125 -24.68 -1.20 40.33
C ASN D 125 -25.99 -1.92 40.03
N THR D 126 -26.56 -2.56 41.03
CA THR D 126 -27.82 -3.25 40.88
C THR D 126 -28.80 -2.71 41.90
N ARG D 127 -30.07 -2.76 41.54
CA ARG D 127 -31.15 -2.59 42.49
C ARG D 127 -31.00 -3.51 43.70
N ALA D 128 -30.68 -4.79 43.45
CA ALA D 128 -30.60 -5.77 44.52
C ALA D 128 -29.40 -5.53 45.42
N GLY D 129 -28.25 -5.20 44.82
CA GLY D 129 -27.09 -4.87 45.63
C GLY D 129 -27.31 -3.63 46.49
N PHE D 130 -27.73 -2.53 45.86
CA PHE D 130 -28.06 -1.33 46.63
C PHE D 130 -29.03 -1.65 47.76
N SER D 131 -30.04 -2.48 47.49
CA SER D 131 -31.03 -2.80 48.50
C SER D 131 -30.41 -3.58 49.66
N ALA D 132 -29.65 -4.62 49.34
CA ALA D 132 -28.91 -5.35 50.37
C ALA D 132 -28.02 -4.41 51.19
N PHE D 133 -27.18 -3.63 50.50
CA PHE D 133 -26.11 -2.82 51.09
C PHE D 133 -26.62 -1.60 51.83
N THR D 134 -27.92 -1.36 51.86
CA THR D 134 -28.51 -0.30 52.67
C THR D 134 -29.32 -0.88 53.85
N ARG D 135 -28.93 -2.06 54.33
CA ARG D 135 -29.44 -2.64 55.57
C ARG D 135 -28.37 -2.52 56.66
N GLN D 136 -28.74 -1.94 57.79
CA GLN D 136 -27.77 -1.80 58.87
C GLN D 136 -27.31 -3.14 59.41
N ARG D 137 -28.16 -4.18 59.36
CA ARG D 137 -27.76 -5.49 59.83
C ARG D 137 -26.66 -6.10 58.98
N LEU D 138 -26.79 -5.98 57.64
CA LEU D 138 -25.73 -6.45 56.76
C LEU D 138 -24.46 -5.65 56.99
N ASN D 139 -24.60 -4.38 57.31
CA ASN D 139 -23.45 -3.49 57.36
C ASN D 139 -22.65 -3.70 58.63
N LEU D 140 -23.30 -4.20 59.67
CA LEU D 140 -22.57 -4.61 60.87
C LEU D 140 -21.59 -5.74 60.54
N HIS D 141 -21.97 -6.64 59.65
CA HIS D 141 -21.07 -7.73 59.28
C HIS D 141 -19.94 -7.23 58.40
N PHE D 142 -20.22 -6.26 57.53
CA PHE D 142 -19.17 -5.68 56.71
C PHE D 142 -18.13 -5.00 57.59
N LYS D 143 -18.58 -4.37 58.68
CA LYS D 143 -17.67 -3.69 59.59
C LYS D 143 -16.70 -4.68 60.23
N LYS D 144 -17.23 -5.77 60.78
CA LYS D 144 -16.40 -6.82 61.35
C LYS D 144 -15.41 -7.36 60.32
N LEU D 145 -15.83 -7.52 59.08
CA LEU D 145 -14.93 -8.03 58.05
C LEU D 145 -13.73 -7.12 57.88
N PHE D 146 -13.96 -5.81 57.78
CA PHE D 146 -12.89 -4.89 57.44
C PHE D 146 -12.03 -4.57 58.64
N ASP D 147 -12.61 -4.61 59.84
CA ASP D 147 -11.81 -4.51 61.05
C ASP D 147 -10.85 -5.69 61.17
N THR D 148 -11.35 -6.89 60.96
CA THR D 148 -10.49 -8.07 60.91
C THR D 148 -9.36 -7.89 59.91
N TRP D 149 -9.67 -7.41 58.71
CA TRP D 149 -8.64 -7.18 57.70
C TRP D 149 -7.68 -6.10 58.15
N GLY D 150 -8.20 -5.07 58.83
CA GLY D 150 -7.37 -4.00 59.33
C GLY D 150 -6.32 -4.49 60.31
N LEU D 151 -6.61 -5.57 61.03
CA LEU D 151 -5.62 -6.13 61.95
C LEU D 151 -4.41 -6.64 61.20
N PHE D 152 -4.65 -7.43 60.16
CA PHE D 152 -3.55 -7.85 59.30
C PHE D 152 -2.84 -6.63 58.70
N LEU D 153 -3.59 -5.61 58.28
CA LEU D 153 -2.99 -4.45 57.63
C LEU D 153 -2.19 -3.57 58.59
N SER D 154 -2.26 -3.83 59.90
CA SER D 154 -1.40 -3.17 60.89
C SER D 154 -0.26 -4.07 61.35
N SER D 155 -0.12 -5.25 60.77
CA SER D 155 0.91 -6.21 61.13
C SER D 155 2.12 -6.09 60.21
N LYS D 156 3.24 -6.65 60.66
CA LYS D 156 4.46 -6.66 59.87
C LYS D 156 4.30 -7.43 58.56
N ASP D 157 3.50 -8.50 58.56
CA ASP D 157 3.29 -9.31 57.36
C ASP D 157 2.72 -8.51 56.19
N SER D 158 2.01 -7.42 56.45
CA SER D 158 1.49 -6.60 55.37
C SER D 158 2.56 -5.70 54.75
N ARG D 159 3.84 -5.89 55.10
CA ARG D 159 4.89 -5.11 54.46
C ARG D 159 5.24 -5.59 53.06
N ASN D 160 4.94 -6.84 52.70
CA ASN D 160 5.37 -7.44 51.44
C ASN D 160 4.97 -6.61 50.21
N VAL D 161 4.01 -5.69 50.34
CA VAL D 161 3.59 -4.86 49.21
C VAL D 161 4.36 -3.56 49.19
N LEU D 162 5.09 -3.24 50.27
CA LEU D 162 5.97 -2.08 50.33
C LEU D 162 7.31 -2.46 49.69
N VAL D 163 7.25 -2.66 48.37
CA VAL D 163 8.35 -3.19 47.58
C VAL D 163 8.28 -2.50 46.22
N ALA D 164 9.39 -2.57 45.47
CA ALA D 164 9.44 -2.06 44.11
C ALA D 164 8.99 -3.10 43.09
N ASP D 165 8.93 -4.37 43.47
CA ASP D 165 8.64 -5.47 42.54
C ASP D 165 7.30 -5.25 41.85
N GLN D 166 7.21 -5.73 40.61
CA GLN D 166 5.97 -5.65 39.85
C GLN D 166 5.20 -6.96 40.01
N PHE D 167 4.00 -6.88 40.62
CA PHE D 167 3.27 -8.08 41.03
C PHE D 167 2.68 -8.84 39.84
N ASP D 168 2.10 -8.12 38.88
CA ASP D 168 1.72 -8.70 37.59
C ASP D 168 1.75 -7.59 36.55
N ASP D 169 1.15 -7.84 35.37
CA ASP D 169 1.26 -6.89 34.27
C ASP D 169 0.55 -5.57 34.57
N ARG D 170 -0.46 -5.59 35.45
CA ARG D 170 -1.23 -4.39 35.77
C ARG D 170 -0.98 -3.85 37.17
N HIS D 171 -0.17 -4.54 37.99
CA HIS D 171 -0.09 -4.26 39.42
C HIS D 171 1.35 -4.35 39.91
N CYS D 172 1.69 -3.49 40.88
CA CYS D 172 3.04 -3.42 41.42
C CYS D 172 2.99 -2.91 42.86
N GLY D 173 4.13 -3.06 43.55
CA GLY D 173 4.19 -2.62 44.93
C GLY D 173 4.32 -1.11 45.06
N TRP D 174 4.11 -0.63 46.29
CA TRP D 174 4.02 0.80 46.55
C TRP D 174 5.37 1.51 46.48
N LEU D 175 6.48 0.78 46.52
CA LEU D 175 7.80 1.37 46.38
C LEU D 175 8.34 1.28 44.94
N ASN D 176 7.52 0.84 43.99
CA ASN D 176 7.87 0.90 42.58
C ASN D 176 7.82 2.34 42.08
N GLU D 177 8.71 2.65 41.13
CA GLU D 177 8.86 4.02 40.66
C GLU D 177 7.55 4.60 40.12
N ARG D 178 6.69 3.77 39.54
CA ARG D 178 5.44 4.29 39.00
C ARG D 178 4.50 4.71 40.13
N ALA D 179 4.40 3.88 41.18
CA ALA D 179 3.64 4.23 42.37
C ALA D 179 4.25 5.43 43.09
N LEU D 180 5.58 5.42 43.30
CA LEU D 180 6.23 6.55 43.97
C LEU D 180 5.98 7.85 43.24
N SER D 181 6.06 7.83 41.90
CA SER D 181 5.85 9.06 41.13
C SER D 181 4.43 9.58 41.27
N ALA D 182 3.45 8.68 41.14
CA ALA D 182 2.06 9.09 41.29
C ALA D 182 1.79 9.68 42.67
N MET D 183 2.53 9.26 43.69
CA MET D 183 2.25 9.75 45.04
C MET D 183 2.88 11.12 45.29
N VAL D 184 3.90 11.51 44.53
CA VAL D 184 4.51 12.81 44.71
C VAL D 184 4.15 13.77 43.58
N LYS D 185 3.17 13.42 42.74
CA LYS D 185 2.84 14.23 41.58
C LYS D 185 2.55 15.69 41.94
N HIS D 186 2.04 15.96 43.13
CA HIS D 186 1.65 17.32 43.49
C HIS D 186 2.61 17.97 44.47
N TYR D 187 3.84 17.49 44.55
CA TYR D 187 4.78 18.06 45.51
C TYR D 187 5.98 18.70 44.85
N ASN D 188 5.77 19.33 43.69
CA ASN D 188 6.70 20.33 43.16
C ASN D 188 8.10 19.77 42.86
N GLY D 189 8.19 18.51 42.46
CA GLY D 189 9.45 17.93 42.08
C GLY D 189 10.25 17.31 43.20
N ARG D 190 9.80 17.41 44.45
CA ARG D 190 10.47 16.72 45.54
C ARG D 190 10.10 15.25 45.55
N ALA D 191 10.96 14.44 46.16
CA ALA D 191 10.89 12.98 46.11
C ALA D 191 10.16 12.41 47.33
N PHE D 192 9.70 11.16 47.18
CA PHE D 192 8.91 10.49 48.22
C PHE D 192 9.56 10.59 49.59
N ASP D 193 10.83 10.15 49.69
CA ASP D 193 11.55 10.18 50.97
C ASP D 193 11.89 11.59 51.44
N GLU D 194 11.77 12.60 50.58
CA GLU D 194 11.86 13.99 51.04
C GLU D 194 10.55 14.47 51.66
N VAL D 195 9.43 14.23 50.95
CA VAL D 195 8.13 14.70 51.40
C VAL D 195 7.71 13.97 52.68
N PHE D 196 7.91 12.65 52.73
CA PHE D 196 7.35 11.82 53.80
C PHE D 196 8.46 11.26 54.68
N LEU D 197 8.16 11.14 55.97
CA LEU D 197 9.09 10.60 56.94
C LEU D 197 9.20 9.09 56.80
N CYS D 198 10.33 8.63 56.26
CA CYS D 198 10.62 7.23 56.03
C CYS D 198 12.14 7.12 55.94
N ASP D 199 12.63 5.94 55.55
CA ASP D 199 14.06 5.75 55.25
C ASP D 199 14.18 4.99 53.93
N LYS D 200 14.56 5.71 52.87
CA LYS D 200 14.65 5.11 51.54
C LYS D 200 15.69 3.99 51.47
N ASN D 201 16.56 3.88 52.46
CA ASN D 201 17.58 2.84 52.46
C ASN D 201 17.19 1.63 53.29
N ALA D 202 16.21 1.77 54.19
CA ALA D 202 15.68 0.66 54.95
C ALA D 202 14.80 -0.22 54.08
N PRO D 203 14.65 -1.50 54.42
CA PRO D 203 13.64 -2.31 53.76
C PRO D 203 12.26 -1.75 54.08
N TYR D 204 11.36 -1.79 53.10
CA TYR D 204 10.00 -1.29 53.26
C TYR D 204 9.99 0.21 53.52
N TYR D 205 11.05 0.90 53.12
CA TYR D 205 11.30 2.30 53.48
C TYR D 205 11.18 2.53 54.99
N GLY D 206 11.29 1.45 55.79
CA GLY D 206 11.23 1.54 57.23
C GLY D 206 9.85 1.51 57.84
N PHE D 207 8.79 1.40 57.04
CA PHE D 207 7.44 1.34 57.59
C PHE D 207 7.22 0.01 58.30
N ASN D 208 6.43 0.04 59.38
CA ASN D 208 6.15 -1.17 60.16
C ASN D 208 5.06 -2.04 59.56
N SER D 209 4.27 -1.51 58.64
CA SER D 209 3.04 -2.14 58.16
C SER D 209 2.47 -1.32 57.02
N TYR D 210 1.63 -1.97 56.21
CA TYR D 210 0.89 -1.23 55.19
C TYR D 210 0.14 -0.05 55.80
N ASP D 211 -0.49 -0.25 56.96
CA ASP D 211 -1.21 0.87 57.57
C ASP D 211 -0.27 2.02 57.90
N ASP D 212 0.95 1.68 58.34
CA ASP D 212 1.97 2.70 58.63
C ASP D 212 2.37 3.46 57.36
N PHE D 213 2.58 2.76 56.25
CA PHE D 213 2.80 3.46 54.99
C PHE D 213 1.55 4.27 54.57
N PHE D 214 0.37 3.69 54.75
CA PHE D 214 -0.87 4.37 54.35
C PHE D 214 -1.02 5.69 55.08
N ASN D 215 -0.60 5.74 56.33
CA ASN D 215 -0.73 6.95 57.14
C ASN D 215 0.62 7.63 57.34
N ARG D 216 1.46 7.58 56.31
CA ARG D 216 2.76 8.22 56.35
C ARG D 216 2.63 9.70 56.71
N ARG D 217 3.61 10.22 57.45
CA ARG D 217 3.59 11.61 57.89
C ARG D 217 4.50 12.46 57.02
N PHE D 218 4.21 13.76 56.96
CA PHE D 218 5.10 14.71 56.28
C PHE D 218 6.42 14.87 57.04
N ARG D 219 7.53 14.94 56.31
CA ARG D 219 8.81 15.10 56.99
C ARG D 219 8.97 16.55 57.46
N ASN D 220 8.58 17.49 56.62
CA ASN D 220 8.56 18.89 56.99
C ASN D 220 7.42 19.53 56.19
N ARG D 221 6.28 19.72 56.86
CA ARG D 221 5.16 20.32 56.16
C ARG D 221 5.44 21.77 55.85
N ASP D 222 6.26 22.44 56.66
CA ASP D 222 6.58 23.84 56.40
C ASP D 222 7.25 24.04 55.04
N ILE D 223 7.92 23.01 54.51
CA ILE D 223 8.42 23.05 53.13
C ILE D 223 7.35 22.61 52.13
N ASP D 224 6.77 21.42 52.33
CA ASP D 224 5.95 20.77 51.32
C ASP D 224 4.47 21.17 51.37
N ARG D 225 3.89 21.37 52.55
CA ARG D 225 2.45 21.64 52.70
C ARG D 225 2.30 22.73 53.75
N PRO D 226 2.69 23.96 53.41
CA PRO D 226 2.72 25.02 54.42
C PRO D 226 1.32 25.47 54.84
N VAL D 227 1.20 25.77 56.13
CA VAL D 227 -0.03 26.40 56.62
C VAL D 227 -0.07 27.83 56.08
N VAL D 228 -0.71 27.99 54.92
CA VAL D 228 -0.64 29.25 54.17
C VAL D 228 -1.14 30.45 54.99
N GLY D 229 -0.41 31.57 54.90
CA GLY D 229 -0.67 32.76 55.68
C GLY D 229 -0.10 32.77 57.08
N GLY D 230 0.25 31.61 57.62
CA GLY D 230 0.72 31.49 58.97
C GLY D 230 -0.39 31.05 59.92
N VAL D 231 0.00 30.28 60.94
CA VAL D 231 -0.90 29.93 62.03
C VAL D 231 -1.54 31.17 62.65
N ASN D 232 -0.80 32.30 62.67
CA ASN D 232 -1.30 33.52 63.29
C ASN D 232 -2.52 34.11 62.56
N ASN D 233 -2.66 33.83 61.27
CA ASN D 233 -3.78 34.40 60.52
C ASN D 233 -5.01 33.52 60.71
N THR D 234 -5.99 34.03 61.48
CA THR D 234 -7.21 33.26 61.75
C THR D 234 -8.34 33.59 60.78
N THR D 235 -8.13 34.47 59.80
CA THR D 235 -9.13 34.71 58.77
C THR D 235 -9.12 33.65 57.68
N LEU D 236 -8.38 32.57 57.87
CA LEU D 236 -8.15 31.59 56.82
C LEU D 236 -8.51 30.18 57.30
N ILE D 237 -9.22 29.42 56.47
CA ILE D 237 -9.55 28.02 56.74
C ILE D 237 -8.75 27.12 55.80
N SER D 238 -8.04 26.15 56.37
CA SER D 238 -7.17 25.25 55.64
C SER D 238 -7.94 24.02 55.19
N ALA D 239 -7.39 23.37 54.15
CA ALA D 239 -7.89 22.06 53.76
C ALA D 239 -7.55 21.00 54.80
N ALA D 240 -8.55 20.26 55.26
CA ALA D 240 -8.31 19.20 56.23
C ALA D 240 -7.68 17.95 55.61
N CYS D 241 -7.90 17.72 54.32
CA CYS D 241 -7.37 16.53 53.67
C CYS D 241 -6.74 16.91 52.34
N GLU D 242 -5.62 16.27 52.02
CA GLU D 242 -5.07 16.30 50.67
C GLU D 242 -6.04 15.58 49.73
N SER D 243 -6.48 16.25 48.67
CA SER D 243 -7.66 15.73 47.98
C SER D 243 -7.86 16.44 46.65
N LEU D 244 -8.91 16.03 45.96
CA LEU D 244 -9.41 16.71 44.78
C LEU D 244 -10.81 17.23 45.08
N SER D 245 -11.05 18.49 44.70
CA SER D 245 -12.41 19.03 44.65
C SER D 245 -13.41 18.00 44.14
N TYR D 246 -14.48 17.78 44.89
CA TYR D 246 -15.56 16.97 44.34
C TYR D 246 -16.83 17.78 44.17
N ASN D 247 -17.12 18.66 45.11
CA ASN D 247 -18.39 19.39 45.10
C ASN D 247 -18.31 20.53 46.07
N VAL D 248 -18.90 21.64 45.66
CA VAL D 248 -19.30 22.72 46.56
C VAL D 248 -20.80 22.87 46.41
N SER D 249 -21.48 23.11 47.53
CA SER D 249 -22.89 23.44 47.49
C SER D 249 -23.12 24.69 48.33
N TYR D 250 -23.98 25.56 47.83
CA TYR D 250 -24.43 26.71 48.59
C TYR D 250 -25.88 26.52 49.02
N ASP D 251 -26.28 27.25 50.06
CA ASP D 251 -27.65 27.21 50.59
C ASP D 251 -28.11 25.77 50.83
N VAL D 252 -27.44 25.10 51.76
CA VAL D 252 -27.67 23.69 51.99
C VAL D 252 -28.93 23.48 52.83
N GLN D 253 -29.64 22.39 52.53
CA GLN D 253 -30.94 22.11 53.12
C GLN D 253 -30.97 20.67 53.63
N SER D 254 -32.08 20.34 54.30
CA SER D 254 -32.36 18.98 54.73
C SER D 254 -33.44 18.37 53.84
N LEU D 255 -33.35 17.06 53.64
CA LEU D 255 -34.35 16.33 52.88
C LEU D 255 -35.03 15.29 53.76
N ASP D 256 -36.29 15.02 53.44
CA ASP D 256 -37.03 13.99 54.15
C ASP D 256 -36.63 12.61 53.69
N THR D 257 -36.25 12.49 52.43
CA THR D 257 -35.94 11.19 51.88
C THR D 257 -34.87 11.40 50.82
N LEU D 258 -34.13 10.35 50.50
CA LEU D 258 -33.00 10.48 49.59
C LEU D 258 -33.24 9.58 48.38
N VAL D 259 -34.07 10.03 47.44
CA VAL D 259 -34.54 9.08 46.44
C VAL D 259 -34.28 9.59 45.02
N PHE D 260 -34.74 10.79 44.72
CA PHE D 260 -34.69 11.23 43.34
C PHE D 260 -33.86 12.49 43.13
N LYS D 261 -33.25 13.04 44.17
CA LYS D 261 -32.49 14.27 44.03
C LYS D 261 -30.98 14.02 43.89
N GLY D 262 -30.57 12.76 43.72
CA GLY D 262 -29.21 12.42 43.35
C GLY D 262 -28.18 13.00 44.30
N GLU D 263 -27.21 13.73 43.72
CA GLU D 263 -26.16 14.39 44.50
C GLU D 263 -26.73 15.64 45.16
N THR D 264 -27.39 15.45 46.30
CA THR D 264 -27.84 16.57 47.11
C THR D 264 -27.60 16.23 48.57
N TYR D 265 -26.98 17.14 49.32
CA TYR D 265 -26.80 16.86 50.74
C TYR D 265 -28.12 17.00 51.45
N SER D 266 -28.26 16.24 52.52
CA SER D 266 -29.33 16.41 53.50
C SER D 266 -28.65 16.61 54.85
N LEU D 267 -28.73 17.83 55.39
CA LEU D 267 -27.99 18.13 56.61
C LEU D 267 -28.41 17.23 57.76
N LYS D 268 -29.73 17.05 57.93
CA LYS D 268 -30.18 16.20 59.03
C LYS D 268 -29.65 14.78 58.88
N HIS D 269 -29.41 14.32 57.64
CA HIS D 269 -28.80 13.01 57.42
C HIS D 269 -27.29 13.04 57.66
N LEU D 270 -26.56 13.79 56.83
CA LEU D 270 -25.11 13.97 56.99
C LEU D 270 -24.70 14.18 58.44
N LEU D 271 -25.42 15.02 59.17
CA LEU D 271 -25.04 15.37 60.53
C LEU D 271 -25.72 14.52 61.57
N ASN D 272 -26.44 13.49 61.13
CA ASN D 272 -27.08 12.53 62.01
C ASN D 272 -27.97 13.21 63.06
N ASN D 273 -28.80 14.14 62.61
CA ASN D 273 -29.82 14.76 63.47
C ASN D 273 -29.21 15.42 64.71
N ASP D 274 -27.95 15.87 64.59
CA ASP D 274 -27.29 16.51 65.73
C ASP D 274 -28.03 17.77 66.14
N PRO D 275 -28.09 18.07 67.45
CA PRO D 275 -28.63 19.36 67.90
C PRO D 275 -28.11 20.56 67.11
N PHE D 276 -26.84 20.55 66.67
CA PHE D 276 -26.26 21.70 66.00
C PHE D 276 -26.79 21.88 64.59
N THR D 277 -27.47 20.87 64.04
CA THR D 277 -27.81 20.91 62.63
C THR D 277 -28.51 22.18 62.17
N PRO D 278 -29.51 22.73 62.90
CA PRO D 278 -30.20 23.92 62.38
C PRO D 278 -29.28 25.11 62.10
N GLN D 279 -28.16 25.25 62.83
CA GLN D 279 -27.25 26.38 62.57
C GLN D 279 -26.64 26.34 61.18
N PHE D 280 -26.55 25.16 60.58
CA PHE D 280 -25.88 25.00 59.30
C PHE D 280 -26.82 25.09 58.12
N GLU D 281 -28.12 25.20 58.38
CA GLU D 281 -29.09 25.31 57.30
C GLU D 281 -28.92 26.63 56.60
N HIS D 282 -28.95 26.59 55.29
CA HIS D 282 -28.64 27.69 54.39
C HIS D 282 -27.13 27.95 54.29
N GLY D 283 -26.30 27.18 55.00
CA GLY D 283 -24.85 27.30 54.92
C GLY D 283 -24.27 26.77 53.61
N SER D 284 -22.98 26.41 53.66
CA SER D 284 -22.26 26.00 52.47
C SER D 284 -21.37 24.81 52.82
N ILE D 285 -21.06 23.99 51.81
CA ILE D 285 -20.28 22.78 52.04
C ILE D 285 -19.29 22.58 50.90
N LEU D 286 -18.04 22.27 51.26
CA LEU D 286 -17.01 21.82 50.34
C LEU D 286 -16.63 20.38 50.65
N GLN D 287 -16.64 19.53 49.62
CA GLN D 287 -16.27 18.11 49.71
C GLN D 287 -15.07 17.82 48.82
N GLY D 288 -14.12 17.05 49.34
CA GLY D 288 -13.00 16.56 48.57
C GLY D 288 -12.95 15.05 48.51
N PHE D 289 -12.38 14.54 47.42
CA PHE D 289 -12.16 13.11 47.22
C PHE D 289 -10.67 12.79 47.37
N LEU D 290 -10.36 11.78 48.17
CA LEU D 290 -8.99 11.28 48.35
C LEU D 290 -8.86 9.99 47.53
N ASN D 291 -8.04 10.03 46.47
CA ASN D 291 -7.82 8.86 45.63
C ASN D 291 -6.66 8.05 46.18
N VAL D 292 -6.16 7.10 45.39
CA VAL D 292 -5.15 6.16 45.88
C VAL D 292 -3.82 6.86 46.14
N THR D 293 -3.51 7.93 45.39
CA THR D 293 -2.22 8.59 45.52
C THR D 293 -2.11 9.50 46.75
N ALA D 294 -3.12 9.60 47.61
CA ALA D 294 -3.24 10.75 48.51
C ALA D 294 -2.78 10.46 49.94
N TYR D 295 -2.23 11.50 50.55
CA TYR D 295 -2.02 11.54 51.99
C TYR D 295 -3.35 11.38 52.73
N HIS D 296 -3.34 10.59 53.80
CA HIS D 296 -4.58 10.11 54.38
C HIS D 296 -4.83 10.56 55.82
N ARG D 297 -4.08 11.52 56.34
CA ARG D 297 -4.32 12.02 57.69
C ARG D 297 -5.16 13.29 57.62
N TRP D 298 -5.77 13.65 58.76
CA TRP D 298 -6.61 14.83 58.84
C TRP D 298 -5.88 15.94 59.56
N HIS D 299 -6.10 17.18 59.11
CA HIS D 299 -5.44 18.33 59.68
C HIS D 299 -6.48 19.38 60.10
N ALA D 300 -6.19 20.10 61.17
CA ALA D 300 -7.08 21.13 61.68
C ALA D 300 -7.29 22.24 60.64
N PRO D 301 -8.53 22.48 60.20
CA PRO D 301 -8.77 23.58 59.25
C PRO D 301 -8.71 24.97 59.88
N VAL D 302 -8.78 25.08 61.21
CA VAL D 302 -8.79 26.36 61.92
C VAL D 302 -8.04 26.18 63.23
N ASN D 303 -7.60 27.30 63.82
CA ASN D 303 -7.23 27.26 65.23
C ASN D 303 -8.52 27.31 66.04
N GLY D 304 -8.77 26.30 66.85
CA GLY D 304 -9.97 26.33 67.67
C GLY D 304 -10.07 25.10 68.54
N THR D 305 -11.27 24.93 69.10
CA THR D 305 -11.57 23.92 70.11
C THR D 305 -12.45 22.81 69.52
N ILE D 306 -12.10 21.57 69.83
CA ILE D 306 -12.92 20.45 69.41
C ILE D 306 -14.19 20.48 70.26
N VAL D 307 -15.33 20.78 69.63
CA VAL D 307 -16.59 20.84 70.35
C VAL D 307 -17.14 19.43 70.58
N LYS D 308 -17.27 18.64 69.52
CA LYS D 308 -17.94 17.34 69.59
C LYS D 308 -17.42 16.42 68.49
N ILE D 309 -17.32 15.12 68.79
CA ILE D 309 -16.97 14.08 67.82
C ILE D 309 -18.04 12.98 67.85
N ILE D 310 -18.58 12.63 66.69
CA ILE D 310 -19.64 11.62 66.58
C ILE D 310 -19.24 10.61 65.52
N ASN D 311 -19.11 9.35 65.92
CA ASN D 311 -18.92 8.25 64.99
C ASN D 311 -20.29 7.70 64.61
N VAL D 312 -20.59 7.67 63.33
CA VAL D 312 -21.91 7.24 62.86
C VAL D 312 -21.74 5.93 62.10
N PRO D 313 -22.40 4.85 62.49
CA PRO D 313 -22.41 3.66 61.64
C PRO D 313 -23.20 3.96 60.37
N GLY D 314 -22.75 3.37 59.28
CA GLY D 314 -23.53 3.51 58.07
C GLY D 314 -23.15 2.56 56.98
N THR D 315 -23.14 3.07 55.76
CA THR D 315 -22.97 2.21 54.61
C THR D 315 -21.51 2.10 54.23
N TYR D 316 -21.21 1.05 53.48
CA TYR D 316 -19.92 0.85 52.85
C TYR D 316 -20.03 0.78 51.33
N PHE D 317 -21.14 0.27 50.78
CA PHE D 317 -21.23 -0.02 49.35
C PHE D 317 -22.48 0.59 48.71
N ALA D 318 -23.07 1.60 49.33
CA ALA D 318 -24.25 2.24 48.75
C ALA D 318 -23.81 3.34 47.79
N GLN D 319 -24.14 3.19 46.51
CA GLN D 319 -24.02 4.28 45.54
C GLN D 319 -25.37 5.00 45.43
N ALA D 320 -25.41 6.04 44.61
CA ALA D 320 -26.68 6.75 44.45
C ALA D 320 -27.64 5.92 43.60
N PRO D 321 -28.92 5.85 43.99
CA PRO D 321 -29.88 5.06 43.21
C PRO D 321 -30.02 5.52 41.77
N SER D 322 -29.96 6.82 41.52
CA SER D 322 -30.01 7.34 40.16
C SER D 322 -28.84 6.90 39.28
N THR D 323 -27.77 6.34 39.84
CA THR D 323 -26.67 5.88 39.00
C THR D 323 -26.75 4.38 38.72
N ILE D 324 -27.73 3.68 39.30
CA ILE D 324 -27.82 2.25 39.13
C ILE D 324 -28.08 1.93 37.66
N GLY D 325 -27.13 1.23 37.03
CA GLY D 325 -27.19 0.88 35.64
C GLY D 325 -26.20 1.64 34.79
N ASP D 326 -25.64 2.72 35.32
CA ASP D 326 -24.68 3.52 34.60
C ASP D 326 -23.46 2.67 34.25
N PRO D 327 -22.66 3.11 33.27
CA PRO D 327 -21.53 2.29 32.84
C PRO D 327 -20.40 2.29 33.87
N ILE D 328 -19.71 1.17 33.96
CA ILE D 328 -18.46 1.11 34.71
C ILE D 328 -17.35 1.11 33.66
N PRO D 329 -16.72 2.25 33.39
CA PRO D 329 -15.88 2.36 32.19
C PRO D 329 -14.72 1.39 32.21
N ASP D 330 -14.26 1.03 31.02
CA ASP D 330 -13.04 0.23 30.85
C ASP D 330 -11.86 1.14 30.52
N ASN D 331 -11.58 2.05 31.45
CA ASN D 331 -10.53 3.05 31.33
C ASN D 331 -10.43 3.68 32.72
N ASP D 332 -9.45 4.56 32.90
CA ASP D 332 -9.14 5.09 34.22
C ASP D 332 -9.53 6.54 34.41
N TYR D 333 -10.08 7.20 33.39
CA TYR D 333 -10.42 8.61 33.50
C TYR D 333 -11.91 8.86 33.68
N ASP D 334 -12.76 8.06 33.04
CA ASP D 334 -14.21 8.24 33.20
C ASP D 334 -14.67 7.71 34.56
N PRO D 335 -15.49 8.47 35.29
CA PRO D 335 -15.84 8.08 36.67
C PRO D 335 -16.85 6.96 36.69
N PRO D 336 -16.62 5.93 37.50
CA PRO D 336 -17.64 4.89 37.73
C PRO D 336 -18.73 5.41 38.64
N PRO D 337 -19.92 4.79 38.62
CA PRO D 337 -21.06 5.34 39.38
C PRO D 337 -20.82 5.62 40.87
N TYR D 338 -19.97 4.82 41.54
CA TYR D 338 -19.69 5.09 42.95
C TYR D 338 -18.95 6.41 43.12
N LEU D 339 -17.95 6.67 42.26
CA LEU D 339 -17.23 7.92 42.26
C LEU D 339 -18.08 9.09 41.75
N LYS D 340 -19.26 8.83 41.22
CA LYS D 340 -20.21 9.88 40.93
C LYS D 340 -21.24 10.03 42.03
N SER D 341 -21.02 9.41 43.20
CA SER D 341 -22.01 9.33 44.26
C SER D 341 -21.52 9.88 45.59
N LEU D 342 -20.40 10.59 45.60
CA LEU D 342 -19.80 11.01 46.87
C LEU D 342 -20.70 11.99 47.61
N VAL D 343 -21.52 12.75 46.90
CA VAL D 343 -22.45 13.63 47.59
C VAL D 343 -23.62 12.84 48.17
N TYR D 344 -24.15 11.89 47.40
CA TYR D 344 -25.25 11.07 47.90
C TYR D 344 -24.84 10.32 49.17
N PHE D 345 -23.77 9.52 49.11
CA PHE D 345 -23.49 8.66 50.26
C PHE D 345 -22.77 9.37 51.41
N SER D 346 -22.43 10.66 51.30
CA SER D 346 -22.02 11.39 52.49
C SER D 346 -23.12 11.44 53.54
N ASN D 347 -24.39 11.33 53.13
CA ASN D 347 -25.52 11.32 54.05
C ASN D 347 -25.64 10.02 54.84
N ILE D 348 -25.16 8.89 54.31
CA ILE D 348 -25.49 7.58 54.88
C ILE D 348 -24.26 6.71 55.18
N ALA D 349 -23.09 7.13 54.70
CA ALA D 349 -21.90 6.31 54.85
C ALA D 349 -21.41 6.29 56.30
N ALA D 350 -20.80 5.16 56.67
CA ALA D 350 -19.96 5.13 57.85
C ALA D 350 -19.04 6.34 57.87
N ARG D 351 -19.11 7.14 58.94
CA ARG D 351 -18.50 8.46 58.91
C ARG D 351 -18.31 8.98 60.32
N GLN D 352 -17.43 9.99 60.46
CA GLN D 352 -17.20 10.69 61.71
C GLN D 352 -17.47 12.18 61.51
N ILE D 353 -18.32 12.74 62.38
CA ILE D 353 -18.62 14.18 62.38
C ILE D 353 -17.79 14.84 63.47
N MET D 354 -17.14 15.94 63.13
CA MET D 354 -16.35 16.67 64.11
C MET D 354 -16.75 18.14 64.09
N PHE D 355 -17.28 18.63 65.19
CA PHE D 355 -17.64 20.03 65.28
C PHE D 355 -16.50 20.80 65.94
N ILE D 356 -16.14 21.95 65.37
CA ILE D 356 -15.02 22.73 65.85
C ILE D 356 -15.47 24.18 65.98
N GLU D 357 -15.17 24.81 67.12
CA GLU D 357 -15.40 26.25 67.28
C GLU D 357 -14.11 27.00 66.91
N ALA D 358 -14.13 27.74 65.80
CA ALA D 358 -12.98 28.51 65.39
C ALA D 358 -12.74 29.68 66.32
N ASP D 359 -11.46 29.89 66.69
CA ASP D 359 -11.13 31.01 67.57
C ASP D 359 -11.59 32.33 66.96
N ASN D 360 -11.54 32.47 65.64
CA ASN D 360 -12.09 33.67 64.99
C ASN D 360 -13.62 33.55 64.93
N LYS D 361 -14.30 34.46 65.63
CA LYS D 361 -15.74 34.35 65.84
C LYS D 361 -16.54 34.66 64.59
N GLU D 362 -15.96 35.35 63.61
CA GLU D 362 -16.63 35.51 62.32
C GLU D 362 -16.61 34.24 61.49
N ILE D 363 -15.81 33.24 61.90
CA ILE D 363 -15.94 31.88 61.40
C ILE D 363 -16.83 31.04 62.31
N GLY D 364 -16.53 31.05 63.61
CA GLY D 364 -17.40 30.42 64.56
C GLY D 364 -17.41 28.92 64.42
N LEU D 365 -18.56 28.32 64.71
CA LEU D 365 -18.67 26.87 64.67
C LEU D 365 -18.67 26.36 63.23
N ILE D 366 -17.90 25.30 63.01
CA ILE D 366 -17.81 24.62 61.72
C ILE D 366 -17.87 23.12 61.98
N PHE D 367 -18.11 22.36 60.92
CA PHE D 367 -18.13 20.91 61.00
C PHE D 367 -17.25 20.30 59.92
N LEU D 368 -16.70 19.16 60.24
CA LEU D 368 -16.04 18.30 59.27
C LEU D 368 -16.74 16.95 59.33
N VAL D 369 -16.99 16.37 58.17
CA VAL D 369 -17.38 14.96 58.10
C VAL D 369 -16.32 14.22 57.31
N PHE D 370 -15.76 13.19 57.92
CA PHE D 370 -14.85 12.27 57.27
C PHE D 370 -15.65 11.04 56.84
N ILE D 371 -15.69 10.82 55.53
CA ILE D 371 -16.62 9.88 54.91
C ILE D 371 -15.84 8.67 54.42
N GLY D 372 -16.17 7.49 54.96
CA GLY D 372 -15.56 6.27 54.48
C GLY D 372 -16.03 5.91 53.08
N MET D 373 -15.21 5.11 52.40
CA MET D 373 -15.57 4.52 51.13
C MET D 373 -15.09 3.07 51.15
N THR D 374 -16.00 2.18 50.76
CA THR D 374 -15.86 0.72 50.77
C THR D 374 -15.00 0.30 51.97
N GLU D 375 -13.88 -0.38 51.76
CA GLU D 375 -13.06 -0.89 52.86
C GLU D 375 -12.21 0.18 53.52
N ILE D 376 -12.18 1.41 53.00
CA ILE D 376 -11.44 2.45 53.70
C ILE D 376 -12.43 3.34 54.44
N SER D 377 -12.96 2.85 55.55
CA SER D 377 -14.08 3.51 56.18
C SER D 377 -13.88 3.78 57.66
N THR D 378 -12.80 3.29 58.27
CA THR D 378 -12.50 3.62 59.66
C THR D 378 -12.00 5.05 59.75
N CYS D 379 -12.61 5.83 60.64
CA CYS D 379 -12.23 7.23 60.86
C CYS D 379 -11.78 7.33 62.31
N GLU D 380 -10.48 7.51 62.51
CA GLU D 380 -9.90 7.54 63.85
C GLU D 380 -9.53 8.97 64.25
N ALA D 381 -10.12 9.45 65.34
CA ALA D 381 -9.76 10.74 65.89
C ALA D 381 -8.55 10.56 66.79
N THR D 382 -7.55 11.43 66.62
CA THR D 382 -6.45 11.49 67.54
C THR D 382 -6.53 12.70 68.47
N VAL D 383 -7.61 13.49 68.38
CA VAL D 383 -7.87 14.59 69.29
C VAL D 383 -9.09 14.27 70.14
N SER D 384 -9.31 15.07 71.19
CA SER D 384 -10.38 14.85 72.15
C SER D 384 -11.28 16.06 72.22
N GLU D 385 -12.55 15.82 72.58
CA GLU D 385 -13.51 16.91 72.69
C GLU D 385 -13.07 17.92 73.74
N GLY D 386 -13.08 19.20 73.37
CA GLY D 386 -12.61 20.26 74.23
C GLY D 386 -11.16 20.67 74.04
N GLN D 387 -10.36 19.84 73.36
CA GLN D 387 -8.95 20.14 73.13
C GLN D 387 -8.78 21.31 72.16
N HIS D 388 -7.67 22.04 72.33
CA HIS D 388 -7.33 23.08 71.36
C HIS D 388 -6.40 22.53 70.27
N VAL D 389 -6.57 23.04 69.06
CA VAL D 389 -5.76 22.66 67.92
C VAL D 389 -5.41 23.91 67.15
N ASN D 390 -4.28 23.87 66.46
CA ASN D 390 -3.91 24.94 65.53
C ASN D 390 -4.07 24.45 64.10
N ARG D 391 -4.52 25.36 63.24
CA ARG D 391 -4.64 25.09 61.81
C ARG D 391 -3.40 24.37 61.32
N GLY D 392 -3.58 23.14 60.80
CA GLY D 392 -2.49 22.33 60.33
C GLY D 392 -2.16 21.13 61.20
N ASP D 393 -2.57 21.16 62.48
CA ASP D 393 -2.32 20.09 63.43
C ASP D 393 -3.04 18.80 63.03
N ASP D 394 -2.54 17.67 63.54
CA ASP D 394 -3.23 16.41 63.32
C ASP D 394 -4.61 16.44 63.99
N LEU D 395 -5.63 16.01 63.25
CA LEU D 395 -6.95 15.70 63.80
C LEU D 395 -7.21 14.20 63.86
N GLY D 396 -6.56 13.42 63.00
CA GLY D 396 -6.75 11.97 62.96
C GLY D 396 -6.40 11.42 61.59
N MET D 397 -6.99 10.28 61.25
CA MET D 397 -6.69 9.67 59.95
C MET D 397 -7.79 8.69 59.54
N PHE D 398 -7.77 8.35 58.25
CA PHE D 398 -8.49 7.21 57.71
C PHE D 398 -7.66 5.94 57.94
N HIS D 399 -8.35 4.81 58.09
CA HIS D 399 -7.74 3.48 58.07
C HIS D 399 -8.61 2.56 57.22
N PHE D 400 -7.98 1.52 56.70
CA PHE D 400 -8.75 0.40 56.18
C PHE D 400 -9.50 -0.22 57.32
N GLY D 401 -10.82 -0.32 57.20
CA GLY D 401 -11.61 -0.94 58.24
C GLY D 401 -13.04 -0.46 58.14
N GLY D 402 -13.84 -0.93 59.11
CA GLY D 402 -15.25 -0.57 59.20
C GLY D 402 -15.54 0.75 59.89
N LEU E 57 12.39 -12.13 49.83
CA LEU E 57 12.41 -12.74 48.49
C LEU E 57 11.58 -11.92 47.51
N MET E 58 12.13 -11.66 46.32
CA MET E 58 11.37 -10.97 45.27
C MET E 58 10.00 -11.60 45.11
N GLN E 59 9.01 -10.77 44.80
CA GLN E 59 7.64 -11.26 44.62
C GLN E 59 7.57 -12.36 43.56
N PRO E 60 8.13 -12.19 42.34
CA PRO E 60 8.09 -13.28 41.35
C PRO E 60 8.73 -14.56 41.83
N ILE E 61 9.76 -14.48 42.68
CA ILE E 61 10.37 -15.70 43.19
C ILE E 61 9.42 -16.41 44.13
N GLN E 62 8.70 -15.64 44.96
CA GLN E 62 7.78 -16.26 45.91
C GLN E 62 6.57 -16.86 45.19
N GLU E 63 6.14 -16.26 44.08
CA GLU E 63 5.07 -16.87 43.28
C GLU E 63 5.55 -18.16 42.61
N PHE E 64 6.83 -18.20 42.22
CA PHE E 64 7.47 -19.44 41.78
C PHE E 64 7.45 -20.49 42.90
N LYS E 65 7.77 -20.09 44.13
CA LYS E 65 7.84 -21.05 45.23
C LYS E 65 6.47 -21.59 45.59
N ALA E 66 5.45 -20.73 45.54
CA ALA E 66 4.09 -21.19 45.74
C ALA E 66 3.71 -22.23 44.70
N PHE E 67 4.07 -22.00 43.43
CA PHE E 67 3.72 -22.93 42.36
C PHE E 67 4.27 -24.31 42.64
N ILE E 68 5.56 -24.39 43.00
CA ILE E 68 6.16 -25.68 43.34
C ILE E 68 5.35 -26.41 44.39
N GLU E 69 4.69 -25.68 45.29
CA GLU E 69 3.95 -26.29 46.38
C GLU E 69 2.46 -26.42 46.07
N SER E 70 1.98 -25.81 44.99
CA SER E 70 0.56 -25.93 44.64
C SER E 70 0.24 -27.29 44.02
N ASP E 71 1.23 -27.98 43.44
CA ASP E 71 0.99 -29.27 42.83
C ASP E 71 1.89 -30.31 43.48
N PRO E 72 1.33 -31.41 44.00
CA PRO E 72 2.16 -32.42 44.68
C PRO E 72 3.10 -33.14 43.74
N VAL E 73 2.74 -33.29 42.46
CA VAL E 73 3.65 -33.93 41.53
C VAL E 73 4.81 -32.99 41.23
N VAL E 74 4.49 -31.72 40.96
CA VAL E 74 5.53 -30.71 40.78
C VAL E 74 6.40 -30.62 42.03
N HIS E 75 5.76 -30.57 43.20
CA HIS E 75 6.51 -30.49 44.44
C HIS E 75 7.49 -31.65 44.56
N GLN E 76 7.04 -32.87 44.26
CA GLN E 76 7.90 -34.04 44.43
C GLN E 76 9.11 -34.00 43.49
N GLU E 77 8.94 -33.47 42.27
CA GLU E 77 10.06 -33.34 41.34
C GLU E 77 11.13 -32.39 41.87
N PHE E 78 10.70 -31.28 42.47
CA PHE E 78 11.61 -30.33 43.09
C PHE E 78 12.22 -30.83 44.39
N ILE E 79 11.72 -31.94 44.92
CA ILE E 79 12.42 -32.69 45.94
C ILE E 79 13.36 -33.71 45.33
N ASP E 80 12.85 -34.51 44.39
CA ASP E 80 13.66 -35.59 43.83
C ASP E 80 14.81 -35.06 42.97
N MET E 81 14.64 -33.92 42.29
CA MET E 81 15.73 -33.46 41.43
C MET E 81 16.97 -33.05 42.22
N PHE E 82 16.90 -33.01 43.55
CA PHE E 82 18.03 -32.60 44.38
C PHE E 82 18.70 -33.76 45.08
N GLU E 83 18.25 -34.98 44.85
CA GLU E 83 18.79 -36.12 45.56
C GLU E 83 20.30 -36.25 45.32
N GLY E 84 21.05 -36.46 46.41
CA GLY E 84 22.49 -36.58 46.33
C GLY E 84 23.26 -35.28 46.26
N ILE E 85 22.59 -34.15 46.04
CA ILE E 85 23.30 -32.88 45.88
C ILE E 85 23.75 -32.38 47.24
N GLN E 86 25.07 -32.35 47.44
CA GLN E 86 25.66 -31.92 48.70
C GLN E 86 26.07 -30.45 48.71
N ASP E 87 26.27 -29.84 47.54
CA ASP E 87 26.57 -28.43 47.46
C ASP E 87 25.28 -27.62 47.30
N SER E 88 25.43 -26.30 47.14
CA SER E 88 24.24 -25.50 46.96
C SER E 88 23.99 -25.24 45.49
N PRO E 89 22.72 -25.16 45.07
CA PRO E 89 21.50 -25.37 45.89
C PRO E 89 21.29 -26.84 46.25
N ARG E 90 20.92 -27.13 47.50
CA ARG E 90 20.61 -28.48 47.94
C ARG E 90 19.11 -28.73 48.06
N ASN E 91 18.27 -27.73 47.86
CA ASN E 91 16.83 -27.87 47.95
C ASN E 91 16.21 -26.67 47.25
N TYR E 92 14.93 -26.81 46.89
CA TYR E 92 14.27 -25.76 46.13
C TYR E 92 14.17 -24.43 46.89
N GLN E 93 14.34 -24.43 48.21
CA GLN E 93 14.33 -23.16 48.94
C GLN E 93 15.64 -22.41 48.74
N GLU E 94 16.78 -23.09 48.94
CA GLU E 94 18.08 -22.49 48.61
C GLU E 94 18.07 -21.97 47.18
N LEU E 95 17.50 -22.75 46.24
CA LEU E 95 17.42 -22.34 44.84
C LEU E 95 16.74 -20.97 44.74
N CYS E 96 15.59 -20.84 45.37
CA CYS E 96 14.87 -19.56 45.37
C CYS E 96 15.69 -18.45 46.02
N ASN E 97 16.43 -18.79 47.09
CA ASN E 97 17.30 -17.80 47.71
C ASN E 97 18.44 -17.40 46.78
N MET E 98 18.95 -18.36 45.99
CA MET E 98 20.04 -18.02 45.09
C MET E 98 19.53 -17.22 43.91
N PHE E 99 18.34 -17.56 43.42
CA PHE E 99 17.68 -16.74 42.41
C PHE E 99 17.56 -15.31 42.88
N ASN E 100 17.25 -15.12 44.18
CA ASN E 100 17.12 -13.77 44.73
C ASN E 100 18.42 -12.98 44.60
N ASP E 101 19.56 -13.63 44.83
CA ASP E 101 20.82 -12.92 44.71
C ASP E 101 21.21 -12.70 43.25
N ILE E 102 20.96 -13.69 42.38
CA ILE E 102 21.37 -13.58 40.99
C ILE E 102 20.59 -12.48 40.28
N PHE E 103 19.29 -12.42 40.52
CA PHE E 103 18.42 -11.52 39.75
C PHE E 103 18.62 -10.06 40.13
N ARG E 104 19.35 -9.78 41.21
CA ARG E 104 19.71 -8.42 41.60
C ARG E 104 21.06 -7.95 41.05
N LYS E 105 21.80 -8.83 40.37
CA LYS E 105 23.15 -8.56 39.89
C LYS E 105 23.26 -8.79 38.40
N ALA E 106 24.35 -8.33 37.82
CA ALA E 106 24.65 -8.53 36.41
C ALA E 106 25.69 -9.64 36.25
N PRO E 107 25.75 -10.33 35.12
CA PRO E 107 26.68 -11.45 34.98
C PRO E 107 28.13 -11.00 34.80
N VAL E 108 29.02 -11.77 35.40
CA VAL E 108 30.45 -11.52 35.29
C VAL E 108 31.07 -12.57 34.36
N TYR E 109 32.27 -12.28 33.90
CA TYR E 109 32.99 -13.16 32.98
C TYR E 109 33.73 -14.24 33.75
N GLY E 110 33.78 -15.43 33.19
CA GLY E 110 34.60 -16.45 33.83
C GLY E 110 34.07 -17.87 33.80
N ASP E 111 32.77 -18.04 33.97
CA ASP E 111 32.15 -19.35 33.96
C ASP E 111 31.79 -19.78 32.53
N LEU E 112 31.65 -21.10 32.34
CA LEU E 112 31.32 -21.63 31.02
C LEU E 112 29.94 -21.19 30.55
N GLY E 113 29.00 -20.99 31.48
CA GLY E 113 27.67 -20.57 31.12
C GLY E 113 27.16 -19.46 32.02
N PRO E 114 26.00 -18.90 31.69
CA PRO E 114 25.42 -17.82 32.49
C PRO E 114 25.08 -18.32 33.89
N PRO E 115 24.74 -17.41 34.82
CA PRO E 115 24.64 -17.80 36.24
C PRO E 115 23.51 -18.77 36.58
N VAL E 116 22.36 -18.69 35.93
CA VAL E 116 21.29 -19.62 36.27
C VAL E 116 21.60 -21.01 35.75
N TYR E 117 22.03 -21.11 34.49
CA TYR E 117 22.45 -22.40 33.95
C TYR E 117 23.44 -23.08 34.88
N MET E 118 24.42 -22.31 35.38
CA MET E 118 25.47 -22.87 36.23
C MET E 118 24.89 -23.58 37.45
N ILE E 119 23.90 -23.00 38.13
CA ILE E 119 23.37 -23.61 39.34
C ILE E 119 22.15 -24.52 39.09
N MET E 120 21.61 -24.56 37.87
CA MET E 120 20.53 -25.45 37.43
C MET E 120 21.02 -26.76 36.81
N ALA E 121 22.17 -26.75 36.10
CA ALA E 121 22.71 -27.87 35.31
C ALA E 121 22.65 -29.25 36.00
N LYS E 122 23.08 -29.37 37.28
CA LYS E 122 22.94 -30.67 37.96
C LYS E 122 21.48 -31.09 38.09
N LEU E 123 20.52 -30.15 38.18
CA LEU E 123 19.11 -30.52 38.24
C LEU E 123 18.55 -30.82 36.86
N MET E 124 19.07 -30.12 35.85
CA MET E 124 18.67 -30.38 34.47
C MET E 124 19.03 -31.80 34.07
N ASN E 125 20.10 -32.32 34.65
CA ASN E 125 20.59 -33.66 34.36
C ASN E 125 19.92 -34.74 35.22
N THR E 126 18.66 -34.52 35.61
CA THR E 126 17.86 -35.51 36.34
C THR E 126 16.51 -35.66 35.67
N ARG E 127 15.93 -36.85 35.82
CA ARG E 127 14.62 -37.10 35.25
C ARG E 127 13.56 -36.21 35.88
N ALA E 128 13.65 -36.00 37.20
CA ALA E 128 12.70 -35.13 37.87
C ALA E 128 12.82 -33.69 37.37
N GLY E 129 14.05 -33.23 37.17
CA GLY E 129 14.26 -31.90 36.59
C GLY E 129 13.64 -31.76 35.21
N PHE E 130 14.03 -32.65 34.28
CA PHE E 130 13.48 -32.61 32.92
C PHE E 130 11.96 -32.61 32.94
N SER E 131 11.37 -33.41 33.83
CA SER E 131 9.91 -33.49 33.89
C SER E 131 9.30 -32.18 34.38
N ALA E 132 9.87 -31.60 35.44
CA ALA E 132 9.44 -30.28 35.87
C ALA E 132 9.65 -29.24 34.78
N PHE E 133 10.86 -29.21 34.20
CA PHE E 133 11.20 -28.13 33.27
C PHE E 133 10.53 -28.27 31.90
N THR E 134 9.80 -29.36 31.66
CA THR E 134 8.93 -29.45 30.49
C THR E 134 7.45 -29.35 30.87
N ARG E 135 7.15 -28.66 31.97
CA ARG E 135 5.78 -28.28 32.30
C ARG E 135 5.56 -26.86 31.82
N GLN E 136 4.64 -26.70 30.88
CA GLN E 136 4.39 -25.37 30.31
C GLN E 136 4.00 -24.36 31.39
N ARG E 137 3.27 -24.79 32.42
CA ARG E 137 2.91 -23.87 33.50
C ARG E 137 4.13 -23.38 34.27
N LEU E 138 5.07 -24.27 34.63
CA LEU E 138 6.29 -23.83 35.31
C LEU E 138 7.07 -22.83 34.45
N ASN E 139 7.10 -23.05 33.13
CA ASN E 139 7.91 -22.17 32.28
C ASN E 139 7.31 -20.78 32.15
N LEU E 140 6.03 -20.61 32.48
CA LEU E 140 5.51 -19.26 32.67
C LEU E 140 6.26 -18.54 33.78
N HIS E 141 6.53 -19.22 34.89
CA HIS E 141 7.18 -18.57 36.01
C HIS E 141 8.64 -18.26 35.68
N PHE E 142 9.33 -19.18 35.00
CA PHE E 142 10.68 -18.87 34.54
C PHE E 142 10.66 -17.64 33.63
N LYS E 143 9.66 -17.55 32.74
CA LYS E 143 9.58 -16.37 31.89
C LYS E 143 9.47 -15.10 32.72
N LYS E 144 8.65 -15.12 33.77
CA LYS E 144 8.46 -13.93 34.60
C LYS E 144 9.74 -13.57 35.34
N LEU E 145 10.37 -14.58 35.94
CA LEU E 145 11.62 -14.38 36.65
C LEU E 145 12.68 -13.74 35.75
N PHE E 146 12.87 -14.28 34.55
CA PHE E 146 13.94 -13.80 33.70
C PHE E 146 13.59 -12.47 33.08
N ASP E 147 12.31 -12.21 32.82
CA ASP E 147 11.89 -10.88 32.40
C ASP E 147 12.18 -9.84 33.49
N THR E 148 11.85 -10.16 34.73
CA THR E 148 12.21 -9.31 35.87
C THR E 148 13.69 -8.96 35.86
N TRP E 149 14.54 -9.99 35.78
CA TRP E 149 15.98 -9.80 35.70
C TRP E 149 16.37 -8.94 34.50
N GLY E 150 15.65 -9.09 33.40
CA GLY E 150 15.96 -8.28 32.22
C GLY E 150 15.83 -6.80 32.47
N LEU E 151 14.90 -6.41 33.36
CA LEU E 151 14.71 -5.00 33.69
C LEU E 151 15.97 -4.43 34.34
N PHE E 152 16.49 -5.13 35.35
CA PHE E 152 17.75 -4.71 35.97
C PHE E 152 18.84 -4.56 34.92
N LEU E 153 19.08 -5.62 34.14
CA LEU E 153 20.15 -5.63 33.15
C LEU E 153 20.03 -4.55 32.09
N SER E 154 18.88 -3.88 32.02
CA SER E 154 18.70 -2.71 31.16
C SER E 154 18.86 -1.39 31.91
N SER E 155 19.14 -1.43 33.22
CA SER E 155 19.27 -0.23 34.04
C SER E 155 20.74 0.19 34.16
N LYS E 156 20.95 1.41 34.68
CA LYS E 156 22.31 1.94 34.80
C LYS E 156 23.13 1.26 35.90
N ASP E 157 22.45 0.72 36.92
CA ASP E 157 23.10 -0.01 38.00
C ASP E 157 23.71 -1.34 37.55
N SER E 158 23.39 -1.81 36.34
CA SER E 158 24.00 -3.02 35.80
C SER E 158 25.35 -2.74 35.14
N ARG E 159 25.78 -1.49 35.05
CA ARG E 159 27.09 -1.23 34.48
C ARG E 159 28.21 -1.65 35.42
N ASN E 160 27.91 -1.93 36.69
CA ASN E 160 28.93 -2.24 37.68
C ASN E 160 29.78 -3.45 37.33
N VAL E 161 29.42 -4.19 36.27
CA VAL E 161 30.24 -5.30 35.78
C VAL E 161 31.05 -4.92 34.54
N LEU E 162 30.80 -3.76 33.96
CA LEU E 162 31.56 -3.26 32.82
C LEU E 162 32.81 -2.53 33.31
N VAL E 163 33.69 -3.30 33.92
CA VAL E 163 34.88 -2.83 34.60
C VAL E 163 35.99 -3.84 34.33
N ALA E 164 37.21 -3.53 34.78
CA ALA E 164 38.33 -4.46 34.63
C ALA E 164 38.64 -5.24 35.91
N ASP E 165 37.99 -4.91 37.02
CA ASP E 165 38.28 -5.52 38.31
C ASP E 165 38.15 -7.03 38.24
N GLN E 166 38.91 -7.71 39.10
CA GLN E 166 38.86 -9.17 39.24
C GLN E 166 38.07 -9.45 40.53
N PHE E 167 36.89 -10.03 40.37
CA PHE E 167 35.96 -10.12 41.50
C PHE E 167 36.30 -11.26 42.44
N ASP E 168 36.64 -12.43 41.92
CA ASP E 168 37.12 -13.53 42.74
C ASP E 168 38.32 -14.14 42.00
N ASP E 169 38.75 -15.32 42.46
CA ASP E 169 39.89 -15.98 41.81
C ASP E 169 39.54 -16.54 40.43
N ARG E 170 38.26 -16.59 40.07
CA ARG E 170 37.83 -17.25 38.84
C ARG E 170 37.02 -16.37 37.90
N HIS E 171 36.56 -15.18 38.35
CA HIS E 171 35.66 -14.31 37.60
C HIS E 171 36.19 -12.89 37.59
N CYS E 172 35.89 -12.15 36.52
CA CYS E 172 36.37 -10.78 36.36
C CYS E 172 35.32 -9.96 35.61
N GLY E 173 35.57 -8.66 35.52
CA GLY E 173 34.69 -7.75 34.81
C GLY E 173 34.84 -7.84 33.30
N TRP E 174 33.87 -7.24 32.60
CA TRP E 174 33.78 -7.41 31.16
C TRP E 174 34.74 -6.52 30.39
N LEU E 175 35.27 -5.48 31.04
CA LEU E 175 36.25 -4.62 30.40
C LEU E 175 37.68 -5.00 30.76
N ASN E 176 37.86 -6.04 31.58
CA ASN E 176 39.19 -6.62 31.84
C ASN E 176 39.77 -7.22 30.56
N GLU E 177 41.11 -7.23 30.46
CA GLU E 177 41.75 -7.58 29.21
C GLU E 177 41.53 -9.04 28.84
N ARG E 178 41.48 -9.93 29.83
CA ARG E 178 41.18 -11.35 29.56
C ARG E 178 39.87 -11.49 28.81
N ALA E 179 38.78 -10.91 29.34
CA ALA E 179 37.49 -10.98 28.68
C ALA E 179 37.47 -10.18 27.38
N LEU E 180 38.11 -9.01 27.39
CA LEU E 180 38.16 -8.19 26.18
C LEU E 180 38.88 -8.91 25.05
N SER E 181 39.88 -9.74 25.36
CA SER E 181 40.60 -10.48 24.33
C SER E 181 39.82 -11.69 23.86
N ALA E 182 39.11 -12.34 24.79
CA ALA E 182 38.24 -13.45 24.40
C ALA E 182 37.16 -12.98 23.42
N MET E 183 36.70 -11.74 23.55
CA MET E 183 35.59 -11.29 22.72
C MET E 183 36.02 -10.87 21.34
N VAL E 184 37.32 -10.85 21.05
CA VAL E 184 37.83 -10.50 19.73
C VAL E 184 38.67 -11.62 19.13
N LYS E 185 38.72 -12.78 19.77
CA LYS E 185 39.53 -13.90 19.27
C LYS E 185 39.36 -14.16 17.77
N HIS E 186 38.21 -13.80 17.18
CA HIS E 186 37.97 -14.05 15.76
C HIS E 186 37.88 -12.78 14.92
N TYR E 187 38.52 -11.69 15.35
CA TYR E 187 38.45 -10.44 14.59
C TYR E 187 39.81 -10.03 14.01
N ASN E 188 40.75 -10.97 13.91
CA ASN E 188 42.02 -10.81 13.17
C ASN E 188 42.95 -9.78 13.82
N GLY E 189 43.10 -9.86 15.14
CA GLY E 189 44.01 -8.99 15.82
C GLY E 189 43.51 -7.58 16.04
N ARG E 190 42.23 -7.31 15.80
CA ARG E 190 41.69 -5.98 16.07
C ARG E 190 41.13 -5.96 17.50
N ALA E 191 41.08 -4.77 18.08
CA ALA E 191 40.74 -4.60 19.47
C ALA E 191 39.26 -4.37 19.67
N PHE E 192 38.82 -4.55 20.93
CA PHE E 192 37.41 -4.41 21.25
C PHE E 192 36.87 -3.04 20.85
N ASP E 193 37.66 -1.98 21.08
CA ASP E 193 37.21 -0.62 20.74
C ASP E 193 37.14 -0.39 19.24
N GLU E 194 37.94 -1.14 18.46
CA GLU E 194 37.90 -0.95 17.01
C GLU E 194 36.80 -1.79 16.35
N VAL E 195 36.57 -3.00 16.85
CA VAL E 195 35.53 -3.87 16.28
C VAL E 195 34.13 -3.37 16.63
N PHE E 196 33.93 -2.99 17.90
CA PHE E 196 32.63 -2.62 18.45
C PHE E 196 32.58 -1.14 18.80
N LEU E 197 31.41 -0.53 18.56
CA LEU E 197 31.18 0.88 18.85
C LEU E 197 31.08 1.10 20.37
N CYS E 198 32.08 1.80 20.92
CA CYS E 198 32.15 2.09 22.36
C CYS E 198 33.11 3.25 22.53
N ASP E 199 33.30 3.68 23.78
CA ASP E 199 34.28 4.72 24.12
C ASP E 199 35.31 4.12 25.08
N LYS E 200 36.49 3.76 24.56
CA LYS E 200 37.52 3.15 25.38
C LYS E 200 37.95 4.05 26.53
N ASN E 201 37.55 5.32 26.52
CA ASN E 201 38.00 6.29 27.50
C ASN E 201 36.88 6.77 28.43
N ALA E 202 35.62 6.56 28.05
CA ALA E 202 34.48 6.83 28.92
C ALA E 202 34.28 5.66 29.88
N PRO E 203 33.68 5.92 31.04
CA PRO E 203 33.47 4.84 32.01
C PRO E 203 32.49 3.82 31.46
N TYR E 204 32.75 2.55 31.77
CA TYR E 204 31.98 1.42 31.26
C TYR E 204 31.97 1.43 29.74
N TYR E 205 33.01 1.98 29.13
CA TYR E 205 33.12 2.11 27.69
C TYR E 205 31.92 2.84 27.09
N GLY E 206 31.27 3.68 27.89
CA GLY E 206 30.11 4.37 27.40
C GLY E 206 28.88 3.51 27.19
N PHE E 207 28.84 2.31 27.77
CA PHE E 207 27.67 1.46 27.63
C PHE E 207 26.64 1.81 28.70
N ASN E 208 25.39 1.96 28.29
CA ASN E 208 24.36 2.40 29.23
C ASN E 208 23.91 1.31 30.20
N SER E 209 24.14 0.04 29.86
CA SER E 209 23.69 -1.08 30.67
C SER E 209 24.46 -2.32 30.26
N TYR E 210 24.32 -3.38 31.06
CA TYR E 210 24.85 -4.67 30.65
C TYR E 210 24.20 -5.16 29.36
N ASP E 211 22.92 -4.84 29.15
CA ASP E 211 22.26 -5.22 27.91
C ASP E 211 22.84 -4.44 26.74
N ASP E 212 23.12 -3.15 26.93
CA ASP E 212 23.70 -2.35 25.86
C ASP E 212 25.03 -2.93 25.40
N PHE E 213 25.84 -3.42 26.37
CA PHE E 213 27.09 -4.09 26.04
C PHE E 213 26.81 -5.47 25.44
N PHE E 214 25.94 -6.26 26.08
CA PHE E 214 25.55 -7.56 25.52
C PHE E 214 25.14 -7.44 24.07
N ASN E 215 24.46 -6.36 23.72
CA ASN E 215 23.97 -6.14 22.36
C ASN E 215 24.75 -5.06 21.63
N ARG E 216 26.05 -4.99 21.90
CA ARG E 216 26.91 -4.02 21.23
C ARG E 216 26.85 -4.18 19.72
N ARG E 217 27.07 -3.08 19.02
CA ARG E 217 27.03 -3.02 17.57
C ARG E 217 28.44 -3.00 16.97
N PHE E 218 28.51 -3.30 15.68
CA PHE E 218 29.78 -3.27 14.96
C PHE E 218 30.10 -1.83 14.53
N ARG E 219 31.35 -1.42 14.72
CA ARG E 219 31.73 -0.04 14.41
C ARG E 219 31.85 0.15 12.90
N ASN E 220 32.52 -0.76 12.22
CA ASN E 220 32.65 -0.71 10.77
C ASN E 220 32.58 -2.15 10.28
N ARG E 221 31.38 -2.63 10.01
CA ARG E 221 31.23 -4.01 9.62
C ARG E 221 31.92 -4.28 8.29
N ASP E 222 32.01 -3.27 7.41
CA ASP E 222 32.66 -3.49 6.12
C ASP E 222 34.12 -3.87 6.24
N ILE E 223 34.73 -3.66 7.41
CA ILE E 223 36.07 -4.11 7.73
C ILE E 223 36.01 -5.48 8.40
N ASP E 224 35.40 -5.54 9.60
CA ASP E 224 35.48 -6.72 10.47
C ASP E 224 34.55 -7.86 10.06
N ARG E 225 33.35 -7.56 9.56
CA ARG E 225 32.34 -8.57 9.25
C ARG E 225 31.66 -8.17 7.95
N PRO E 226 32.37 -8.25 6.84
CA PRO E 226 31.80 -7.78 5.57
C PRO E 226 30.63 -8.63 5.13
N VAL E 227 29.68 -8.00 4.45
CA VAL E 227 28.63 -8.76 3.78
C VAL E 227 29.29 -9.38 2.55
N VAL E 228 29.78 -10.62 2.71
CA VAL E 228 30.69 -11.22 1.74
C VAL E 228 30.03 -11.36 0.38
N GLY E 229 30.81 -11.10 -0.67
CA GLY E 229 30.31 -11.07 -2.04
C GLY E 229 29.52 -9.84 -2.42
N GLY E 230 29.15 -8.98 -1.48
CA GLY E 230 28.42 -7.76 -1.78
C GLY E 230 26.91 -7.88 -1.78
N VAL E 231 26.22 -6.90 -1.19
CA VAL E 231 24.76 -6.95 -1.11
C VAL E 231 24.11 -7.15 -2.47
N ASN E 232 24.78 -6.79 -3.56
CA ASN E 232 24.14 -6.91 -4.86
C ASN E 232 24.14 -8.33 -5.40
N ASN E 233 24.98 -9.21 -4.86
CA ASN E 233 24.98 -10.61 -5.27
C ASN E 233 23.92 -11.36 -4.46
N THR E 234 22.78 -11.66 -5.09
CA THR E 234 21.68 -12.33 -4.41
C THR E 234 21.77 -13.85 -4.48
N THR E 235 22.86 -14.41 -5.00
CA THR E 235 23.02 -15.85 -5.05
C THR E 235 23.68 -16.42 -3.81
N LEU E 236 24.03 -15.57 -2.85
CA LEU E 236 24.72 -15.98 -1.64
C LEU E 236 23.82 -15.76 -0.43
N ILE E 237 23.93 -16.65 0.56
CA ILE E 237 23.16 -16.56 1.80
C ILE E 237 24.15 -16.39 2.94
N SER E 238 23.90 -15.37 3.76
CA SER E 238 24.82 -14.99 4.84
C SER E 238 24.41 -15.60 6.17
N ALA E 239 25.41 -15.83 7.01
CA ALA E 239 25.16 -16.26 8.37
C ALA E 239 24.42 -15.17 9.13
N ALA E 240 23.35 -15.54 9.82
CA ALA E 240 22.52 -14.58 10.52
C ALA E 240 23.00 -14.28 11.94
N CYS E 241 23.90 -15.09 12.48
CA CYS E 241 24.50 -14.82 13.78
C CYS E 241 25.98 -15.15 13.74
N GLU E 242 26.75 -14.46 14.59
CA GLU E 242 28.11 -14.83 14.89
C GLU E 242 28.09 -16.07 15.77
N SER E 243 28.69 -17.16 15.32
CA SER E 243 28.45 -18.44 15.99
C SER E 243 29.51 -19.47 15.64
N LEU E 244 29.47 -20.58 16.38
CA LEU E 244 30.15 -21.81 15.99
C LEU E 244 29.14 -22.76 15.37
N SER E 245 29.52 -23.40 14.27
CA SER E 245 28.70 -24.45 13.71
C SER E 245 28.33 -25.48 14.78
N TYR E 246 27.04 -25.80 14.88
CA TYR E 246 26.62 -26.90 15.76
C TYR E 246 26.12 -28.13 14.99
N ASN E 247 25.20 -27.96 14.03
CA ASN E 247 24.67 -29.11 13.29
C ASN E 247 24.28 -28.70 11.87
N VAL E 248 24.31 -29.70 10.97
CA VAL E 248 23.64 -29.60 9.66
C VAL E 248 22.85 -30.89 9.41
N SER E 249 21.61 -30.75 8.91
CA SER E 249 20.74 -31.90 8.63
C SER E 249 20.09 -31.78 7.26
N TYR E 250 20.14 -32.87 6.49
CA TYR E 250 19.49 -32.94 5.19
C TYR E 250 18.26 -33.83 5.28
N ASP E 251 17.30 -33.56 4.40
CA ASP E 251 16.07 -34.33 4.25
C ASP E 251 15.31 -34.38 5.57
N VAL E 252 15.16 -33.21 6.19
CA VAL E 252 14.52 -33.16 7.50
C VAL E 252 13.03 -33.45 7.39
N GLN E 253 12.45 -33.88 8.51
CA GLN E 253 11.12 -34.50 8.56
C GLN E 253 10.40 -34.05 9.84
N SER E 254 9.25 -34.67 10.10
CA SER E 254 8.47 -34.39 11.28
C SER E 254 8.31 -35.65 12.12
N LEU E 255 8.19 -35.43 13.42
CA LEU E 255 8.02 -36.53 14.37
C LEU E 255 6.70 -36.36 15.12
N ASP E 256 6.10 -37.48 15.48
CA ASP E 256 4.92 -37.42 16.32
C ASP E 256 5.29 -37.10 17.77
N THR E 257 6.43 -37.62 18.24
CA THR E 257 6.94 -37.31 19.57
C THR E 257 8.45 -37.21 19.50
N LEU E 258 9.00 -36.50 20.49
CA LEU E 258 10.43 -36.23 20.60
C LEU E 258 11.06 -37.13 21.67
N VAL E 259 10.99 -38.44 21.45
CA VAL E 259 11.51 -39.44 22.39
C VAL E 259 12.26 -40.49 21.58
N PHE E 260 13.48 -40.85 22.03
CA PHE E 260 14.25 -41.95 21.45
C PHE E 260 14.69 -41.64 20.04
N LYS E 261 14.69 -40.38 19.66
CA LYS E 261 15.44 -40.02 18.47
C LYS E 261 16.41 -38.89 18.73
N GLY E 262 16.51 -38.41 19.97
CA GLY E 262 17.47 -37.41 20.41
C GLY E 262 17.58 -36.18 19.55
N GLU E 263 18.77 -35.98 18.98
CA GLU E 263 19.03 -34.78 18.17
C GLU E 263 18.48 -34.95 16.75
N THR E 264 17.16 -35.04 16.65
CA THR E 264 16.50 -34.96 15.36
C THR E 264 15.58 -33.74 15.35
N TYR E 265 15.65 -32.96 14.29
CA TYR E 265 14.66 -31.93 14.10
C TYR E 265 13.32 -32.57 13.82
N SER E 266 12.26 -31.92 14.28
CA SER E 266 10.89 -32.24 13.90
C SER E 266 10.25 -30.96 13.37
N LEU E 267 10.05 -30.88 12.06
CA LEU E 267 9.67 -29.62 11.44
C LEU E 267 8.42 -29.03 12.10
N LYS E 268 7.42 -29.87 12.38
CA LYS E 268 6.18 -29.34 12.92
C LYS E 268 6.37 -28.82 14.33
N HIS E 269 7.27 -29.41 15.10
CA HIS E 269 7.58 -28.86 16.42
C HIS E 269 8.37 -27.56 16.29
N LEU E 270 9.48 -27.62 15.54
CA LEU E 270 10.36 -26.47 15.37
C LEU E 270 9.59 -25.25 14.87
N LEU E 271 8.80 -25.43 13.82
CA LEU E 271 8.03 -24.34 13.24
C LEU E 271 6.65 -24.19 13.90
N ASN E 272 6.43 -24.81 15.07
CA ASN E 272 5.17 -24.74 15.81
C ASN E 272 3.96 -24.91 14.89
N ASN E 273 4.00 -25.96 14.07
CA ASN E 273 2.86 -26.39 13.25
C ASN E 273 2.39 -25.29 12.30
N ASP E 274 3.30 -24.42 11.89
CA ASP E 274 2.99 -23.35 10.97
C ASP E 274 2.49 -23.90 9.63
N PRO E 275 1.57 -23.19 8.96
CA PRO E 275 1.10 -23.65 7.64
C PRO E 275 2.21 -23.76 6.59
N PHE E 276 3.36 -23.12 6.80
CA PHE E 276 4.48 -23.22 5.87
C PHE E 276 5.25 -24.54 6.02
N THR E 277 5.06 -25.24 7.15
CA THR E 277 5.82 -26.45 7.45
C THR E 277 5.92 -27.47 6.33
N PRO E 278 4.86 -27.77 5.55
CA PRO E 278 5.04 -28.79 4.51
C PRO E 278 5.99 -28.36 3.43
N GLN E 279 6.19 -27.05 3.25
CA GLN E 279 7.11 -26.59 2.22
C GLN E 279 8.56 -26.94 2.54
N PHE E 280 8.87 -27.16 3.81
CA PHE E 280 10.24 -27.40 4.22
C PHE E 280 10.51 -28.87 4.48
N GLU E 281 9.49 -29.71 4.35
CA GLU E 281 9.68 -31.15 4.41
C GLU E 281 10.70 -31.57 3.35
N HIS E 282 11.65 -32.40 3.77
CA HIS E 282 12.77 -32.89 2.95
C HIS E 282 13.83 -31.83 2.71
N GLY E 283 13.71 -30.65 3.32
CA GLY E 283 14.65 -29.56 3.12
C GLY E 283 15.94 -29.74 3.89
N SER E 284 16.60 -28.63 4.18
CA SER E 284 17.87 -28.67 4.90
C SER E 284 17.89 -27.59 5.96
N ILE E 285 18.65 -27.86 7.02
CA ILE E 285 18.75 -26.99 8.18
C ILE E 285 20.22 -26.86 8.58
N LEU E 286 20.66 -25.62 8.85
CA LEU E 286 21.97 -25.34 9.43
C LEU E 286 21.75 -24.65 10.77
N GLN E 287 22.45 -25.10 11.80
CA GLN E 287 22.27 -24.58 13.15
C GLN E 287 23.60 -24.16 13.75
N GLY E 288 23.59 -23.00 14.42
CA GLY E 288 24.79 -22.44 15.02
C GLY E 288 24.58 -22.19 16.50
N PHE E 289 25.70 -22.14 17.23
CA PHE E 289 25.69 -21.91 18.66
C PHE E 289 26.47 -20.64 18.97
N LEU E 290 25.92 -19.80 19.84
CA LEU E 290 26.51 -18.52 20.23
C LEU E 290 26.99 -18.62 21.68
N ASN E 291 28.30 -18.66 21.89
CA ASN E 291 28.81 -18.80 23.25
C ASN E 291 28.79 -17.44 23.96
N VAL E 292 29.55 -17.34 25.06
CA VAL E 292 29.53 -16.14 25.89
C VAL E 292 30.19 -14.96 25.16
N THR E 293 31.23 -15.22 24.37
CA THR E 293 32.04 -14.20 23.74
C THR E 293 31.47 -13.71 22.39
N ALA E 294 30.25 -14.07 22.06
CA ALA E 294 29.73 -13.86 20.72
C ALA E 294 28.90 -12.60 20.62
N TYR E 295 29.07 -11.89 19.51
CA TYR E 295 28.13 -10.86 19.10
C TYR E 295 26.71 -11.43 19.03
N HIS E 296 25.75 -10.70 19.59
CA HIS E 296 24.46 -11.29 19.92
C HIS E 296 23.30 -10.72 19.12
N ARG E 297 23.57 -9.99 18.05
CA ARG E 297 22.51 -9.48 17.20
C ARG E 297 22.28 -10.42 16.02
N TRP E 298 21.12 -10.26 15.38
CA TRP E 298 20.79 -11.06 14.20
C TRP E 298 20.90 -10.18 12.97
N HIS E 299 21.45 -10.74 11.91
CA HIS E 299 21.58 -10.03 10.65
C HIS E 299 20.76 -10.74 9.58
N ALA E 300 20.48 -10.00 8.50
CA ALA E 300 19.56 -10.52 7.48
C ALA E 300 20.32 -11.46 6.56
N PRO E 301 19.87 -12.71 6.40
CA PRO E 301 20.64 -13.67 5.58
C PRO E 301 20.50 -13.46 4.09
N VAL E 302 19.47 -12.73 3.64
CA VAL E 302 19.21 -12.51 2.22
C VAL E 302 18.59 -11.12 2.07
N ASN E 303 18.63 -10.60 0.84
CA ASN E 303 17.77 -9.50 0.47
C ASN E 303 16.37 -10.07 0.28
N GLY E 304 15.40 -9.61 1.06
CA GLY E 304 14.04 -10.06 0.86
C GLY E 304 13.06 -9.42 1.82
N THR E 305 11.89 -10.06 1.92
CA THR E 305 10.73 -9.54 2.64
C THR E 305 10.38 -10.42 3.82
N ILE E 306 10.31 -9.83 5.01
CA ILE E 306 9.83 -10.51 6.20
C ILE E 306 8.38 -10.94 5.99
N VAL E 307 8.15 -12.26 5.90
CA VAL E 307 6.80 -12.76 5.67
C VAL E 307 6.04 -12.93 6.99
N LYS E 308 6.64 -13.55 7.99
CA LYS E 308 5.91 -13.91 9.19
C LYS E 308 6.88 -13.97 10.36
N ILE E 309 6.43 -13.52 11.53
CA ILE E 309 7.19 -13.59 12.77
C ILE E 309 6.30 -14.23 13.82
N ILE E 310 6.73 -15.37 14.36
CA ILE E 310 6.01 -16.13 15.38
C ILE E 310 6.90 -16.25 16.60
N ASN E 311 6.47 -15.67 17.72
CA ASN E 311 7.08 -15.92 19.03
C ASN E 311 6.39 -17.11 19.67
N VAL E 312 7.17 -18.13 20.03
CA VAL E 312 6.63 -19.36 20.58
C VAL E 312 7.13 -19.52 22.01
N PRO E 313 6.24 -19.60 23.00
CA PRO E 313 6.69 -19.97 24.36
C PRO E 313 7.17 -21.41 24.39
N GLY E 314 8.08 -21.70 25.32
CA GLY E 314 8.72 -23.00 25.36
C GLY E 314 9.58 -23.20 26.58
N THR E 315 10.48 -24.18 26.50
CA THR E 315 11.32 -24.55 27.62
C THR E 315 12.52 -23.62 27.78
N TYR E 316 13.14 -23.70 28.96
CA TYR E 316 14.39 -23.03 29.28
C TYR E 316 15.49 -23.98 29.74
N PHE E 317 15.14 -25.08 30.40
CA PHE E 317 16.12 -25.94 31.05
C PHE E 317 15.93 -27.40 30.67
N ALA E 318 15.47 -27.66 29.44
CA ALA E 318 15.24 -29.00 28.94
C ALA E 318 16.41 -29.43 28.05
N GLN E 319 17.19 -30.37 28.54
CA GLN E 319 18.17 -31.05 27.72
C GLN E 319 17.53 -32.28 27.10
N ALA E 320 18.22 -32.84 26.10
CA ALA E 320 17.79 -34.08 25.49
C ALA E 320 17.73 -35.21 26.52
N PRO E 321 16.59 -35.93 26.63
CA PRO E 321 16.50 -37.04 27.60
C PRO E 321 17.62 -38.07 27.47
N SER E 322 18.16 -38.30 26.28
CA SER E 322 19.19 -39.32 26.15
C SER E 322 20.50 -38.90 26.80
N THR E 323 20.65 -37.62 27.14
CA THR E 323 21.85 -37.13 27.82
C THR E 323 21.71 -37.17 29.33
N ILE E 324 20.50 -37.35 29.85
CA ILE E 324 20.28 -37.33 31.28
C ILE E 324 21.15 -38.40 31.93
N GLY E 325 22.03 -37.98 32.81
CA GLY E 325 22.97 -38.87 33.43
C GLY E 325 24.38 -38.74 32.89
N ASP E 326 24.56 -38.12 31.73
CA ASP E 326 25.92 -37.89 31.25
C ASP E 326 26.72 -37.07 32.27
N PRO E 327 28.03 -37.25 32.29
CA PRO E 327 28.86 -36.45 33.21
C PRO E 327 28.81 -34.98 32.85
N ILE E 328 28.73 -34.13 33.88
CA ILE E 328 28.89 -32.70 33.66
C ILE E 328 30.38 -32.38 33.80
N PRO E 329 31.10 -32.11 32.71
CA PRO E 329 32.53 -31.87 32.80
C PRO E 329 32.82 -30.60 33.59
N ASP E 330 34.08 -30.47 33.97
CA ASP E 330 34.53 -29.29 34.69
C ASP E 330 35.67 -28.61 33.96
N ASN E 331 35.54 -28.44 32.64
CA ASN E 331 36.59 -27.80 31.88
C ASN E 331 35.97 -27.03 30.71
N ASP E 332 36.85 -26.32 29.98
CA ASP E 332 36.50 -25.44 28.87
C ASP E 332 36.20 -26.19 27.59
N TYR E 333 36.52 -27.48 27.51
CA TYR E 333 36.55 -28.16 26.22
C TYR E 333 35.70 -29.42 26.12
N ASP E 334 35.27 -30.06 27.23
CA ASP E 334 34.39 -31.21 27.14
C ASP E 334 32.94 -30.74 27.23
N PRO E 335 32.12 -30.94 26.21
CA PRO E 335 30.78 -30.34 26.20
C PRO E 335 29.85 -31.01 27.20
N PRO E 336 29.15 -30.24 28.04
CA PRO E 336 28.19 -30.82 29.02
C PRO E 336 26.89 -31.26 28.36
N PRO E 337 26.00 -31.94 29.10
CA PRO E 337 24.80 -32.51 28.46
C PRO E 337 23.89 -31.50 27.78
N TYR E 338 23.53 -30.41 28.47
CA TYR E 338 22.69 -29.38 27.86
C TYR E 338 23.29 -28.88 26.54
N LEU E 339 24.62 -28.77 26.46
CA LEU E 339 25.25 -28.26 25.26
C LEU E 339 25.37 -29.32 24.17
N LYS E 340 25.07 -30.57 24.47
CA LYS E 340 24.95 -31.58 23.43
C LYS E 340 23.50 -31.79 23.02
N SER E 341 22.61 -30.85 23.41
CA SER E 341 21.16 -30.95 23.23
C SER E 341 20.57 -29.85 22.37
N LEU E 342 21.39 -29.11 21.61
CA LEU E 342 20.89 -27.94 20.91
C LEU E 342 19.87 -28.31 19.82
N VAL E 343 20.15 -29.37 19.06
CA VAL E 343 19.20 -29.84 18.06
C VAL E 343 17.88 -30.27 18.72
N TYR E 344 17.99 -31.08 19.79
CA TYR E 344 16.79 -31.54 20.48
C TYR E 344 15.90 -30.39 20.93
N PHE E 345 16.46 -29.42 21.67
CA PHE E 345 15.59 -28.40 22.26
C PHE E 345 15.25 -27.26 21.30
N SER E 346 15.79 -27.26 20.09
CA SER E 346 15.26 -26.37 19.07
C SER E 346 13.77 -26.64 18.83
N ASN E 347 13.33 -27.88 19.05
CA ASN E 347 11.93 -28.21 18.84
C ASN E 347 11.01 -27.60 19.91
N ILE E 348 11.53 -27.31 21.11
CA ILE E 348 10.64 -26.98 22.23
C ILE E 348 11.02 -25.68 22.94
N ALA E 349 12.22 -25.16 22.70
CA ALA E 349 12.70 -24.00 23.45
C ALA E 349 11.88 -22.74 23.12
N ALA E 350 11.85 -21.82 24.08
CA ALA E 350 11.34 -20.48 23.81
C ALA E 350 12.12 -19.88 22.64
N ARG E 351 11.42 -19.57 21.55
CA ARG E 351 12.10 -19.33 20.29
C ARG E 351 11.26 -18.40 19.45
N GLN E 352 11.88 -17.85 18.39
CA GLN E 352 11.19 -17.01 17.41
C GLN E 352 11.44 -17.55 16.03
N ILE E 353 10.36 -17.81 15.30
CA ILE E 353 10.39 -18.18 13.89
C ILE E 353 10.22 -16.93 13.06
N MET E 354 11.03 -16.83 12.01
CA MET E 354 10.97 -15.73 11.05
C MET E 354 10.98 -16.35 9.66
N PHE E 355 9.92 -16.12 8.90
CA PHE E 355 9.90 -16.55 7.50
C PHE E 355 10.23 -15.36 6.62
N ILE E 356 11.20 -15.53 5.72
CA ILE E 356 11.66 -14.49 4.81
C ILE E 356 11.53 -15.02 3.40
N GLU E 357 10.97 -14.21 2.50
CA GLU E 357 10.95 -14.54 1.08
C GLU E 357 12.14 -13.84 0.44
N ALA E 358 13.08 -14.64 -0.05
CA ALA E 358 14.25 -14.07 -0.72
C ALA E 358 13.82 -13.35 -1.98
N ASP E 359 14.45 -12.19 -2.24
CA ASP E 359 14.25 -11.53 -3.52
C ASP E 359 14.62 -12.45 -4.68
N ASN E 360 15.67 -13.24 -4.51
CA ASN E 360 16.04 -14.21 -5.54
C ASN E 360 15.04 -15.35 -5.55
N LYS E 361 14.35 -15.53 -6.67
CA LYS E 361 13.29 -16.53 -6.70
C LYS E 361 13.83 -17.96 -6.62
N GLU E 362 15.11 -18.18 -6.91
CA GLU E 362 15.67 -19.51 -6.77
C GLU E 362 15.99 -19.86 -5.32
N ILE E 363 16.00 -18.89 -4.42
CA ILE E 363 16.14 -19.16 -3.01
C ILE E 363 14.78 -19.22 -2.34
N GLY E 364 13.86 -18.35 -2.74
CA GLY E 364 12.49 -18.24 -2.31
C GLY E 364 12.33 -18.14 -0.80
N LEU E 365 11.32 -18.86 -0.30
CA LEU E 365 10.98 -18.83 1.12
C LEU E 365 12.02 -19.60 1.92
N ILE E 366 12.53 -18.97 2.98
CA ILE E 366 13.44 -19.59 3.93
C ILE E 366 12.88 -19.38 5.33
N PHE E 367 13.44 -20.07 6.31
CA PHE E 367 13.08 -19.80 7.68
C PHE E 367 14.33 -19.61 8.52
N LEU E 368 14.16 -18.80 9.55
CA LEU E 368 15.16 -18.58 10.58
C LEU E 368 14.47 -18.88 11.90
N VAL E 369 15.18 -19.54 12.82
CA VAL E 369 14.64 -19.81 14.14
C VAL E 369 15.68 -19.40 15.16
N PHE E 370 15.37 -18.40 15.97
CA PHE E 370 16.26 -17.93 17.02
C PHE E 370 15.87 -18.64 18.31
N ILE E 371 16.82 -19.41 18.86
CA ILE E 371 16.55 -20.41 19.89
C ILE E 371 17.11 -19.91 21.21
N GLY E 372 16.24 -19.84 22.22
CA GLY E 372 16.69 -19.47 23.54
C GLY E 372 17.54 -20.55 24.19
N MET E 373 18.33 -20.11 25.17
CA MET E 373 19.11 -21.01 26.02
C MET E 373 19.05 -20.44 27.43
N THR E 374 18.46 -21.21 28.36
CA THR E 374 18.28 -20.87 29.77
C THR E 374 17.86 -19.41 29.88
N GLU E 375 18.54 -18.57 30.66
CA GLU E 375 18.12 -17.19 30.89
C GLU E 375 18.31 -16.28 29.69
N ILE E 376 19.05 -16.73 28.67
CA ILE E 376 19.23 -15.92 27.45
C ILE E 376 18.24 -16.40 26.42
N SER E 377 16.96 -16.12 26.62
CA SER E 377 15.92 -16.67 25.77
C SER E 377 14.94 -15.64 25.24
N THR E 378 15.14 -14.35 25.54
CA THR E 378 14.32 -13.31 24.94
C THR E 378 14.80 -13.05 23.52
N CYS E 379 13.90 -13.17 22.55
CA CYS E 379 14.20 -12.98 21.14
C CYS E 379 13.41 -11.77 20.65
N GLU E 380 14.10 -10.66 20.40
CA GLU E 380 13.49 -9.41 19.97
C GLU E 380 13.78 -9.18 18.50
N ALA E 381 12.74 -9.20 17.68
CA ALA E 381 12.86 -8.74 16.31
C ALA E 381 12.76 -7.22 16.27
N THR E 382 13.56 -6.60 15.40
CA THR E 382 13.51 -5.17 15.18
C THR E 382 13.09 -4.85 13.75
N VAL E 383 12.48 -5.81 13.08
CA VAL E 383 11.89 -5.63 11.75
C VAL E 383 10.41 -6.01 11.85
N SER E 384 9.67 -5.70 10.79
CA SER E 384 8.23 -5.88 10.79
C SER E 384 7.80 -6.74 9.63
N GLU E 385 6.69 -7.46 9.82
CA GLU E 385 6.18 -8.31 8.76
C GLU E 385 5.83 -7.45 7.57
N GLY E 386 6.29 -7.85 6.39
CA GLY E 386 6.13 -7.06 5.20
C GLY E 386 7.28 -6.15 4.89
N GLN E 387 8.18 -5.91 5.85
CA GLN E 387 9.35 -5.07 5.61
C GLN E 387 10.37 -5.76 4.71
N HIS E 388 11.01 -4.98 3.85
CA HIS E 388 12.13 -5.46 3.06
C HIS E 388 13.44 -5.20 3.79
N VAL E 389 14.41 -6.08 3.56
CA VAL E 389 15.71 -5.98 4.21
C VAL E 389 16.80 -6.37 3.21
N ASN E 390 18.00 -5.87 3.45
CA ASN E 390 19.17 -6.27 2.69
C ASN E 390 20.04 -7.21 3.50
N ARG E 391 20.67 -8.15 2.80
CA ARG E 391 21.60 -9.07 3.42
C ARG E 391 22.58 -8.30 4.31
N GLY E 392 22.52 -8.52 5.61
CA GLY E 392 23.40 -7.85 6.55
C GLY E 392 22.72 -6.84 7.44
N ASP E 393 21.47 -6.45 7.14
CA ASP E 393 20.75 -5.53 8.00
C ASP E 393 20.44 -6.18 9.33
N ASP E 394 20.24 -5.35 10.36
CA ASP E 394 19.71 -5.85 11.63
C ASP E 394 18.38 -6.56 11.41
N LEU E 395 18.23 -7.74 12.02
CA LEU E 395 16.93 -8.39 12.13
C LEU E 395 16.36 -8.37 13.54
N GLY E 396 17.21 -8.24 14.55
CA GLY E 396 16.81 -8.37 15.94
C GLY E 396 18.02 -8.74 16.79
N MET E 397 17.74 -9.23 18.00
CA MET E 397 18.83 -9.65 18.89
C MET E 397 18.29 -10.55 19.99
N PHE E 398 19.23 -11.20 20.69
CA PHE E 398 18.97 -11.87 21.95
C PHE E 398 19.14 -10.89 23.12
N HIS E 399 18.40 -11.15 24.20
CA HIS E 399 18.56 -10.48 25.48
C HIS E 399 18.41 -11.52 26.56
N PHE E 400 19.06 -11.27 27.69
CA PHE E 400 18.69 -11.99 28.91
C PHE E 400 17.20 -11.75 29.19
N GLY E 401 16.54 -12.80 29.67
CA GLY E 401 15.11 -12.76 29.84
C GLY E 401 14.43 -14.01 29.32
N GLY E 402 13.15 -14.15 29.63
CA GLY E 402 12.39 -15.32 29.23
C GLY E 402 11.82 -15.23 27.83
N GLY F 56 -4.68 -11.24 -59.59
CA GLY F 56 -5.50 -11.54 -58.41
C GLY F 56 -4.82 -12.55 -57.48
N LEU F 57 -5.61 -13.49 -56.96
CA LEU F 57 -5.08 -14.56 -56.14
C LEU F 57 -4.44 -15.63 -57.00
N MET F 58 -3.31 -16.16 -56.53
CA MET F 58 -2.75 -17.37 -57.14
C MET F 58 -3.80 -18.46 -57.17
N GLN F 59 -3.90 -19.15 -58.32
CA GLN F 59 -4.93 -20.18 -58.45
C GLN F 59 -4.80 -21.29 -57.41
N PRO F 60 -3.61 -21.70 -56.95
CA PRO F 60 -3.55 -22.61 -55.79
C PRO F 60 -4.20 -22.05 -54.53
N ILE F 61 -4.08 -20.74 -54.30
CA ILE F 61 -4.73 -20.13 -53.14
C ILE F 61 -6.25 -20.13 -53.34
N GLN F 62 -6.71 -19.89 -54.57
CA GLN F 62 -8.13 -20.01 -54.87
C GLN F 62 -8.62 -21.43 -54.64
N GLU F 63 -7.84 -22.43 -55.06
CA GLU F 63 -8.22 -23.82 -54.83
C GLU F 63 -8.23 -24.15 -53.34
N PHE F 64 -7.26 -23.59 -52.61
CA PHE F 64 -7.28 -23.70 -51.16
C PHE F 64 -8.57 -23.11 -50.59
N LYS F 65 -8.94 -21.90 -51.04
CA LYS F 65 -10.18 -21.30 -50.56
C LYS F 65 -11.38 -22.15 -50.94
N ALA F 66 -11.39 -22.68 -52.18
CA ALA F 66 -12.55 -23.45 -52.64
C ALA F 66 -12.72 -24.73 -51.85
N PHE F 67 -11.62 -25.33 -51.40
CA PHE F 67 -11.71 -26.45 -50.48
C PHE F 67 -12.32 -26.04 -49.14
N ILE F 68 -11.90 -24.88 -48.61
CA ILE F 68 -12.44 -24.42 -47.32
C ILE F 68 -13.96 -24.33 -47.38
N GLU F 69 -14.48 -23.88 -48.51
CA GLU F 69 -15.91 -23.66 -48.69
C GLU F 69 -16.64 -24.89 -49.18
N SER F 70 -15.92 -25.95 -49.59
CA SER F 70 -16.58 -27.13 -50.15
C SER F 70 -17.14 -28.07 -49.08
N ASP F 71 -16.69 -27.94 -47.84
CA ASP F 71 -17.07 -28.84 -46.75
C ASP F 71 -17.64 -28.01 -45.61
N PRO F 72 -18.94 -28.11 -45.34
CA PRO F 72 -19.55 -27.22 -44.32
C PRO F 72 -18.85 -27.27 -42.98
N VAL F 73 -18.15 -28.35 -42.64
CA VAL F 73 -17.52 -28.46 -41.35
C VAL F 73 -16.11 -27.86 -41.34
N VAL F 74 -15.42 -27.92 -42.48
CA VAL F 74 -14.16 -27.18 -42.61
C VAL F 74 -14.43 -25.69 -42.63
N HIS F 75 -15.46 -25.27 -43.37
CA HIS F 75 -15.86 -23.86 -43.41
C HIS F 75 -16.22 -23.33 -42.02
N GLN F 76 -16.99 -24.08 -41.24
CA GLN F 76 -17.27 -23.64 -39.87
C GLN F 76 -16.00 -23.57 -39.04
N GLU F 77 -15.09 -24.53 -39.23
CA GLU F 77 -13.81 -24.48 -38.53
C GLU F 77 -13.05 -23.21 -38.88
N PHE F 78 -13.08 -22.81 -40.15
CA PHE F 78 -12.37 -21.62 -40.59
C PHE F 78 -13.13 -20.33 -40.28
N ILE F 79 -14.35 -20.44 -39.75
CA ILE F 79 -15.00 -19.33 -39.06
C ILE F 79 -14.60 -19.28 -37.59
N ASP F 80 -14.71 -20.43 -36.91
CA ASP F 80 -14.58 -20.47 -35.46
C ASP F 80 -13.16 -20.18 -34.98
N MET F 81 -12.14 -20.54 -35.77
CA MET F 81 -10.76 -20.31 -35.34
C MET F 81 -10.42 -18.83 -35.28
N PHE F 82 -11.25 -17.96 -35.87
CA PHE F 82 -10.99 -16.53 -35.90
C PHE F 82 -11.76 -15.78 -34.81
N GLU F 83 -12.41 -16.50 -33.90
CA GLU F 83 -13.21 -15.85 -32.87
C GLU F 83 -12.34 -15.00 -31.96
N GLY F 84 -12.82 -13.80 -31.65
CA GLY F 84 -12.14 -12.90 -30.75
C GLY F 84 -11.04 -12.09 -31.37
N ILE F 85 -10.72 -12.31 -32.65
CA ILE F 85 -9.51 -11.75 -33.25
C ILE F 85 -9.83 -10.38 -33.83
N GLN F 86 -8.94 -9.42 -33.56
CA GLN F 86 -9.20 -8.03 -33.91
C GLN F 86 -8.19 -7.49 -34.90
N ASP F 87 -7.17 -8.26 -35.26
CA ASP F 87 -6.15 -7.87 -36.21
C ASP F 87 -6.25 -8.76 -37.44
N SER F 88 -5.40 -8.50 -38.41
CA SER F 88 -5.36 -9.33 -39.60
C SER F 88 -4.38 -10.49 -39.40
N PRO F 89 -4.72 -11.71 -39.81
CA PRO F 89 -5.95 -12.15 -40.51
C PRO F 89 -7.15 -12.30 -39.58
N ARG F 90 -8.32 -11.76 -39.90
CA ARG F 90 -9.49 -11.92 -39.03
C ARG F 90 -10.56 -12.83 -39.63
N ASN F 91 -10.34 -13.34 -40.83
CA ASN F 91 -11.21 -14.32 -41.47
C ASN F 91 -10.44 -15.00 -42.59
N TYR F 92 -10.93 -16.17 -43.01
CA TYR F 92 -10.15 -16.98 -43.95
C TYR F 92 -9.98 -16.30 -45.30
N GLN F 93 -10.93 -15.44 -45.70
CA GLN F 93 -10.73 -14.63 -46.90
C GLN F 93 -9.50 -13.76 -46.76
N GLU F 94 -9.35 -13.08 -45.61
CA GLU F 94 -8.17 -12.26 -45.39
C GLU F 94 -6.92 -13.11 -45.25
N LEU F 95 -7.04 -14.28 -44.65
CA LEU F 95 -5.93 -15.21 -44.61
C LEU F 95 -5.45 -15.59 -46.00
N CYS F 96 -6.38 -15.74 -46.95
CA CYS F 96 -5.95 -16.11 -48.30
C CYS F 96 -5.21 -14.97 -48.97
N ASN F 97 -5.70 -13.74 -48.80
CA ASN F 97 -5.06 -12.59 -49.41
C ASN F 97 -3.68 -12.35 -48.83
N MET F 98 -3.48 -12.68 -47.56
CA MET F 98 -2.17 -12.52 -46.97
C MET F 98 -1.20 -13.62 -47.38
N PHE F 99 -1.71 -14.84 -47.59
CA PHE F 99 -0.90 -15.88 -48.23
C PHE F 99 -0.39 -15.39 -49.57
N ASN F 100 -1.24 -14.69 -50.31
CA ASN F 100 -0.83 -14.28 -51.64
C ASN F 100 0.33 -13.31 -51.60
N ASP F 101 0.37 -12.42 -50.59
CA ASP F 101 1.49 -11.51 -50.46
C ASP F 101 2.74 -12.23 -49.98
N ILE F 102 2.60 -13.12 -48.98
CA ILE F 102 3.78 -13.74 -48.36
C ILE F 102 4.50 -14.63 -49.34
N PHE F 103 3.75 -15.39 -50.14
CA PHE F 103 4.32 -16.35 -51.07
C PHE F 103 5.05 -15.70 -52.24
N ARG F 104 4.97 -14.37 -52.39
CA ARG F 104 5.69 -13.64 -53.43
C ARG F 104 6.97 -12.97 -52.91
N LYS F 105 7.25 -13.10 -51.62
CA LYS F 105 8.37 -12.42 -51.00
C LYS F 105 9.21 -13.44 -50.24
N ALA F 106 10.41 -13.09 -50.02
CA ALA F 106 11.34 -13.84 -49.21
C ALA F 106 11.22 -13.42 -47.76
N PRO F 107 11.54 -14.27 -46.80
CA PRO F 107 11.41 -13.86 -45.40
C PRO F 107 12.47 -12.82 -45.07
N VAL F 108 12.22 -12.05 -44.01
CA VAL F 108 13.21 -11.09 -43.52
C VAL F 108 13.51 -11.41 -42.07
N TYR F 109 14.59 -10.81 -41.56
CA TYR F 109 14.94 -11.00 -40.15
C TYR F 109 14.15 -10.03 -39.29
N GLY F 110 13.57 -10.55 -38.20
CA GLY F 110 12.92 -9.67 -37.25
C GLY F 110 11.88 -10.29 -36.35
N ASP F 111 11.15 -11.27 -36.86
CA ASP F 111 10.01 -11.83 -36.16
C ASP F 111 10.43 -13.00 -35.29
N LEU F 112 9.51 -13.40 -34.41
CA LEU F 112 9.70 -14.55 -33.54
C LEU F 112 9.84 -15.84 -34.33
N GLY F 113 9.40 -15.82 -35.58
CA GLY F 113 9.30 -17.01 -36.39
C GLY F 113 8.93 -16.67 -37.81
N PRO F 114 8.85 -17.70 -38.64
CA PRO F 114 8.64 -17.48 -40.06
C PRO F 114 7.30 -16.82 -40.34
N PRO F 115 7.14 -16.23 -41.54
CA PRO F 115 5.98 -15.36 -41.78
C PRO F 115 4.62 -16.07 -41.80
N VAL F 116 4.52 -17.30 -42.30
CA VAL F 116 3.22 -17.95 -42.27
C VAL F 116 2.86 -18.33 -40.83
N TYR F 117 3.80 -18.91 -40.08
CA TYR F 117 3.56 -19.20 -38.67
C TYR F 117 2.99 -17.98 -37.93
N MET F 118 3.55 -16.79 -38.19
CA MET F 118 3.17 -15.57 -37.48
C MET F 118 1.67 -15.32 -37.53
N ILE F 119 1.10 -15.33 -38.74
CA ILE F 119 -0.33 -15.10 -38.87
C ILE F 119 -1.17 -16.33 -38.59
N MET F 120 -0.53 -17.50 -38.43
CA MET F 120 -1.22 -18.74 -38.09
C MET F 120 -1.25 -19.01 -36.59
N ALA F 121 -0.29 -18.47 -35.82
CA ALA F 121 -0.11 -18.93 -34.44
C ALA F 121 -1.39 -18.85 -33.62
N LYS F 122 -2.17 -17.78 -33.79
CA LYS F 122 -3.40 -17.61 -33.03
C LYS F 122 -4.46 -18.63 -33.47
N LEU F 123 -4.49 -18.97 -34.76
CA LEU F 123 -5.42 -20.00 -35.21
C LEU F 123 -5.01 -21.38 -34.72
N MET F 124 -3.70 -21.67 -34.69
CA MET F 124 -3.26 -22.97 -34.18
C MET F 124 -3.63 -23.15 -32.72
N ASN F 125 -3.79 -22.06 -31.98
CA ASN F 125 -4.02 -22.09 -30.55
C ASN F 125 -5.50 -22.16 -30.22
N THR F 126 -6.29 -22.75 -31.12
CA THR F 126 -7.72 -22.95 -30.93
C THR F 126 -8.06 -24.40 -31.21
N ARG F 127 -9.21 -24.83 -30.65
CA ARG F 127 -9.68 -26.18 -30.91
C ARG F 127 -10.14 -26.32 -32.35
N ALA F 128 -10.76 -25.27 -32.90
CA ALA F 128 -11.19 -25.29 -34.29
C ALA F 128 -10.00 -25.36 -35.24
N GLY F 129 -8.93 -24.60 -34.95
CA GLY F 129 -7.73 -24.68 -35.78
C GLY F 129 -7.08 -26.05 -35.73
N PHE F 130 -6.86 -26.56 -34.51
CA PHE F 130 -6.32 -27.90 -34.34
C PHE F 130 -7.08 -28.94 -35.17
N SER F 131 -8.41 -28.88 -35.13
CA SER F 131 -9.22 -29.82 -35.91
C SER F 131 -9.00 -29.65 -37.41
N ALA F 132 -9.04 -28.40 -37.90
CA ALA F 132 -8.76 -28.15 -39.30
C ALA F 132 -7.38 -28.63 -39.70
N PHE F 133 -6.37 -28.30 -38.89
CA PHE F 133 -4.99 -28.51 -39.30
C PHE F 133 -4.55 -29.96 -39.19
N THR F 134 -5.44 -30.85 -38.71
CA THR F 134 -5.18 -32.29 -38.62
C THR F 134 -6.04 -33.11 -39.61
N ARG F 135 -6.57 -32.46 -40.65
CA ARG F 135 -7.15 -33.13 -41.81
C ARG F 135 -6.11 -33.27 -42.93
N GLN F 136 -5.83 -34.51 -43.35
CA GLN F 136 -4.86 -34.71 -44.43
C GLN F 136 -5.28 -33.98 -45.70
N ARG F 137 -6.60 -33.85 -45.94
CA ARG F 137 -7.09 -33.15 -47.12
C ARG F 137 -6.62 -31.71 -47.15
N LEU F 138 -6.77 -31.00 -46.03
CA LEU F 138 -6.29 -29.63 -45.96
C LEU F 138 -4.76 -29.56 -46.09
N ASN F 139 -4.04 -30.54 -45.54
CA ASN F 139 -2.60 -30.41 -45.50
C ASN F 139 -1.96 -30.68 -46.85
N LEU F 140 -2.62 -31.45 -47.70
CA LEU F 140 -2.17 -31.55 -49.08
C LEU F 140 -2.17 -30.18 -49.75
N HIS F 141 -3.13 -29.31 -49.41
CA HIS F 141 -3.15 -27.98 -49.99
C HIS F 141 -2.02 -27.12 -49.45
N PHE F 142 -1.74 -27.22 -48.16
CA PHE F 142 -0.60 -26.49 -47.59
C PHE F 142 0.69 -26.89 -48.30
N LYS F 143 0.88 -28.20 -48.54
CA LYS F 143 2.11 -28.67 -49.18
C LYS F 143 2.27 -28.06 -50.56
N LYS F 144 1.18 -28.01 -51.33
CA LYS F 144 1.30 -27.46 -52.68
C LYS F 144 1.59 -25.95 -52.60
N LEU F 145 0.90 -25.24 -51.70
CA LEU F 145 1.18 -23.82 -51.51
C LEU F 145 2.62 -23.59 -51.08
N PHE F 146 3.10 -24.33 -50.07
CA PHE F 146 4.45 -24.11 -49.60
C PHE F 146 5.49 -24.49 -50.65
N ASP F 147 5.22 -25.53 -51.45
CA ASP F 147 6.20 -25.95 -52.45
C ASP F 147 6.38 -24.88 -53.52
N THR F 148 5.30 -24.18 -53.89
CA THR F 148 5.42 -23.13 -54.89
C THR F 148 6.26 -21.98 -54.35
N TRP F 149 6.03 -21.61 -53.10
CA TRP F 149 6.82 -20.57 -52.46
C TRP F 149 8.29 -20.97 -52.41
N GLY F 150 8.55 -22.22 -52.02
CA GLY F 150 9.91 -22.69 -51.93
C GLY F 150 10.66 -22.58 -53.24
N LEU F 151 9.97 -22.86 -54.36
CA LEU F 151 10.59 -22.69 -55.67
C LEU F 151 10.96 -21.23 -55.92
N PHE F 152 10.11 -20.30 -55.48
CA PHE F 152 10.49 -18.89 -55.51
C PHE F 152 11.76 -18.63 -54.69
N LEU F 153 11.82 -19.16 -53.46
CA LEU F 153 12.96 -18.91 -52.59
C LEU F 153 14.25 -19.59 -53.05
N SER F 154 14.18 -20.49 -54.03
CA SER F 154 15.36 -21.06 -54.67
C SER F 154 15.76 -20.31 -55.93
N SER F 155 15.06 -19.24 -56.29
CA SER F 155 15.32 -18.49 -57.51
C SER F 155 16.04 -17.18 -57.19
N LYS F 156 16.60 -16.58 -58.23
CA LYS F 156 17.43 -15.38 -58.08
C LYS F 156 16.69 -14.16 -57.57
N ASP F 157 15.36 -14.07 -57.76
CA ASP F 157 14.63 -12.90 -57.30
C ASP F 157 14.47 -12.85 -55.79
N SER F 158 14.71 -13.98 -55.10
CA SER F 158 14.73 -14.03 -53.64
C SER F 158 16.03 -13.51 -53.04
N ARG F 159 16.99 -13.03 -53.86
CA ARG F 159 18.21 -12.46 -53.27
C ARG F 159 17.96 -11.09 -52.67
N ASN F 160 16.85 -10.44 -53.03
CA ASN F 160 16.59 -9.08 -52.59
C ASN F 160 16.67 -8.93 -51.07
N VAL F 161 16.39 -10.00 -50.31
CA VAL F 161 16.52 -9.89 -48.85
C VAL F 161 17.94 -10.12 -48.38
N LEU F 162 18.84 -10.57 -49.26
CA LEU F 162 20.24 -10.80 -48.91
C LEU F 162 21.04 -9.49 -49.00
N VAL F 163 20.62 -8.53 -48.16
CA VAL F 163 21.14 -7.18 -48.12
C VAL F 163 21.46 -6.82 -46.67
N ALA F 164 21.98 -5.60 -46.49
CA ALA F 164 22.21 -5.00 -45.19
C ALA F 164 21.13 -4.00 -44.79
N ASP F 165 20.15 -3.77 -45.66
CA ASP F 165 19.16 -2.73 -45.43
C ASP F 165 18.38 -2.97 -44.15
N GLN F 166 18.07 -1.90 -43.43
CA GLN F 166 17.08 -1.94 -42.37
C GLN F 166 15.72 -1.65 -42.98
N PHE F 167 14.89 -2.69 -43.07
CA PHE F 167 13.67 -2.55 -43.86
C PHE F 167 12.65 -1.66 -43.18
N ASP F 168 12.43 -1.84 -41.88
CA ASP F 168 11.48 -0.99 -41.17
C ASP F 168 11.93 -0.87 -39.72
N ASP F 169 10.97 -0.65 -38.83
CA ASP F 169 11.27 -0.52 -37.41
C ASP F 169 11.82 -1.81 -36.86
N ARG F 170 11.22 -2.94 -37.24
CA ARG F 170 11.45 -4.21 -36.58
C ARG F 170 12.31 -5.19 -37.39
N HIS F 171 12.57 -4.92 -38.68
CA HIS F 171 13.11 -5.94 -39.58
C HIS F 171 14.31 -5.42 -40.36
N CYS F 172 15.19 -6.33 -40.75
CA CYS F 172 16.38 -6.02 -41.53
C CYS F 172 16.69 -7.19 -42.46
N GLY F 173 17.56 -6.92 -43.45
CA GLY F 173 18.02 -7.95 -44.34
C GLY F 173 18.98 -8.91 -43.67
N TRP F 174 19.25 -10.03 -44.35
CA TRP F 174 20.04 -11.09 -43.73
C TRP F 174 21.53 -10.79 -43.69
N LEU F 175 22.04 -9.95 -44.59
CA LEU F 175 23.43 -9.49 -44.52
C LEU F 175 23.59 -8.23 -43.68
N ASN F 176 22.55 -7.82 -42.95
CA ASN F 176 22.70 -6.79 -41.92
C ASN F 176 23.59 -7.29 -40.79
N GLU F 177 24.29 -6.36 -40.14
CA GLU F 177 25.20 -6.76 -39.05
C GLU F 177 24.45 -7.33 -37.86
N ARG F 178 23.21 -6.88 -37.64
CA ARG F 178 22.39 -7.48 -36.59
C ARG F 178 22.14 -8.97 -36.85
N ALA F 179 21.69 -9.31 -38.06
CA ALA F 179 21.39 -10.70 -38.38
C ALA F 179 22.66 -11.53 -38.52
N LEU F 180 23.68 -10.99 -39.19
CA LEU F 180 24.94 -11.71 -39.36
C LEU F 180 25.50 -12.15 -38.01
N SER F 181 25.44 -11.26 -37.01
CA SER F 181 26.01 -11.58 -35.71
C SER F 181 25.20 -12.67 -35.02
N ALA F 182 23.87 -12.56 -35.05
CA ALA F 182 23.01 -13.58 -34.46
C ALA F 182 23.31 -14.99 -34.98
N MET F 183 23.74 -15.12 -36.24
CA MET F 183 23.96 -16.43 -36.84
C MET F 183 25.33 -17.05 -36.53
N VAL F 184 26.19 -16.35 -35.79
CA VAL F 184 27.51 -16.86 -35.47
C VAL F 184 27.79 -16.90 -33.98
N LYS F 185 26.74 -16.80 -33.15
CA LYS F 185 26.91 -16.75 -31.70
C LYS F 185 27.77 -17.90 -31.18
N HIS F 186 27.60 -19.08 -31.73
CA HIS F 186 28.26 -20.26 -31.17
C HIS F 186 29.45 -20.70 -32.02
N TYR F 187 30.23 -19.74 -32.54
CA TYR F 187 31.35 -20.05 -33.41
C TYR F 187 32.64 -19.39 -32.93
N ASN F 188 32.75 -19.15 -31.62
CA ASN F 188 33.99 -18.79 -30.94
C ASN F 188 34.51 -17.40 -31.35
N GLY F 189 33.61 -16.51 -31.76
CA GLY F 189 33.94 -15.16 -32.15
C GLY F 189 34.37 -14.99 -33.60
N ARG F 190 34.37 -16.05 -34.39
CA ARG F 190 34.65 -15.92 -35.81
C ARG F 190 33.44 -15.31 -36.53
N ALA F 191 33.72 -14.66 -37.66
CA ALA F 191 32.71 -13.92 -38.40
C ALA F 191 31.99 -14.82 -39.38
N PHE F 192 30.80 -14.37 -39.79
CA PHE F 192 29.96 -15.13 -40.71
C PHE F 192 30.73 -15.61 -41.94
N ASP F 193 31.54 -14.73 -42.54
CA ASP F 193 32.24 -15.07 -43.78
C ASP F 193 33.44 -16.00 -43.56
N GLU F 194 33.88 -16.17 -42.32
CA GLU F 194 34.93 -17.14 -42.00
C GLU F 194 34.35 -18.53 -41.81
N VAL F 195 33.20 -18.60 -41.13
CA VAL F 195 32.54 -19.86 -40.78
C VAL F 195 31.87 -20.48 -41.98
N PHE F 196 31.26 -19.67 -42.84
CA PHE F 196 30.45 -20.16 -43.94
C PHE F 196 31.06 -19.75 -45.27
N LEU F 197 30.94 -20.62 -46.25
CA LEU F 197 31.44 -20.34 -47.58
C LEU F 197 30.56 -19.27 -48.23
N CYS F 198 31.19 -18.18 -48.66
CA CYS F 198 30.53 -17.05 -49.31
C CYS F 198 31.61 -16.10 -49.81
N ASP F 199 31.19 -14.93 -50.29
CA ASP F 199 32.08 -13.86 -50.74
C ASP F 199 31.57 -12.54 -50.17
N LYS F 200 32.20 -12.05 -49.10
CA LYS F 200 31.75 -10.82 -48.44
C LYS F 200 31.86 -9.59 -49.35
N ASN F 201 32.55 -9.72 -50.48
CA ASN F 201 32.74 -8.62 -51.41
C ASN F 201 31.83 -8.70 -52.63
N ALA F 202 31.19 -9.84 -52.87
CA ALA F 202 30.21 -9.99 -53.92
C ALA F 202 28.83 -9.50 -53.46
N PRO F 203 27.96 -9.12 -54.41
CA PRO F 203 26.57 -8.81 -54.04
C PRO F 203 25.90 -10.03 -53.44
N TYR F 204 25.15 -9.81 -52.36
CA TYR F 204 24.43 -10.88 -51.65
C TYR F 204 25.38 -11.92 -51.06
N TYR F 205 26.60 -11.51 -50.73
CA TYR F 205 27.66 -12.44 -50.28
C TYR F 205 27.86 -13.60 -51.26
N GLY F 206 27.48 -13.41 -52.53
CA GLY F 206 27.65 -14.42 -53.54
C GLY F 206 26.58 -15.48 -53.59
N PHE F 207 25.51 -15.33 -52.81
CA PHE F 207 24.47 -16.35 -52.75
C PHE F 207 23.51 -16.22 -53.92
N ASN F 208 23.10 -17.38 -54.46
CA ASN F 208 22.21 -17.41 -55.61
C ASN F 208 20.76 -17.13 -55.29
N SER F 209 20.33 -17.35 -54.04
CA SER F 209 18.92 -17.24 -53.70
C SER F 209 18.80 -17.22 -52.19
N TYR F 210 17.58 -16.99 -51.71
CA TYR F 210 17.36 -17.11 -50.28
C TYR F 210 17.61 -18.53 -49.79
N ASP F 211 17.20 -19.53 -50.58
CA ASP F 211 17.45 -20.90 -50.16
C ASP F 211 18.94 -21.22 -50.11
N ASP F 212 19.74 -20.56 -50.95
CA ASP F 212 21.18 -20.82 -50.95
C ASP F 212 21.84 -20.30 -49.69
N PHE F 213 21.47 -19.11 -49.26
CA PHE F 213 21.98 -18.58 -48.00
C PHE F 213 21.47 -19.40 -46.83
N PHE F 214 20.19 -19.76 -46.87
CA PHE F 214 19.58 -20.60 -45.85
C PHE F 214 20.37 -21.88 -45.61
N ASN F 215 20.89 -22.49 -46.68
CA ASN F 215 21.66 -23.72 -46.59
C ASN F 215 23.14 -23.49 -46.84
N ARG F 216 23.66 -22.35 -46.36
CA ARG F 216 25.08 -22.07 -46.44
C ARG F 216 25.90 -23.25 -45.94
N ARG F 217 27.05 -23.47 -46.57
CA ARG F 217 27.96 -24.53 -46.16
C ARG F 217 29.03 -23.99 -45.22
N PHE F 218 29.65 -24.91 -44.48
CA PHE F 218 30.78 -24.57 -43.63
C PHE F 218 32.03 -24.36 -44.48
N ARG F 219 32.68 -23.20 -44.32
CA ARG F 219 33.91 -22.96 -45.06
C ARG F 219 34.98 -23.97 -44.69
N ASN F 220 35.10 -24.29 -43.41
CA ASN F 220 36.09 -25.27 -42.95
C ASN F 220 35.54 -25.90 -41.67
N ARG F 221 34.78 -27.00 -41.85
CA ARG F 221 34.18 -27.66 -40.69
C ARG F 221 35.22 -28.12 -39.68
N ASP F 222 36.46 -28.41 -40.13
CA ASP F 222 37.50 -28.91 -39.24
C ASP F 222 37.87 -27.88 -38.16
N ILE F 223 37.71 -26.59 -38.45
CA ILE F 223 37.93 -25.57 -37.43
C ILE F 223 36.69 -25.41 -36.54
N ASP F 224 35.52 -25.14 -37.14
CA ASP F 224 34.36 -24.65 -36.40
C ASP F 224 33.50 -25.76 -35.79
N ARG F 225 33.25 -26.85 -36.52
CA ARG F 225 32.37 -27.94 -36.07
C ARG F 225 33.00 -29.27 -36.47
N PRO F 226 34.13 -29.62 -35.86
CA PRO F 226 34.85 -30.83 -36.27
C PRO F 226 34.15 -32.11 -35.83
N VAL F 227 34.45 -33.18 -36.56
CA VAL F 227 34.07 -34.53 -36.16
C VAL F 227 34.86 -34.95 -34.94
N VAL F 228 34.30 -34.75 -33.74
CA VAL F 228 35.04 -35.03 -32.52
C VAL F 228 35.47 -36.50 -32.46
N GLY F 229 36.77 -36.72 -32.23
CA GLY F 229 37.34 -38.04 -32.18
C GLY F 229 37.78 -38.57 -33.53
N GLY F 230 37.35 -37.95 -34.61
CA GLY F 230 37.83 -38.42 -35.89
C GLY F 230 37.02 -39.58 -36.44
N VAL F 231 36.97 -39.65 -37.77
CA VAL F 231 36.04 -40.57 -38.43
C VAL F 231 36.37 -42.03 -38.08
N ASN F 232 37.65 -42.35 -37.88
CA ASN F 232 38.07 -43.73 -37.62
C ASN F 232 37.61 -44.28 -36.28
N ASN F 233 37.22 -43.42 -35.33
CA ASN F 233 36.65 -43.87 -34.06
C ASN F 233 35.17 -44.17 -34.27
N THR F 234 34.81 -45.45 -34.43
CA THR F 234 33.43 -45.81 -34.69
C THR F 234 32.60 -46.05 -33.43
N THR F 235 33.13 -45.75 -32.25
CA THR F 235 32.37 -45.88 -31.01
C THR F 235 31.62 -44.62 -30.66
N LEU F 236 31.59 -43.63 -31.55
CA LEU F 236 31.02 -42.32 -31.26
C LEU F 236 29.91 -41.99 -32.25
N ILE F 237 28.93 -41.21 -31.78
CA ILE F 237 27.81 -40.78 -32.61
C ILE F 237 27.77 -39.26 -32.60
N SER F 238 27.72 -38.65 -33.78
CA SER F 238 27.75 -37.20 -33.90
C SER F 238 26.34 -36.63 -34.04
N ALA F 239 26.18 -35.38 -33.58
CA ALA F 239 24.91 -34.68 -33.73
C ALA F 239 24.65 -34.37 -35.21
N ALA F 240 23.42 -34.63 -35.66
CA ALA F 240 23.07 -34.47 -37.06
C ALA F 240 22.78 -33.03 -37.47
N CYS F 241 22.35 -32.19 -36.54
CA CYS F 241 21.95 -30.82 -36.86
C CYS F 241 22.54 -29.88 -35.84
N GLU F 242 22.92 -28.68 -36.31
CA GLU F 242 23.21 -27.58 -35.40
C GLU F 242 21.93 -27.17 -34.70
N SER F 243 21.82 -27.44 -33.41
CA SER F 243 20.51 -27.33 -32.77
C SER F 243 20.67 -26.96 -31.31
N LEU F 244 19.51 -26.84 -30.65
CA LEU F 244 19.39 -26.80 -29.20
C LEU F 244 18.73 -28.10 -28.72
N SER F 245 19.17 -28.61 -27.57
CA SER F 245 18.44 -29.68 -26.90
C SER F 245 16.98 -29.31 -26.71
N TYR F 246 16.08 -30.21 -27.15
CA TYR F 246 14.69 -30.05 -26.78
C TYR F 246 14.19 -31.14 -25.83
N ASN F 247 14.55 -32.39 -26.05
CA ASN F 247 14.08 -33.43 -25.17
C ASN F 247 14.93 -34.68 -25.37
N VAL F 248 15.11 -35.43 -24.27
CA VAL F 248 15.64 -36.79 -24.28
C VAL F 248 14.65 -37.70 -23.55
N SER F 249 14.39 -38.87 -24.13
CA SER F 249 13.45 -39.85 -23.59
C SER F 249 14.08 -41.23 -23.64
N TYR F 250 13.77 -42.03 -22.62
CA TYR F 250 14.26 -43.40 -22.51
C TYR F 250 13.08 -44.36 -22.43
N ASP F 251 13.34 -45.61 -22.79
CA ASP F 251 12.33 -46.66 -22.84
C ASP F 251 11.13 -46.20 -23.66
N VAL F 252 11.43 -45.67 -24.85
CA VAL F 252 10.37 -45.18 -25.72
C VAL F 252 9.62 -46.38 -26.30
N GLN F 253 8.32 -46.20 -26.52
CA GLN F 253 7.49 -47.31 -26.97
C GLN F 253 6.54 -46.86 -28.07
N SER F 254 5.95 -47.85 -28.75
CA SER F 254 4.85 -47.59 -29.68
C SER F 254 3.53 -47.46 -28.92
N LEU F 255 2.76 -46.44 -29.27
CA LEU F 255 1.44 -46.21 -28.71
C LEU F 255 0.37 -46.44 -29.79
N ASP F 256 -0.83 -46.77 -29.35
CA ASP F 256 -1.91 -46.96 -30.30
C ASP F 256 -2.60 -45.64 -30.63
N THR F 257 -2.67 -44.74 -29.67
CA THR F 257 -3.13 -43.38 -29.90
C THR F 257 -2.19 -42.42 -29.21
N LEU F 258 -2.24 -41.16 -29.62
CA LEU F 258 -1.45 -40.13 -28.99
C LEU F 258 -2.20 -39.44 -27.85
N VAL F 259 -3.50 -39.73 -27.69
CA VAL F 259 -4.32 -39.02 -26.72
C VAL F 259 -3.74 -39.18 -25.33
N PHE F 260 -3.57 -38.06 -24.62
CA PHE F 260 -2.98 -38.04 -23.29
C PHE F 260 -1.56 -38.62 -23.36
N LYS F 261 -1.18 -39.34 -22.30
CA LYS F 261 0.08 -40.05 -22.06
C LYS F 261 1.31 -39.17 -21.98
N GLY F 262 1.16 -37.85 -22.06
CA GLY F 262 2.24 -36.88 -22.16
C GLY F 262 2.31 -36.36 -23.58
N GLU F 263 3.26 -35.45 -23.81
CA GLU F 263 3.74 -35.08 -25.15
C GLU F 263 4.43 -36.24 -25.87
N THR F 264 4.30 -37.43 -25.34
CA THR F 264 5.28 -38.49 -25.50
C THR F 264 5.48 -38.92 -26.95
N TYR F 265 6.65 -39.51 -27.24
CA TYR F 265 6.85 -40.14 -28.52
C TYR F 265 6.05 -41.44 -28.59
N SER F 266 5.46 -41.72 -29.75
CA SER F 266 5.03 -43.06 -30.08
C SER F 266 5.83 -43.54 -31.28
N LEU F 267 6.66 -44.56 -31.06
CA LEU F 267 7.51 -45.11 -32.12
C LEU F 267 6.71 -45.44 -33.38
N LYS F 268 5.60 -46.17 -33.23
CA LYS F 268 4.75 -46.51 -34.38
C LYS F 268 4.39 -45.28 -35.21
N HIS F 269 3.96 -44.19 -34.55
CA HIS F 269 3.57 -42.98 -35.27
C HIS F 269 4.77 -42.31 -35.92
N LEU F 270 5.81 -42.05 -35.14
CA LEU F 270 6.97 -41.29 -35.61
C LEU F 270 7.70 -41.99 -36.76
N LEU F 271 7.78 -43.33 -36.74
CA LEU F 271 8.38 -44.11 -37.80
C LEU F 271 7.36 -44.62 -38.80
N ASN F 272 6.11 -44.12 -38.73
CA ASN F 272 5.08 -44.39 -39.73
C ASN F 272 4.85 -45.89 -39.97
N ASN F 273 4.85 -46.68 -38.89
CA ASN F 273 4.63 -48.12 -38.98
C ASN F 273 5.66 -48.82 -39.86
N ASP F 274 6.91 -48.38 -39.77
CA ASP F 274 7.98 -49.06 -40.50
C ASP F 274 8.11 -50.51 -40.00
N PRO F 275 8.55 -51.43 -40.85
CA PRO F 275 8.89 -52.77 -40.34
C PRO F 275 10.02 -52.75 -39.32
N PHE F 276 10.94 -51.78 -39.40
CA PHE F 276 12.04 -51.69 -38.44
C PHE F 276 11.58 -51.26 -37.04
N THR F 277 10.39 -50.67 -36.93
CA THR F 277 9.94 -50.09 -35.66
C THR F 277 10.11 -50.99 -34.44
N PRO F 278 9.85 -52.30 -34.51
CA PRO F 278 10.02 -53.13 -33.31
C PRO F 278 11.42 -53.09 -32.75
N GLN F 279 12.44 -53.03 -33.61
CA GLN F 279 13.82 -53.08 -33.12
C GLN F 279 14.13 -51.92 -32.18
N PHE F 280 13.39 -50.82 -32.27
CA PHE F 280 13.68 -49.63 -31.48
C PHE F 280 12.84 -49.55 -30.22
N GLU F 281 11.92 -50.48 -30.02
CA GLU F 281 11.12 -50.48 -28.81
C GLU F 281 12.02 -50.55 -27.58
N HIS F 282 11.71 -49.70 -26.61
CA HIS F 282 12.46 -49.56 -25.36
C HIS F 282 13.79 -48.82 -25.55
N GLY F 283 14.09 -48.32 -26.76
CA GLY F 283 15.29 -47.56 -27.01
C GLY F 283 15.26 -46.15 -26.42
N SER F 284 16.06 -45.26 -27.00
CA SER F 284 16.16 -43.90 -26.48
C SER F 284 16.22 -42.90 -27.64
N ILE F 285 15.74 -41.69 -27.39
CA ILE F 285 15.60 -40.68 -28.44
C ILE F 285 16.15 -39.35 -27.94
N LEU F 286 16.99 -38.72 -28.76
CA LEU F 286 17.44 -37.34 -28.54
C LEU F 286 16.85 -36.48 -29.66
N GLN F 287 16.19 -35.40 -29.27
CA GLN F 287 15.56 -34.51 -30.24
C GLN F 287 16.03 -33.09 -30.02
N GLY F 288 16.46 -32.45 -31.12
CA GLY F 288 16.95 -31.08 -31.09
C GLY F 288 16.10 -30.12 -31.88
N PHE F 289 16.26 -28.83 -31.59
CA PHE F 289 15.44 -27.77 -32.16
C PHE F 289 16.36 -26.79 -32.89
N LEU F 290 15.97 -26.40 -34.12
CA LEU F 290 16.67 -25.41 -34.94
C LEU F 290 15.83 -24.13 -34.98
N ASN F 291 16.32 -23.07 -34.35
CA ASN F 291 15.67 -21.78 -34.43
C ASN F 291 16.19 -21.01 -35.64
N VAL F 292 15.92 -19.70 -35.67
CA VAL F 292 16.23 -18.89 -36.86
C VAL F 292 17.72 -18.85 -37.15
N THR F 293 18.58 -18.89 -36.12
CA THR F 293 20.01 -18.68 -36.29
C THR F 293 20.78 -19.94 -36.69
N ALA F 294 20.10 -21.04 -36.98
CA ALA F 294 20.76 -22.33 -37.11
C ALA F 294 21.14 -22.66 -38.54
N TYR F 295 22.36 -23.16 -38.69
CA TYR F 295 22.77 -23.88 -39.89
C TYR F 295 21.81 -25.05 -40.13
N HIS F 296 21.44 -25.26 -41.39
CA HIS F 296 20.23 -26.01 -41.71
C HIS F 296 20.48 -27.35 -42.42
N ARG F 297 21.71 -27.83 -42.45
CA ARG F 297 21.99 -29.07 -43.17
C ARG F 297 22.15 -30.24 -42.22
N TRP F 298 21.97 -31.44 -42.74
CA TRP F 298 22.06 -32.67 -41.95
C TRP F 298 23.39 -33.36 -42.18
N HIS F 299 24.06 -33.74 -41.09
CA HIS F 299 25.27 -34.53 -41.16
C HIS F 299 25.06 -35.94 -40.62
N ALA F 300 25.80 -36.88 -41.21
CA ALA F 300 25.83 -38.29 -40.83
C ALA F 300 26.33 -38.49 -39.40
N PRO F 301 25.52 -39.03 -38.49
CA PRO F 301 25.99 -39.24 -37.10
C PRO F 301 27.03 -40.36 -36.94
N VAL F 302 27.18 -41.24 -37.93
CA VAL F 302 28.07 -42.40 -37.84
C VAL F 302 28.66 -42.64 -39.23
N ASN F 303 29.69 -43.49 -39.31
CA ASN F 303 30.01 -44.12 -40.59
C ASN F 303 29.05 -45.27 -40.76
N GLY F 304 28.46 -45.40 -41.94
CA GLY F 304 27.49 -46.45 -42.11
C GLY F 304 26.85 -46.40 -43.47
N THR F 305 25.84 -47.23 -43.62
CA THR F 305 25.11 -47.40 -44.87
C THR F 305 23.69 -46.87 -44.71
N ILE F 306 23.25 -46.07 -45.66
CA ILE F 306 21.86 -45.66 -45.73
C ILE F 306 21.03 -46.88 -46.12
N VAL F 307 20.12 -47.28 -45.24
CA VAL F 307 19.28 -48.45 -45.47
C VAL F 307 17.97 -48.08 -46.15
N LYS F 308 17.30 -47.06 -45.64
CA LYS F 308 15.98 -46.72 -46.13
C LYS F 308 15.69 -45.26 -45.80
N ILE F 309 15.14 -44.53 -46.76
CA ILE F 309 14.71 -43.14 -46.60
C ILE F 309 13.23 -43.08 -46.93
N ILE F 310 12.42 -42.56 -46.01
CA ILE F 310 10.97 -42.44 -46.18
C ILE F 310 10.56 -40.99 -45.96
N ASN F 311 9.84 -40.43 -46.92
CA ASN F 311 9.19 -39.13 -46.78
C ASN F 311 7.73 -39.34 -46.42
N VAL F 312 7.29 -38.77 -45.31
CA VAL F 312 5.95 -39.00 -44.76
C VAL F 312 5.16 -37.69 -44.77
N PRO F 313 4.07 -37.61 -45.53
CA PRO F 313 3.13 -36.47 -45.41
C PRO F 313 2.59 -36.32 -44.00
N GLY F 314 2.37 -35.07 -43.60
CA GLY F 314 1.89 -34.81 -42.25
C GLY F 314 1.37 -33.41 -41.97
N THR F 315 1.42 -33.02 -40.70
CA THR F 315 0.86 -31.73 -40.30
C THR F 315 1.85 -30.61 -40.53
N TYR F 316 1.33 -29.39 -40.52
CA TYR F 316 2.14 -28.18 -40.54
C TYR F 316 1.81 -27.23 -39.39
N PHE F 317 0.56 -27.18 -38.94
CA PHE F 317 0.12 -26.19 -37.98
C PHE F 317 -0.53 -26.82 -36.76
N ALA F 318 -0.20 -28.08 -36.47
CA ALA F 318 -0.76 -28.76 -35.31
C ALA F 318 0.21 -28.65 -34.14
N GLN F 319 -0.20 -27.93 -33.09
CA GLN F 319 0.48 -27.93 -31.81
C GLN F 319 -0.14 -29.00 -30.90
N ALA F 320 0.42 -29.16 -29.72
CA ALA F 320 -0.09 -30.18 -28.81
C ALA F 320 -1.45 -29.76 -28.23
N PRO F 321 -2.44 -30.65 -28.22
CA PRO F 321 -3.76 -30.26 -27.69
C PRO F 321 -3.74 -29.69 -26.28
N SER F 322 -2.89 -30.21 -25.40
CA SER F 322 -2.84 -29.72 -24.03
C SER F 322 -2.47 -28.25 -23.97
N THR F 323 -1.78 -27.73 -24.97
CA THR F 323 -1.38 -26.33 -24.97
C THR F 323 -2.44 -25.38 -25.52
N ILE F 324 -3.56 -25.89 -26.04
CA ILE F 324 -4.56 -24.98 -26.64
C ILE F 324 -4.95 -23.94 -25.60
N GLY F 325 -4.81 -22.67 -25.97
CA GLY F 325 -5.22 -21.56 -25.12
C GLY F 325 -4.11 -20.93 -24.30
N ASP F 326 -2.91 -21.53 -24.29
CA ASP F 326 -1.74 -20.97 -23.62
C ASP F 326 -1.44 -19.58 -24.14
N PRO F 327 -0.72 -18.78 -23.37
CA PRO F 327 -0.37 -17.44 -23.83
C PRO F 327 0.56 -17.48 -25.04
N ILE F 328 0.36 -16.55 -25.97
CA ILE F 328 1.32 -16.33 -27.05
C ILE F 328 2.13 -15.07 -26.75
N PRO F 329 3.32 -15.18 -26.17
CA PRO F 329 4.11 -13.99 -25.83
C PRO F 329 4.39 -13.13 -27.05
N ASP F 330 4.48 -11.82 -26.81
CA ASP F 330 4.81 -10.88 -27.87
C ASP F 330 6.31 -10.72 -28.09
N ASN F 331 7.15 -11.28 -27.22
CA ASN F 331 8.59 -11.22 -27.38
C ASN F 331 9.16 -12.62 -27.18
N ASP F 332 10.49 -12.71 -27.25
CA ASP F 332 11.18 -13.98 -27.08
C ASP F 332 11.42 -14.36 -25.60
N TYR F 333 10.70 -13.78 -24.63
CA TYR F 333 10.99 -14.05 -23.23
C TYR F 333 10.51 -15.43 -22.81
N ASP F 334 9.35 -15.85 -23.32
CA ASP F 334 8.76 -17.14 -23.05
C ASP F 334 8.46 -17.86 -24.35
N PRO F 335 8.42 -19.19 -24.32
CA PRO F 335 8.08 -19.95 -25.53
C PRO F 335 6.57 -19.98 -25.74
N PRO F 336 6.11 -19.79 -26.97
CA PRO F 336 4.68 -19.94 -27.28
C PRO F 336 4.29 -21.41 -27.33
N PRO F 337 2.98 -21.72 -27.35
CA PRO F 337 2.54 -23.13 -27.27
C PRO F 337 3.15 -24.04 -28.32
N TYR F 338 3.29 -23.54 -29.55
CA TYR F 338 3.82 -24.38 -30.62
C TYR F 338 5.26 -24.79 -30.35
N LEU F 339 6.09 -23.88 -29.81
CA LEU F 339 7.46 -24.28 -29.47
C LEU F 339 7.54 -25.08 -28.18
N LYS F 340 6.41 -25.40 -27.56
CA LYS F 340 6.33 -26.38 -26.50
C LYS F 340 5.72 -27.70 -26.98
N SER F 341 5.67 -27.95 -28.29
CA SER F 341 4.96 -29.10 -28.82
C SER F 341 5.83 -29.99 -29.69
N LEU F 342 7.14 -29.77 -29.71
CA LEU F 342 8.00 -30.47 -30.65
C LEU F 342 7.94 -31.96 -30.44
N VAL F 343 7.89 -32.42 -29.19
CA VAL F 343 7.80 -33.86 -28.95
C VAL F 343 6.48 -34.39 -29.46
N TYR F 344 5.39 -33.66 -29.20
CA TYR F 344 4.09 -34.10 -29.68
C TYR F 344 4.05 -34.25 -31.19
N PHE F 345 4.32 -33.16 -31.94
CA PHE F 345 4.04 -33.19 -33.37
C PHE F 345 5.11 -33.93 -34.17
N SER F 346 6.20 -34.35 -33.53
CA SER F 346 7.13 -35.26 -34.19
C SER F 346 6.42 -36.53 -34.62
N ASN F 347 5.37 -36.93 -33.91
CA ASN F 347 4.59 -38.09 -34.30
C ASN F 347 3.85 -37.88 -35.62
N ILE F 348 3.49 -36.64 -35.94
CA ILE F 348 2.51 -36.41 -37.00
C ILE F 348 2.95 -35.39 -38.04
N ALA F 349 3.99 -34.57 -37.79
CA ALA F 349 4.32 -33.52 -38.73
C ALA F 349 4.95 -34.09 -40.00
N ALA F 350 4.83 -33.34 -41.09
CA ALA F 350 5.57 -33.63 -42.31
C ALA F 350 7.04 -33.85 -41.98
N ARG F 351 7.55 -35.03 -42.33
CA ARG F 351 8.86 -35.42 -41.84
C ARG F 351 9.48 -36.43 -42.78
N GLN F 352 10.76 -36.69 -42.56
CA GLN F 352 11.51 -37.71 -43.27
C GLN F 352 12.18 -38.67 -42.27
N ILE F 353 12.09 -39.96 -42.54
CA ILE F 353 12.75 -40.98 -41.74
C ILE F 353 13.93 -41.54 -42.55
N MET F 354 15.11 -41.55 -41.93
CA MET F 354 16.32 -42.18 -42.47
C MET F 354 16.79 -43.27 -41.52
N PHE F 355 16.90 -44.49 -42.02
CA PHE F 355 17.46 -45.60 -41.25
C PHE F 355 18.89 -45.82 -41.71
N ILE F 356 19.83 -45.84 -40.76
CA ILE F 356 21.25 -45.99 -41.05
C ILE F 356 21.78 -47.23 -40.30
N GLU F 357 22.51 -48.08 -41.00
CA GLU F 357 23.19 -49.22 -40.39
C GLU F 357 24.66 -48.83 -40.16
N ALA F 358 24.99 -48.41 -38.95
CA ALA F 358 26.35 -47.98 -38.65
C ALA F 358 27.36 -49.11 -38.88
N ASP F 359 28.55 -48.73 -39.36
CA ASP F 359 29.61 -49.72 -39.62
C ASP F 359 30.02 -50.46 -38.36
N ASN F 360 30.04 -49.75 -37.23
CA ASN F 360 30.27 -50.35 -35.94
C ASN F 360 29.04 -51.17 -35.56
N LYS F 361 29.19 -52.51 -35.59
CA LYS F 361 28.07 -53.40 -35.30
C LYS F 361 27.60 -53.30 -33.84
N GLU F 362 28.42 -52.73 -32.96
CA GLU F 362 27.96 -52.47 -31.59
C GLU F 362 26.91 -51.37 -31.52
N ILE F 363 26.79 -50.56 -32.57
CA ILE F 363 25.73 -49.57 -32.66
C ILE F 363 24.57 -50.05 -33.53
N GLY F 364 24.89 -50.67 -34.66
CA GLY F 364 23.86 -51.29 -35.49
C GLY F 364 22.97 -50.28 -36.19
N LEU F 365 21.71 -50.67 -36.35
CA LEU F 365 20.71 -49.84 -37.02
C LEU F 365 20.30 -48.68 -36.10
N ILE F 366 20.37 -47.46 -36.63
CA ILE F 366 19.88 -46.26 -35.96
C ILE F 366 18.85 -45.59 -36.87
N PHE F 367 18.15 -44.60 -36.34
CA PHE F 367 17.27 -43.82 -37.19
C PHE F 367 17.44 -42.34 -36.93
N LEU F 368 17.10 -41.58 -37.95
CA LEU F 368 16.98 -40.13 -37.87
C LEU F 368 15.60 -39.75 -38.37
N VAL F 369 14.98 -38.79 -37.71
CA VAL F 369 13.74 -38.20 -38.21
C VAL F 369 13.92 -36.70 -38.31
N PHE F 370 13.77 -36.16 -39.51
CA PHE F 370 13.84 -34.73 -39.74
C PHE F 370 12.41 -34.19 -39.82
N ILE F 371 12.08 -33.29 -38.89
CA ILE F 371 10.70 -32.92 -38.56
C ILE F 371 10.40 -31.52 -39.06
N GLY F 372 9.40 -31.40 -39.95
CA GLY F 372 9.00 -30.10 -40.44
C GLY F 372 8.34 -29.24 -39.37
N MET F 373 8.37 -27.92 -39.62
CA MET F 373 7.69 -26.96 -38.74
C MET F 373 7.14 -25.84 -39.63
N THR F 374 5.81 -25.64 -39.57
CA THR F 374 5.03 -24.73 -40.43
C THR F 374 5.63 -24.76 -41.83
N GLU F 375 6.09 -23.62 -42.38
CA GLU F 375 6.50 -23.53 -43.77
C GLU F 375 7.90 -24.04 -44.03
N ILE F 376 8.62 -24.43 -42.99
CA ILE F 376 9.93 -25.03 -43.16
C ILE F 376 9.79 -26.53 -42.98
N SER F 377 9.18 -27.20 -43.96
CA SER F 377 8.82 -28.60 -43.80
C SER F 377 9.33 -29.48 -44.93
N THR F 378 10.11 -28.93 -45.85
CA THR F 378 10.68 -29.74 -46.91
C THR F 378 11.95 -30.41 -46.41
N CYS F 379 11.99 -31.72 -46.50
CA CYS F 379 13.11 -32.54 -46.07
C CYS F 379 13.73 -33.15 -47.31
N GLU F 380 14.90 -32.66 -47.72
CA GLU F 380 15.58 -33.16 -48.90
C GLU F 380 16.77 -34.03 -48.48
N ALA F 381 16.73 -35.30 -48.88
CA ALA F 381 17.89 -36.17 -48.70
C ALA F 381 18.84 -35.96 -49.88
N THR F 382 20.13 -35.80 -49.59
CA THR F 382 21.14 -35.75 -50.65
C THR F 382 21.94 -37.02 -50.76
N VAL F 383 21.56 -38.07 -50.04
CA VAL F 383 22.22 -39.37 -50.10
C VAL F 383 21.20 -40.39 -50.55
N SER F 384 21.70 -41.54 -50.98
CA SER F 384 20.84 -42.57 -51.55
C SER F 384 20.78 -43.80 -50.65
N GLU F 385 19.73 -44.59 -50.85
CA GLU F 385 19.64 -45.91 -50.24
C GLU F 385 20.75 -46.80 -50.79
N GLY F 386 21.55 -47.37 -49.89
CA GLY F 386 22.65 -48.23 -50.22
C GLY F 386 24.00 -47.55 -50.20
N GLN F 387 24.03 -46.22 -50.13
CA GLN F 387 25.30 -45.48 -50.15
C GLN F 387 25.96 -45.47 -48.78
N HIS F 388 27.28 -45.58 -48.77
CA HIS F 388 28.06 -45.45 -47.56
C HIS F 388 28.38 -43.98 -47.33
N VAL F 389 28.40 -43.57 -46.06
CA VAL F 389 28.82 -42.22 -45.67
C VAL F 389 29.76 -42.33 -44.48
N ASN F 390 30.57 -41.29 -44.30
CA ASN F 390 31.43 -41.15 -43.13
C ASN F 390 30.79 -40.19 -42.14
N ARG F 391 31.03 -40.43 -40.85
CA ARG F 391 30.57 -39.53 -39.80
C ARG F 391 30.90 -38.06 -40.13
N GLY F 392 29.88 -37.21 -40.10
CA GLY F 392 30.02 -35.80 -40.45
C GLY F 392 29.72 -35.45 -41.91
N ASP F 393 29.58 -36.45 -42.79
CA ASP F 393 29.27 -36.19 -44.19
C ASP F 393 27.84 -35.64 -44.33
N ASP F 394 27.59 -34.97 -45.46
CA ASP F 394 26.25 -34.45 -45.74
C ASP F 394 25.24 -35.58 -45.88
N LEU F 395 24.10 -35.42 -45.19
CA LEU F 395 22.95 -36.27 -45.43
C LEU F 395 21.83 -35.54 -46.17
N GLY F 396 21.71 -34.23 -45.98
CA GLY F 396 20.69 -33.44 -46.64
C GLY F 396 20.53 -32.12 -45.91
N MET F 397 19.34 -31.52 -46.10
CA MET F 397 19.03 -30.21 -45.54
C MET F 397 17.53 -30.00 -45.47
N PHE F 398 17.14 -29.02 -44.64
CA PHE F 398 15.78 -28.49 -44.62
C PHE F 398 15.64 -27.41 -45.69
N HIS F 399 14.39 -27.19 -46.13
CA HIS F 399 14.02 -26.05 -46.95
C HIS F 399 12.64 -25.55 -46.56
N PHE F 400 12.41 -24.26 -46.75
CA PHE F 400 11.04 -23.78 -46.90
C PHE F 400 10.32 -24.61 -47.95
N GLY F 401 9.12 -25.05 -47.64
CA GLY F 401 8.35 -25.91 -48.51
C GLY F 401 7.49 -26.88 -47.71
N GLY F 402 6.74 -27.68 -48.45
CA GLY F 402 5.81 -28.61 -47.83
C GLY F 402 6.46 -29.93 -47.49
C PYR G 1 13.50 -28.23 -36.48
O PYR G 1 13.94 -27.57 -35.35
CA PYR G 1 13.13 -27.15 -37.49
O3 PYR G 1 13.27 -26.00 -37.15
CB PYR G 1 12.59 -27.51 -38.88
N SER G 2 13.51 -29.63 -36.76
CA SER G 2 13.67 -30.39 -35.53
C SER G 2 14.22 -31.71 -35.97
N PHE G 3 15.08 -32.35 -35.19
CA PHE G 3 15.62 -33.65 -35.58
C PHE G 3 15.57 -34.59 -34.38
N ALA G 4 15.49 -35.87 -34.67
CA ALA G 4 15.39 -36.91 -33.64
C ALA G 4 16.32 -38.05 -34.01
N LEU G 5 17.27 -38.31 -33.14
CA LEU G 5 18.12 -39.49 -33.27
C LEU G 5 17.53 -40.59 -32.40
N GLY G 6 17.38 -41.77 -32.97
CA GLY G 6 16.82 -42.91 -32.25
C GLY G 6 17.78 -44.08 -32.15
N LEU G 7 17.99 -44.56 -30.93
CA LEU G 7 18.96 -45.61 -30.64
C LEU G 7 18.23 -46.83 -30.07
N ARG G 8 18.63 -48.02 -30.53
CA ARG G 8 18.01 -49.23 -30.04
C ARG G 8 18.43 -49.51 -28.59
N LYS G 9 17.56 -50.21 -27.83
CA LYS G 9 17.90 -50.52 -26.45
C LYS G 9 19.18 -51.35 -26.38
N ASP G 10 19.30 -52.34 -27.26
CA ASP G 10 20.49 -53.17 -27.37
C ASP G 10 21.71 -52.40 -27.86
N CYS G 11 21.53 -51.18 -28.36
CA CYS G 11 22.67 -50.34 -28.73
C CYS G 11 23.48 -49.95 -27.50
N ARG G 12 24.80 -50.06 -27.62
CA ARG G 12 25.75 -49.88 -26.53
C ARG G 12 26.15 -48.43 -26.32
N ALA G 13 25.81 -47.53 -27.25
CA ALA G 13 26.03 -46.11 -27.05
C ALA G 13 24.90 -45.52 -26.21
N GLU G 14 25.26 -44.63 -25.30
CA GLU G 14 24.27 -43.98 -24.47
C GLU G 14 24.41 -42.47 -24.59
N ILE G 15 23.28 -41.79 -24.78
CA ILE G 15 23.27 -40.35 -25.02
C ILE G 15 24.10 -39.64 -23.97
N VAL G 16 24.90 -38.66 -24.43
CA VAL G 16 25.67 -37.85 -23.49
C VAL G 16 24.74 -37.07 -22.59
N GLU G 17 25.01 -37.15 -21.28
CA GLU G 17 24.05 -36.69 -20.26
C GLU G 17 23.76 -35.21 -20.35
N LYS G 18 24.73 -34.37 -20.73
CA LYS G 18 24.48 -32.93 -20.70
C LYS G 18 23.32 -32.53 -21.63
N PHE G 19 22.93 -33.42 -22.55
CA PHE G 19 21.90 -33.11 -23.54
C PHE G 19 20.50 -33.49 -23.08
N THR G 20 20.36 -34.15 -21.93
CA THR G 20 19.03 -34.33 -21.35
C THR G 20 18.48 -33.06 -20.73
N GLU G 21 19.29 -32.00 -20.63
CA GLU G 21 18.81 -30.72 -20.14
C GLU G 21 18.38 -29.87 -21.33
N PRO G 22 17.11 -29.50 -21.40
CA PRO G 22 16.61 -28.69 -22.53
C PRO G 22 17.27 -27.33 -22.60
N GLY G 23 17.72 -26.95 -23.80
CA GLY G 23 18.40 -25.69 -24.03
C GLY G 23 19.89 -25.81 -24.28
N THR G 24 20.45 -27.01 -24.09
CA THR G 24 21.87 -27.23 -24.34
C THR G 24 22.21 -27.08 -25.82
N VAL G 25 23.23 -26.28 -26.11
CA VAL G 25 23.68 -26.08 -27.47
C VAL G 25 24.18 -27.41 -28.03
N ILE G 26 23.61 -27.81 -29.16
CA ILE G 26 24.11 -29.00 -29.86
C ILE G 26 24.87 -28.49 -31.08
N ARG G 27 26.19 -28.59 -31.04
CA ARG G 27 27.03 -28.24 -32.15
C ARG G 27 27.11 -29.39 -33.13
N ILE G 28 26.73 -29.16 -34.39
CA ILE G 28 26.75 -30.22 -35.38
C ILE G 28 28.13 -30.87 -35.45
N ASN G 29 28.14 -32.22 -35.56
CA ASN G 29 29.30 -33.12 -35.65
C ASN G 29 29.86 -33.50 -34.28
N GLU G 30 29.42 -32.87 -33.20
CA GLU G 30 29.88 -33.22 -31.87
C GLU G 30 29.21 -34.51 -31.39
N VAL G 31 29.84 -35.13 -30.39
CA VAL G 31 29.40 -36.44 -29.89
C VAL G 31 28.18 -36.26 -29.00
N VAL G 32 27.05 -36.81 -29.42
CA VAL G 32 25.86 -36.87 -28.58
C VAL G 32 25.66 -38.25 -27.96
N ALA G 33 26.28 -39.29 -28.51
CA ALA G 33 26.13 -40.65 -28.01
C ALA G 33 27.45 -41.38 -28.16
N ALA G 34 27.85 -42.12 -27.12
CA ALA G 34 29.12 -42.84 -27.07
C ALA G 34 28.98 -44.13 -26.26
N LEU G 35 29.91 -45.05 -26.49
CA LEU G 35 29.94 -46.31 -25.73
C LEU G 35 30.24 -46.07 -24.25
C PYR H 1 22.18 -19.47 20.78
O PYR H 1 23.35 -20.24 20.68
CA PYR H 1 22.08 -18.75 22.14
O3 PYR H 1 23.08 -18.43 22.68
CB PYR H 1 20.74 -18.45 22.80
N SER H 2 20.93 -19.97 20.28
CA SER H 2 21.18 -20.70 19.04
C SER H 2 20.41 -20.05 17.91
N PHE H 3 20.78 -20.35 16.68
CA PHE H 3 19.90 -20.03 15.57
C PHE H 3 19.92 -21.21 14.62
N ALA H 4 18.87 -21.31 13.80
CA ALA H 4 18.80 -22.29 12.74
C ALA H 4 18.32 -21.63 11.46
N LEU H 5 18.93 -22.01 10.34
CA LEU H 5 18.51 -21.57 9.01
C LEU H 5 17.86 -22.73 8.28
N GLY H 6 16.67 -22.50 7.72
CA GLY H 6 15.90 -23.52 7.00
C GLY H 6 15.80 -23.24 5.52
N LEU H 7 16.12 -24.26 4.70
CA LEU H 7 16.03 -24.17 3.25
C LEU H 7 15.14 -25.27 2.69
N ARG H 8 14.30 -24.90 1.73
CA ARG H 8 13.42 -25.88 1.11
C ARG H 8 14.22 -26.82 0.23
N LYS H 9 13.66 -28.03 0.02
CA LYS H 9 14.35 -29.03 -0.77
C LYS H 9 14.66 -28.52 -2.18
N ASP H 10 13.65 -27.93 -2.85
CA ASP H 10 13.79 -27.49 -4.23
C ASP H 10 14.46 -26.12 -4.37
N CYS H 11 14.74 -25.47 -3.26
CA CYS H 11 15.68 -24.36 -3.28
C CYS H 11 17.02 -24.84 -3.83
N ARG H 12 17.59 -24.08 -4.76
CA ARG H 12 18.82 -24.49 -5.41
C ARG H 12 20.08 -24.14 -4.60
N ALA H 13 19.94 -23.36 -3.54
CA ALA H 13 21.06 -23.08 -2.66
C ALA H 13 21.49 -24.33 -1.89
N GLU H 14 22.78 -24.44 -1.65
CA GLU H 14 23.33 -25.53 -0.88
C GLU H 14 24.22 -25.00 0.24
N ILE H 15 24.10 -25.62 1.42
CA ILE H 15 24.92 -25.23 2.55
C ILE H 15 26.39 -25.48 2.23
N VAL H 16 27.23 -24.50 2.57
CA VAL H 16 28.68 -24.61 2.38
C VAL H 16 29.20 -25.77 3.22
N GLU H 17 29.88 -26.72 2.55
CA GLU H 17 30.18 -28.01 3.16
C GLU H 17 30.97 -27.87 4.45
N LYS H 18 31.90 -26.92 4.52
CA LYS H 18 32.74 -26.86 5.72
C LYS H 18 31.94 -26.69 7.01
N PHE H 19 30.71 -26.17 6.93
CA PHE H 19 29.95 -26.00 8.16
C PHE H 19 29.24 -27.26 8.62
N THR H 20 29.25 -28.35 7.84
CA THR H 20 28.73 -29.61 8.35
C THR H 20 29.51 -30.11 9.54
N GLU H 21 30.78 -29.69 9.71
CA GLU H 21 31.59 -30.13 10.85
C GLU H 21 31.33 -29.24 12.05
N PRO H 22 30.85 -29.79 13.16
CA PRO H 22 30.59 -28.95 14.33
C PRO H 22 31.87 -28.27 14.81
N GLY H 23 31.71 -27.10 15.38
CA GLY H 23 32.84 -26.34 15.86
C GLY H 23 33.48 -25.43 14.84
N THR H 24 33.00 -25.43 13.60
CA THR H 24 33.56 -24.54 12.60
C THR H 24 33.11 -23.09 12.85
N VAL H 25 34.07 -22.17 12.75
CA VAL H 25 33.77 -20.78 13.06
C VAL H 25 32.85 -20.20 12.00
N ILE H 26 31.75 -19.60 12.44
CA ILE H 26 30.81 -18.91 11.58
C ILE H 26 30.95 -17.43 11.86
N ARG H 27 31.48 -16.69 10.88
CA ARG H 27 31.52 -15.23 10.98
C ARG H 27 30.22 -14.65 10.45
N ILE H 28 29.59 -13.81 11.28
CA ILE H 28 28.31 -13.25 10.87
C ILE H 28 28.49 -12.48 9.55
N ASN H 29 27.49 -12.59 8.67
CA ASN H 29 27.42 -12.05 7.32
C ASN H 29 28.24 -12.88 6.30
N GLU H 30 29.04 -13.86 6.73
CA GLU H 30 29.77 -14.62 5.73
C GLU H 30 28.88 -15.67 5.08
N VAL H 31 29.26 -16.11 3.89
CA VAL H 31 28.40 -17.00 3.10
C VAL H 31 28.32 -18.35 3.81
N VAL H 32 27.08 -18.80 4.07
CA VAL H 32 26.84 -20.15 4.57
C VAL H 32 26.16 -21.04 3.54
N ALA H 33 25.60 -20.47 2.48
CA ALA H 33 24.90 -21.27 1.47
C ALA H 33 24.78 -20.44 0.19
N ALA H 34 24.81 -21.13 -0.94
CA ALA H 34 24.87 -20.45 -2.22
C ALA H 34 24.30 -21.35 -3.30
N LEU H 35 23.78 -20.73 -4.37
CA LEU H 35 23.39 -21.49 -5.53
C LEU H 35 24.63 -21.97 -6.28
N LYS H 36 24.48 -23.06 -7.02
CA LYS H 36 25.59 -23.71 -7.72
C LYS H 36 25.96 -22.86 -8.93
N ALA H 37 26.98 -22.03 -8.79
CA ALA H 37 27.30 -20.99 -9.78
C ALA H 37 28.39 -21.43 -10.74
C PYR I 1 -12.11 9.99 51.08
O PYR I 1 -12.03 10.39 49.73
CA PYR I 1 -11.87 8.50 51.13
O3 PYR I 1 -11.31 7.96 50.23
CB PYR I 1 -12.32 7.68 52.33
N SER I 2 -13.37 10.46 51.56
CA SER I 2 -13.94 11.78 51.34
C SER I 2 -13.92 12.61 52.62
N PHE I 3 -14.01 13.92 52.50
CA PHE I 3 -14.23 14.78 53.66
C PHE I 3 -15.13 15.93 53.24
N ALA I 4 -15.93 16.44 54.17
CA ALA I 4 -16.75 17.62 53.89
C ALA I 4 -16.50 18.70 54.93
N LEU I 5 -16.22 19.92 54.46
CA LEU I 5 -16.18 21.10 55.30
C LEU I 5 -17.53 21.80 55.22
N GLY I 6 -18.08 22.14 56.36
CA GLY I 6 -19.37 22.81 56.43
C GLY I 6 -19.24 24.13 57.15
N LEU I 7 -19.91 25.14 56.62
CA LEU I 7 -19.84 26.50 57.12
C LEU I 7 -21.25 27.03 57.40
N ARG I 8 -21.42 27.70 58.54
CA ARG I 8 -22.75 28.20 58.86
C ARG I 8 -23.12 29.35 57.93
N LYS I 9 -24.42 29.60 57.79
CA LYS I 9 -24.88 30.69 56.93
C LYS I 9 -24.31 32.03 57.39
N ASP I 10 -24.32 32.26 58.71
CA ASP I 10 -23.81 33.48 59.34
C ASP I 10 -22.29 33.54 59.37
N CYS I 11 -21.61 32.52 58.85
CA CYS I 11 -20.15 32.53 58.74
C CYS I 11 -19.73 33.53 57.67
N ARG I 12 -18.90 34.50 58.07
CA ARG I 12 -18.46 35.48 57.11
C ARG I 12 -17.42 34.91 56.13
N ALA I 13 -16.78 33.80 56.48
CA ALA I 13 -15.82 33.16 55.59
C ALA I 13 -16.51 32.57 54.38
N GLU I 14 -15.77 32.49 53.28
CA GLU I 14 -16.36 32.15 52.00
C GLU I 14 -15.40 31.26 51.23
N ILE I 15 -15.95 30.23 50.59
CA ILE I 15 -15.15 29.20 49.96
C ILE I 15 -14.40 29.79 48.77
N VAL I 16 -13.07 29.59 48.74
CA VAL I 16 -12.28 30.01 47.59
C VAL I 16 -12.83 29.34 46.34
N GLU I 17 -12.91 30.10 45.25
CA GLU I 17 -13.83 29.78 44.17
C GLU I 17 -13.25 28.78 43.17
N LYS I 18 -11.91 28.70 43.05
CA LYS I 18 -11.31 27.65 42.25
C LYS I 18 -11.81 26.25 42.62
N PHE I 19 -12.19 26.02 43.88
CA PHE I 19 -12.55 24.68 44.33
C PHE I 19 -14.01 24.32 44.03
N THR I 20 -14.82 25.26 43.53
CA THR I 20 -16.15 24.89 43.04
C THR I 20 -16.09 24.14 41.73
N GLU I 21 -14.94 24.10 41.07
CA GLU I 21 -14.75 23.30 39.87
C GLU I 21 -14.33 21.89 40.25
N PRO I 22 -15.11 20.86 39.93
CA PRO I 22 -14.70 19.49 40.29
C PRO I 22 -13.35 19.17 39.67
N GLY I 23 -12.50 18.49 40.46
CA GLY I 23 -11.22 18.02 39.98
C GLY I 23 -10.05 18.90 40.33
N THR I 24 -10.29 20.07 40.94
CA THR I 24 -9.22 20.98 41.29
C THR I 24 -8.37 20.38 42.39
N VAL I 25 -7.05 20.51 42.24
CA VAL I 25 -6.14 19.92 43.22
C VAL I 25 -6.24 20.67 44.54
N ILE I 26 -6.44 19.93 45.63
CA ILE I 26 -6.50 20.50 46.97
C ILE I 26 -5.30 20.02 47.75
N ARG I 27 -4.34 20.92 47.95
CA ARG I 27 -3.19 20.63 48.82
C ARG I 27 -3.59 20.83 50.28
N ILE I 28 -3.27 19.83 51.11
CA ILE I 28 -3.61 19.92 52.53
C ILE I 28 -2.91 21.13 53.12
N ASN I 29 -3.59 21.81 54.05
CA ASN I 29 -3.21 23.02 54.75
C ASN I 29 -3.37 24.29 53.89
N GLU I 30 -3.61 24.19 52.58
CA GLU I 30 -3.80 25.39 51.77
C GLU I 30 -5.20 25.97 52.01
N VAL I 31 -5.42 27.20 51.53
CA VAL I 31 -6.62 27.94 51.90
C VAL I 31 -7.79 27.52 51.03
N VAL I 32 -8.87 27.07 51.67
CA VAL I 32 -10.09 26.69 50.98
C VAL I 32 -11.24 27.67 51.25
N ALA I 33 -11.18 28.46 52.33
CA ALA I 33 -12.16 29.49 52.61
C ALA I 33 -11.45 30.63 53.33
N ALA I 34 -11.98 31.84 53.20
CA ALA I 34 -11.36 33.02 53.78
C ALA I 34 -12.44 34.03 54.14
N LEU I 35 -12.19 34.82 55.18
CA LEU I 35 -13.00 36.00 55.43
C LEU I 35 -13.19 36.93 54.20
C PYR J 1 -26.83 8.47 -33.90
O PYR J 1 -26.39 9.73 -33.46
CA PYR J 1 -27.10 8.42 -35.41
O3 PYR J 1 -26.38 9.01 -36.16
CB PYR J 1 -28.27 7.58 -35.95
N SER J 2 -27.87 7.92 -33.09
CA SER J 2 -27.72 8.13 -31.67
C SER J 2 -27.73 6.80 -30.95
N PHE J 3 -27.20 6.78 -29.72
CA PHE J 3 -27.34 5.61 -28.88
C PHE J 3 -27.47 6.06 -27.42
N ALA J 4 -28.21 5.25 -26.65
CA ALA J 4 -28.38 5.45 -25.22
C ALA J 4 -27.97 4.19 -24.49
N LEU J 5 -27.19 4.37 -23.42
CA LEU J 5 -26.86 3.31 -22.48
C LEU J 5 -27.66 3.57 -21.22
N GLY J 6 -28.36 2.55 -20.73
CA GLY J 6 -29.15 2.70 -19.52
C GLY J 6 -28.74 1.74 -18.41
N LEU J 7 -28.64 2.23 -17.18
CA LEU J 7 -28.20 1.42 -16.04
C LEU J 7 -29.25 1.46 -14.95
N ARG J 8 -29.56 0.29 -14.38
CA ARG J 8 -30.49 0.23 -13.25
C ARG J 8 -29.96 1.07 -12.07
N LYS J 9 -30.88 1.43 -11.16
CA LYS J 9 -30.50 2.21 -9.98
C LYS J 9 -29.46 1.47 -9.14
N ASP J 10 -29.68 0.18 -8.90
CA ASP J 10 -28.80 -0.63 -8.09
C ASP J 10 -27.51 -1.01 -8.80
N CYS J 11 -27.41 -0.77 -10.10
CA CYS J 11 -26.12 -0.94 -10.74
C CYS J 11 -25.08 -0.09 -10.01
N ARG J 12 -24.04 -0.75 -9.51
CA ARG J 12 -23.01 -0.06 -8.77
C ARG J 12 -22.07 0.73 -9.67
N ALA J 13 -22.07 0.47 -10.98
CA ALA J 13 -21.29 1.30 -11.88
C ALA J 13 -21.94 2.67 -12.00
N GLU J 14 -21.11 3.70 -12.10
CA GLU J 14 -21.59 5.06 -12.24
C GLU J 14 -21.02 5.66 -13.53
N ILE J 15 -21.83 6.45 -14.22
CA ILE J 15 -21.35 7.15 -15.39
C ILE J 15 -20.14 8.00 -15.04
N VAL J 16 -19.15 8.03 -15.93
CA VAL J 16 -17.98 8.87 -15.76
C VAL J 16 -18.38 10.33 -15.93
N GLU J 17 -17.98 11.17 -14.98
CA GLU J 17 -18.55 12.51 -14.87
C GLU J 17 -18.24 13.37 -16.11
N LYS J 18 -17.12 13.15 -16.79
CA LYS J 18 -16.81 13.99 -17.95
C LYS J 18 -17.92 13.91 -19.00
N PHE J 19 -18.64 12.79 -19.08
CA PHE J 19 -19.65 12.69 -20.11
C PHE J 19 -20.98 13.35 -19.73
N THR J 20 -21.15 13.78 -18.47
CA THR J 20 -22.31 14.60 -18.15
C THR J 20 -22.27 15.94 -18.86
N GLU J 21 -21.14 16.30 -19.45
CA GLU J 21 -21.02 17.57 -20.10
C GLU J 21 -21.22 17.38 -21.60
N PRO J 22 -22.18 18.06 -22.21
CA PRO J 22 -22.45 17.82 -23.64
C PRO J 22 -21.32 18.29 -24.53
N GLY J 23 -21.09 17.55 -25.62
CA GLY J 23 -20.00 17.86 -26.51
C GLY J 23 -18.70 17.13 -26.24
N THR J 24 -18.63 16.34 -25.17
CA THR J 24 -17.42 15.61 -24.86
C THR J 24 -17.22 14.44 -25.83
N VAL J 25 -15.98 14.27 -26.30
CA VAL J 25 -15.66 13.21 -27.24
C VAL J 25 -15.76 11.87 -26.51
N ILE J 26 -16.57 10.95 -27.06
CA ILE J 26 -16.68 9.58 -26.59
C ILE J 26 -15.97 8.70 -27.60
N ARG J 27 -14.82 8.17 -27.23
CA ARG J 27 -14.12 7.23 -28.09
C ARG J 27 -14.58 5.82 -27.79
N ILE J 28 -14.99 5.09 -28.83
CA ILE J 28 -15.53 3.74 -28.66
C ILE J 28 -14.52 2.87 -27.90
N ASN J 29 -15.05 2.02 -27.01
CA ASN J 29 -14.36 1.11 -26.10
C ASN J 29 -13.74 1.81 -24.89
N GLU J 30 -13.77 3.15 -24.80
CA GLU J 30 -13.34 3.77 -23.55
C GLU J 30 -14.42 3.59 -22.50
N VAL J 31 -14.02 3.75 -21.24
CA VAL J 31 -14.91 3.54 -20.10
C VAL J 31 -15.85 4.73 -19.99
N VAL J 32 -17.16 4.44 -19.99
CA VAL J 32 -18.19 5.46 -19.78
C VAL J 32 -18.91 5.28 -18.45
N ALA J 33 -18.79 4.11 -17.83
CA ALA J 33 -19.32 3.90 -16.50
C ALA J 33 -18.42 2.91 -15.78
N ALA J 34 -18.27 3.07 -14.46
CA ALA J 34 -17.39 2.20 -13.69
C ALA J 34 -17.87 2.09 -12.25
N LEU J 35 -17.50 0.98 -11.62
CA LEU J 35 -17.70 0.77 -10.18
C LEU J 35 -16.67 1.57 -9.39
C PYR K 1 -14.97 14.11 11.03
O PYR K 1 -16.05 14.16 10.14
CA PYR K 1 -14.98 15.39 11.85
O3 PYR K 1 -16.02 15.95 11.99
CB PYR K 1 -13.68 15.90 12.49
N SER K 2 -13.66 13.79 10.60
CA SER K 2 -13.69 12.61 9.76
C SER K 2 -12.78 11.56 10.33
N PHE K 3 -13.00 10.30 9.95
CA PHE K 3 -12.10 9.21 10.30
C PHE K 3 -12.00 8.27 9.11
N ALA K 4 -10.87 7.57 9.04
CA ALA K 4 -10.61 6.54 8.03
C ALA K 4 -10.11 5.25 8.71
N LEU K 5 -10.65 4.12 8.27
CA LEU K 5 -10.15 2.81 8.65
C LEU K 5 -9.36 2.22 7.48
N GLY K 6 -8.20 1.66 7.77
CA GLY K 6 -7.36 1.13 6.72
C GLY K 6 -7.08 -0.35 6.90
N LEU K 7 -7.34 -1.15 5.85
CA LEU K 7 -7.16 -2.60 5.87
C LEU K 7 -6.12 -3.01 4.83
N ARG K 8 -5.27 -3.96 5.19
CA ARG K 8 -4.26 -4.45 4.26
C ARG K 8 -4.89 -5.45 3.27
N LYS K 9 -4.27 -5.57 2.10
CA LYS K 9 -4.84 -6.42 1.05
C LYS K 9 -4.94 -7.88 1.49
N ASP K 10 -3.96 -8.37 2.26
CA ASP K 10 -4.04 -9.75 2.71
C ASP K 10 -4.92 -9.94 3.94
N CYS K 11 -5.36 -8.87 4.60
CA CYS K 11 -6.46 -8.99 5.53
C CYS K 11 -7.69 -9.51 4.81
N ARG K 12 -8.20 -10.66 5.27
CA ARG K 12 -9.28 -11.33 4.57
C ARG K 12 -10.64 -10.70 4.83
N ALA K 13 -10.73 -9.76 5.76
CA ALA K 13 -11.99 -9.09 6.06
C ALA K 13 -12.36 -8.11 4.95
N GLU K 14 -13.65 -8.06 4.61
CA GLU K 14 -14.15 -7.22 3.53
C GLU K 14 -15.10 -6.16 4.07
N ILE K 15 -14.98 -4.94 3.56
CA ILE K 15 -15.86 -3.87 4.00
C ILE K 15 -17.30 -4.23 3.65
N VAL K 16 -18.22 -3.99 4.60
CA VAL K 16 -19.64 -4.23 4.34
C VAL K 16 -20.09 -3.36 3.18
N GLU K 17 -20.69 -3.98 2.17
CA GLU K 17 -20.95 -3.33 0.89
C GLU K 17 -21.86 -2.11 1.00
N LYS K 18 -22.80 -2.11 1.94
CA LYS K 18 -23.69 -0.96 1.98
C LYS K 18 -22.96 0.35 2.29
N PHE K 19 -21.76 0.30 2.84
CA PHE K 19 -21.07 1.55 3.15
C PHE K 19 -20.30 2.10 1.96
N THR K 20 -20.26 1.36 0.84
CA THR K 20 -19.66 1.92 -0.36
C THR K 20 -20.52 3.00 -0.99
N GLU K 21 -21.75 3.23 -0.48
CA GLU K 21 -22.58 4.31 -1.00
C GLU K 21 -22.49 5.52 -0.07
N PRO K 22 -22.03 6.67 -0.55
CA PRO K 22 -21.93 7.85 0.33
C PRO K 22 -23.26 8.17 0.97
N GLY K 23 -23.21 8.62 2.23
CA GLY K 23 -24.39 9.06 2.94
C GLY K 23 -25.08 7.98 3.75
N THR K 24 -24.58 6.76 3.75
CA THR K 24 -25.15 5.72 4.60
C THR K 24 -24.81 5.97 6.07
N VAL K 25 -25.84 5.93 6.93
CA VAL K 25 -25.62 6.10 8.36
C VAL K 25 -24.70 5.00 8.86
N ILE K 26 -23.71 5.38 9.66
CA ILE K 26 -22.78 4.46 10.29
C ILE K 26 -23.00 4.56 11.79
N ARG K 27 -23.59 3.55 12.40
CA ARG K 27 -23.73 3.54 13.86
C ARG K 27 -22.41 3.09 14.47
N ILE K 28 -21.82 3.93 15.32
CA ILE K 28 -20.59 3.53 16.00
C ILE K 28 -20.78 2.18 16.66
N ASN K 29 -19.75 1.35 16.61
CA ASN K 29 -19.70 -0.02 17.10
C ASN K 29 -20.39 -0.99 16.14
N GLU K 30 -21.14 -0.54 15.14
CA GLU K 30 -21.75 -1.51 14.24
C GLU K 30 -20.69 -2.07 13.30
N VAL K 31 -21.02 -3.17 12.63
CA VAL K 31 -20.05 -3.87 11.78
C VAL K 31 -19.86 -3.10 10.47
N VAL K 32 -18.61 -2.71 10.19
CA VAL K 32 -18.26 -2.14 8.91
C VAL K 32 -17.39 -3.08 8.07
N ALA K 33 -16.72 -4.06 8.67
CA ALA K 33 -15.98 -5.05 7.91
C ALA K 33 -16.03 -6.38 8.65
N ALA K 34 -15.90 -7.48 7.90
CA ALA K 34 -16.00 -8.81 8.50
C ALA K 34 -15.27 -9.83 7.63
N LEU K 35 -14.68 -10.83 8.29
CA LEU K 35 -13.91 -11.88 7.60
C LEU K 35 -14.76 -12.64 6.56
C PYR L 1 21.37 18.13 -12.32
O PYR L 1 21.21 19.29 -13.09
CA PYR L 1 21.21 16.93 -13.22
O3 PYR L 1 21.64 17.01 -14.32
CB PYR L 1 20.52 15.65 -12.74
N SER L 2 20.60 18.17 -11.11
CA SER L 2 20.53 19.32 -10.25
C SER L 2 21.04 18.94 -8.88
N PHE L 3 21.65 19.90 -8.18
CA PHE L 3 21.99 19.72 -6.78
C PHE L 3 21.54 20.93 -5.97
N ALA L 4 21.29 20.69 -4.68
CA ALA L 4 20.95 21.76 -3.75
C ALA L 4 21.81 21.68 -2.50
N LEU L 5 22.33 22.84 -2.08
CA LEU L 5 23.00 23.01 -0.80
C LEU L 5 22.04 23.73 0.14
N GLY L 6 21.88 23.22 1.35
CA GLY L 6 20.99 23.82 2.34
C GLY L 6 21.77 24.26 3.55
N LEU L 7 21.45 25.46 4.05
CA LEU L 7 22.11 26.01 5.23
C LEU L 7 21.07 26.35 6.29
N ARG L 8 21.44 26.17 7.55
CA ARG L 8 20.51 26.49 8.63
C ARG L 8 20.49 28.00 8.88
N LYS L 9 19.42 28.46 9.57
CA LYS L 9 19.34 29.87 9.92
C LYS L 9 20.44 30.27 10.88
N ASP L 10 20.71 29.41 11.87
CA ASP L 10 21.79 29.63 12.81
C ASP L 10 23.11 29.79 12.06
N CYS L 11 23.29 29.03 11.00
CA CYS L 11 24.49 29.11 10.19
C CYS L 11 24.72 30.53 9.72
N ARG L 12 25.85 31.10 10.10
CA ARG L 12 26.22 32.45 9.69
C ARG L 12 27.09 32.46 8.43
N ALA L 13 27.23 31.33 7.76
CA ALA L 13 27.83 31.33 6.44
C ALA L 13 26.79 31.79 5.42
N GLU L 14 27.24 32.63 4.50
CA GLU L 14 26.31 33.36 3.65
C GLU L 14 26.63 33.08 2.18
N ILE L 15 25.57 32.89 1.39
CA ILE L 15 25.76 32.54 -0.01
C ILE L 15 26.39 33.72 -0.75
N VAL L 16 27.37 33.40 -1.60
CA VAL L 16 28.02 34.44 -2.39
C VAL L 16 27.00 35.05 -3.32
N GLU L 17 26.97 36.39 -3.34
CA GLU L 17 25.85 37.11 -3.95
C GLU L 17 25.70 36.82 -5.42
N LYS L 18 26.82 36.68 -6.16
CA LYS L 18 26.74 36.52 -7.61
C LYS L 18 25.96 35.27 -8.01
N PHE L 19 25.76 34.31 -7.12
CA PHE L 19 25.03 33.11 -7.51
C PHE L 19 23.53 33.27 -7.40
N THR L 20 23.05 34.41 -6.89
CA THR L 20 21.62 34.66 -6.90
C THR L 20 21.10 35.00 -8.29
N GLU L 21 21.97 35.32 -9.25
CA GLU L 21 21.52 35.54 -10.61
C GLU L 21 21.54 34.21 -11.35
N PRO L 22 20.39 33.69 -11.78
CA PRO L 22 20.39 32.43 -12.53
C PRO L 22 21.35 32.49 -13.71
N GLY L 23 21.96 31.35 -14.03
CA GLY L 23 22.82 31.24 -15.18
C GLY L 23 24.28 31.56 -14.92
N THR L 24 24.63 31.92 -13.69
CA THR L 24 26.02 32.16 -13.34
C THR L 24 26.78 30.84 -13.28
N VAL L 25 27.98 30.83 -13.85
CA VAL L 25 28.77 29.61 -13.87
C VAL L 25 29.17 29.24 -12.44
N ILE L 26 29.00 27.96 -12.10
CA ILE L 26 29.47 27.44 -10.82
C ILE L 26 30.58 26.45 -11.11
N ARG L 27 31.80 26.84 -10.81
CA ARG L 27 32.94 25.97 -10.99
C ARG L 27 33.04 25.08 -9.76
N ILE L 28 33.03 23.77 -9.98
CA ILE L 28 33.08 22.84 -8.87
C ILE L 28 34.31 23.15 -8.03
N ASN L 29 34.12 23.11 -6.71
CA ASN L 29 35.07 23.46 -5.65
C ASN L 29 35.19 24.96 -5.40
N GLU L 30 34.68 25.85 -6.26
CA GLU L 30 34.81 27.26 -5.91
C GLU L 30 33.86 27.59 -4.76
N VAL L 31 34.05 28.79 -4.19
CA VAL L 31 33.35 29.17 -2.97
C VAL L 31 31.93 29.61 -3.33
N VAL L 32 30.93 28.95 -2.74
CA VAL L 32 29.54 29.34 -2.92
C VAL L 32 28.93 29.91 -1.64
N ALA L 33 29.60 29.81 -0.51
CA ALA L 33 29.18 30.43 0.73
C ALA L 33 30.38 30.52 1.66
N ALA L 34 30.40 31.57 2.48
CA ALA L 34 31.50 31.75 3.42
C ALA L 34 30.98 32.39 4.70
N LEU L 35 31.65 32.10 5.81
CA LEU L 35 31.44 32.89 7.02
C LEU L 35 32.03 34.27 6.81
N LYS L 36 31.28 35.30 7.22
CA LYS L 36 31.83 36.65 7.24
C LYS L 36 33.00 36.72 8.24
#